data_5ZSI
#
_entry.id   5ZSI
#
_cell.length_a   99.366
_cell.length_b   139.951
_cell.length_c   149.468
_cell.angle_alpha   90.00
_cell.angle_beta   90.00
_cell.angle_gamma   90.00
#
_symmetry.space_group_name_H-M   'P 21 21 21'
#
loop_
_entity.id
_entity.type
_entity.pdbx_description
1 polymer 'Toll-like receptor 7'
2 branched 2-acetamido-2-deoxy-beta-D-glucopyranose-(1-4)-2-acetamido-2-deoxy-beta-D-glucopyranose
3 non-polymer 2-acetamido-2-deoxy-beta-D-glucopyranose
4 non-polymer 2-(ethoxymethyl)-1H-imidazo[4,5-c]quinolin-4-amine
5 non-polymer 'SULFATE ION'
6 water water
#
_entity_poly.entity_id   1
_entity_poly.type   'polypeptide(L)'
_entity_poly.pdbx_seq_one_letter_code
;RSPWARWFPKTLPCDVTLDVSKNHVIVDCTDKHLTEIPGGIPTNTTNLTLTINHIPDISPASFHRLVHLVEIDFRCNCVP
IRLGSKSNMCPRRLQIKPRSFSGLTYLKSLYLDGNQLLEIPQGLPPSLQLLSLEANNIFSIRKEQLTELANIEILYLGQN
CYYRNPCYVSYSIEKDAFLNLTKLKVLSLKDNNVTTVPTVLPSTLTELYLYNNMIAEIQEDDFNNLNQLQILDLSGNCPR
CYNAPFPCTPCKNNSPLQIPVNAFDALTELKVLRLHSNSLQHVPPRWFKNINNLQELDLSQNFLAKEIGDAKFLHFLPNL
IQLDLSFNFELQVYRASMNLSQAFSSLKSLKILRIRGYVFKELKSFQLSPLHNLQNLEVLDLGTNFIKIANLSMFKQFKR
LKVIDLSVNKISPSGDSLVPRGSSNARTSVESYEPQVLEQLYYFRYDKYARSCRFKNKEASFTSVQESCYKYGQTLDLSK
NSIFFIKSSDFQHLSFLKCLNLSGNLISQTLNGSEFQPLAELRYLDFSNNRLDLLHSTAFEELRKLEVLDISSNSHYFQS
EGITHMLNFTKNLKVLQKLMMNDNDISSSTSRTMESESLRTLEFRGNHLDVLWRDGDNRYLQLFKNLLKLEELDISKNSL
SFLPSGVFDGMPPNLKNLSLAKNGLKSFIWEKLRYLKNLETLDLSHNQLTTVPERLSNCSRSLKNLILKNNQIRSLTKYF
LQDAFQLRYLDLSSNKIQMIQKTSFPENVLNNLKMLLLHHNRFLCTCDAVWFVWWVQHTEVTIPYLATDVTCVGPGAHKG
QSVISLDLYTCELDLTNEFLVPR
;
_entity_poly.pdbx_strand_id   B,A
#
# COMPACT_ATOMS: atom_id res chain seq x y z
N ALA A 5 21.63 -32.42 26.91
CA ALA A 5 20.42 -31.77 27.39
C ALA A 5 19.17 -32.56 27.01
N ARG A 6 19.08 -33.07 25.78
CA ARG A 6 18.12 -34.13 25.47
C ARG A 6 18.89 -35.34 25.01
N TRP A 7 18.46 -36.51 25.44
CA TRP A 7 19.14 -37.70 24.99
C TRP A 7 18.54 -38.24 23.71
N PHE A 8 17.25 -37.99 23.50
CA PHE A 8 16.53 -38.49 22.32
C PHE A 8 15.89 -37.31 21.61
N PRO A 9 16.49 -36.82 20.52
CA PRO A 9 15.93 -35.66 19.81
C PRO A 9 14.55 -35.99 19.27
N LYS A 10 13.66 -35.02 19.33
CA LYS A 10 12.33 -35.24 18.80
C LYS A 10 12.37 -34.98 17.31
N THR A 11 12.01 -35.98 16.53
CA THR A 11 12.06 -35.89 15.08
C THR A 11 10.67 -35.89 14.45
N LEU A 12 9.65 -36.21 15.22
CA LEU A 12 8.29 -36.30 14.69
C LEU A 12 7.83 -34.92 14.25
N PRO A 13 7.23 -34.79 13.04
CA PRO A 13 6.96 -33.45 12.51
C PRO A 13 5.72 -32.81 13.11
N CYS A 14 5.38 -33.15 14.35
CA CYS A 14 4.15 -32.66 14.96
C CYS A 14 4.43 -32.05 16.32
N ASP A 15 3.67 -31.03 16.66
CA ASP A 15 3.81 -30.40 17.96
C ASP A 15 3.15 -31.28 19.02
N VAL A 16 3.87 -31.55 20.11
CA VAL A 16 3.39 -32.44 21.16
C VAL A 16 3.37 -31.68 22.48
N THR A 17 2.25 -31.76 23.20
CA THR A 17 2.09 -31.06 24.46
C THR A 17 1.60 -32.05 25.50
N LEU A 18 2.01 -31.81 26.74
CA LEU A 18 1.54 -32.58 27.88
C LEU A 18 0.73 -31.65 28.77
N ASP A 19 -0.47 -32.07 29.12
CA ASP A 19 -1.22 -31.40 30.17
C ASP A 19 -1.48 -32.50 31.20
N VAL A 20 -0.58 -32.61 32.18
CA VAL A 20 -0.66 -33.70 33.13
C VAL A 20 -1.89 -33.60 34.01
N SER A 21 -2.45 -32.39 34.18
CA SER A 21 -3.66 -32.25 35.00
C SER A 21 -4.80 -33.09 34.43
N LYS A 22 -4.93 -33.08 33.11
CA LYS A 22 -6.01 -33.83 32.46
C LYS A 22 -5.57 -35.15 31.83
N ASN A 23 -4.32 -35.63 32.02
CA ASN A 23 -3.77 -36.35 30.85
C ASN A 23 -4.42 -36.27 29.53
N HIS A 24 -4.05 -35.18 28.93
CA HIS A 24 -4.04 -35.03 27.50
C HIS A 24 -2.57 -34.99 27.11
N VAL A 25 -2.22 -35.85 26.17
CA VAL A 25 -0.97 -35.76 25.44
C VAL A 25 -1.40 -35.44 24.02
N ILE A 26 -1.21 -34.18 23.66
CA ILE A 26 -1.82 -33.57 22.48
C ILE A 26 -0.79 -33.56 21.39
N VAL A 27 -1.13 -34.19 20.26
CA VAL A 27 -0.27 -34.30 19.10
C VAL A 27 -0.95 -33.52 17.99
N ASP A 28 -0.35 -32.41 17.59
CA ASP A 28 -0.92 -31.53 16.59
C ASP A 28 -0.05 -31.55 15.33
N CYS A 29 -0.54 -32.24 14.30
CA CYS A 29 0.07 -32.31 12.98
C CYS A 29 -0.68 -31.45 11.97
N THR A 30 -1.27 -30.34 12.42
CA THR A 30 -1.98 -29.45 11.49
C THR A 30 -1.03 -28.97 10.41
N ASP A 31 -1.42 -29.15 9.15
CA ASP A 31 -0.74 -28.48 8.03
C ASP A 31 0.75 -28.77 8.02
N LYS A 32 1.09 -30.06 8.00
CA LYS A 32 2.49 -30.46 7.91
C LYS A 32 2.80 -31.13 6.57
N HIS A 33 1.96 -30.94 5.57
CA HIS A 33 2.20 -31.49 4.23
C HIS A 33 2.46 -32.99 4.30
N LEU A 34 1.75 -33.67 5.18
CA LEU A 34 1.93 -35.10 5.33
C LEU A 34 1.13 -35.84 4.27
N THR A 35 1.70 -36.93 3.75
CA THR A 35 0.99 -37.84 2.87
C THR A 35 0.76 -39.21 3.51
N GLU A 36 1.23 -39.40 4.74
CA GLU A 36 0.84 -40.57 5.52
C GLU A 36 0.85 -40.14 6.97
N ILE A 37 0.16 -40.91 7.82
CA ILE A 37 0.28 -40.58 9.25
C ILE A 37 1.72 -40.82 9.68
N PRO A 38 2.40 -39.86 10.28
CA PRO A 38 3.80 -40.09 10.68
C PRO A 38 3.89 -41.24 11.67
N GLY A 39 5.03 -41.91 11.65
CA GLY A 39 5.31 -42.94 12.62
C GLY A 39 5.82 -42.39 13.94
N GLY A 40 5.71 -43.22 14.97
CA GLY A 40 6.30 -42.83 16.24
C GLY A 40 5.45 -41.89 17.03
N ILE A 41 4.19 -41.76 16.68
CA ILE A 41 3.27 -40.94 17.48
C ILE A 41 3.12 -41.61 18.84
N PRO A 42 3.21 -40.87 19.94
CA PRO A 42 3.21 -41.51 21.26
C PRO A 42 2.01 -42.41 21.47
N THR A 43 2.23 -43.51 22.19
CA THR A 43 1.15 -44.47 22.42
C THR A 43 0.19 -44.00 23.51
N ASN A 44 0.61 -43.08 24.38
CA ASN A 44 -0.33 -42.49 25.33
C ASN A 44 -1.22 -41.40 24.72
N THR A 45 -1.14 -41.16 23.41
CA THR A 45 -1.78 -40.02 22.78
C THR A 45 -3.29 -39.99 23.00
N THR A 46 -3.80 -38.86 23.49
CA THR A 46 -5.23 -38.67 23.65
C THR A 46 -5.89 -37.83 22.54
N ASN A 47 -5.34 -36.65 22.24
CA ASN A 47 -5.87 -35.74 21.21
C ASN A 47 -4.87 -35.71 20.05
N LEU A 48 -5.26 -36.26 18.89
CA LEU A 48 -4.43 -36.31 17.68
C LEU A 48 -5.09 -35.54 16.53
N THR A 49 -4.39 -34.53 16.02
CA THR A 49 -4.91 -33.72 14.93
C THR A 49 -4.11 -33.90 13.64
N LEU A 50 -4.81 -34.12 12.54
CA LEU A 50 -4.19 -34.30 11.24
C LEU A 50 -4.86 -33.40 10.20
N THR A 51 -5.37 -32.25 10.66
CA THR A 51 -6.11 -31.34 9.78
C THR A 51 -5.20 -30.78 8.70
N ILE A 52 -5.77 -30.61 7.51
CA ILE A 52 -5.09 -30.01 6.36
C ILE A 52 -3.79 -30.77 6.13
N ASN A 53 -3.89 -32.03 5.76
CA ASN A 53 -2.72 -32.69 5.20
C ASN A 53 -3.27 -33.38 3.99
N HIS A 54 -2.50 -34.28 3.42
CA HIS A 54 -2.92 -34.96 2.21
C HIS A 54 -2.80 -36.46 2.38
N ILE A 55 -3.25 -36.95 3.54
CA ILE A 55 -3.30 -38.37 3.86
C ILE A 55 -4.48 -39.00 3.15
N PRO A 56 -4.27 -39.93 2.20
CA PRO A 56 -5.33 -40.32 1.28
C PRO A 56 -6.22 -41.46 1.73
N ASP A 57 -5.91 -42.11 2.86
CA ASP A 57 -6.70 -43.24 3.33
C ASP A 57 -6.46 -43.44 4.81
N ILE A 58 -7.44 -44.03 5.47
CA ILE A 58 -7.33 -44.43 6.87
C ILE A 58 -7.58 -45.93 6.92
N SER A 59 -6.82 -46.61 7.78
CA SER A 59 -6.89 -48.07 7.88
C SER A 59 -6.75 -48.46 9.34
N PRO A 60 -6.97 -49.74 9.70
CA PRO A 60 -6.68 -50.17 11.08
C PRO A 60 -5.22 -49.93 11.50
N ALA A 61 -4.29 -49.89 10.53
CA ALA A 61 -2.92 -49.51 10.86
C ALA A 61 -2.86 -48.09 11.38
N SER A 62 -3.79 -47.22 10.94
CA SER A 62 -3.70 -45.80 11.22
C SER A 62 -3.57 -45.53 12.72
N PHE A 63 -4.46 -46.11 13.53
CA PHE A 63 -4.45 -45.80 14.96
C PHE A 63 -4.17 -47.04 15.83
N HIS A 64 -3.49 -48.04 15.26
CA HIS A 64 -3.32 -49.35 15.89
C HIS A 64 -2.85 -49.24 17.35
N ARG A 65 -1.70 -48.60 17.56
CA ARG A 65 -1.15 -48.54 18.91
C ARG A 65 -1.81 -47.49 19.79
N LEU A 66 -2.64 -46.61 19.25
CA LEU A 66 -3.12 -45.43 19.98
C LEU A 66 -4.38 -45.71 20.80
N VAL A 67 -4.30 -46.81 21.50
CA VAL A 67 -5.16 -47.23 22.60
C VAL A 67 -5.97 -46.13 23.29
N HIS A 68 -5.34 -45.06 23.78
CA HIS A 68 -6.07 -44.10 24.62
C HIS A 68 -6.60 -42.88 23.86
N LEU A 69 -6.81 -42.96 22.54
CA LEU A 69 -7.33 -41.80 21.81
C LEU A 69 -8.72 -41.40 22.31
N VAL A 70 -8.84 -40.14 22.76
CA VAL A 70 -10.16 -39.56 23.02
C VAL A 70 -10.66 -38.68 21.88
N GLU A 71 -9.78 -38.16 21.02
CA GLU A 71 -10.17 -37.28 19.93
C GLU A 71 -9.35 -37.52 18.69
N ILE A 72 -10.01 -37.62 17.54
CA ILE A 72 -9.31 -37.62 16.26
C ILE A 72 -9.86 -36.47 15.45
N ASP A 73 -9.01 -35.49 15.18
CA ASP A 73 -9.37 -34.34 14.36
C ASP A 73 -8.68 -34.60 13.03
N PHE A 74 -9.44 -35.06 12.05
CA PHE A 74 -8.88 -35.47 10.78
C PHE A 74 -9.57 -34.69 9.65
N ARG A 75 -9.71 -33.38 9.83
CA ARG A 75 -10.44 -32.60 8.82
C ARG A 75 -9.57 -32.19 7.63
N CYS A 76 -10.24 -32.10 6.48
CA CYS A 76 -9.73 -31.37 5.32
C CYS A 76 -8.44 -31.99 4.80
N ASN A 77 -8.48 -33.31 4.59
CA ASN A 77 -7.44 -34.00 3.86
C ASN A 77 -7.84 -34.25 2.43
N CYS A 78 -9.08 -33.90 2.09
CA CYS A 78 -9.52 -33.92 0.70
C CYS A 78 -10.68 -32.94 0.54
N VAL A 79 -10.37 -31.64 0.61
CA VAL A 79 -11.43 -30.63 0.68
C VAL A 79 -12.22 -30.66 -0.62
N PRO A 80 -13.54 -30.48 -0.58
CA PRO A 80 -14.31 -30.27 -1.81
C PRO A 80 -13.66 -29.24 -2.71
N ILE A 81 -13.86 -29.43 -4.02
CA ILE A 81 -13.16 -28.67 -5.05
C ILE A 81 -13.23 -27.16 -4.79
N ARG A 82 -14.44 -26.59 -4.70
CA ARG A 82 -14.60 -25.15 -4.73
C ARG A 82 -14.21 -24.48 -3.41
N LEU A 83 -13.97 -25.27 -2.36
CA LEU A 83 -13.53 -24.76 -1.07
C LEU A 83 -12.04 -24.97 -0.84
N GLY A 84 -11.39 -25.79 -1.65
CA GLY A 84 -10.02 -26.18 -1.42
C GLY A 84 -9.05 -25.53 -2.39
N SER A 85 -7.77 -25.74 -2.11
CA SER A 85 -6.69 -25.20 -2.93
C SER A 85 -6.91 -25.58 -4.39
N LYS A 86 -6.75 -24.60 -5.27
CA LYS A 86 -6.81 -24.90 -6.68
C LYS A 86 -5.44 -25.30 -7.23
N SER A 87 -4.38 -24.96 -6.49
CA SER A 87 -3.01 -25.32 -6.83
C SER A 87 -2.61 -26.70 -6.35
N ASN A 88 -3.17 -27.17 -5.23
CA ASN A 88 -2.97 -28.55 -4.76
C ASN A 88 -4.36 -29.15 -4.59
N MET A 89 -4.99 -29.49 -5.71
CA MET A 89 -6.30 -30.13 -5.70
C MET A 89 -6.21 -31.52 -5.09
N CYS A 90 -7.30 -31.94 -4.43
CA CYS A 90 -7.29 -33.30 -3.90
C CYS A 90 -7.63 -34.29 -5.01
N PRO A 91 -6.81 -35.33 -5.22
CA PRO A 91 -7.06 -36.22 -6.37
C PRO A 91 -8.20 -37.18 -6.16
N ARG A 92 -8.38 -37.72 -4.95
CA ARG A 92 -9.42 -38.70 -4.71
C ARG A 92 -9.79 -38.69 -3.22
N ARG A 93 -11.06 -39.01 -2.95
CA ARG A 93 -11.63 -39.00 -1.61
C ARG A 93 -10.79 -39.80 -0.63
N LEU A 94 -10.79 -39.33 0.60
CA LEU A 94 -10.29 -40.11 1.70
C LEU A 94 -10.92 -41.50 1.67
N GLN A 95 -10.10 -42.54 1.85
CA GLN A 95 -10.59 -43.91 1.88
C GLN A 95 -10.62 -44.36 3.32
N ILE A 96 -11.81 -44.72 3.82
CA ILE A 96 -11.91 -45.24 5.17
C ILE A 96 -12.20 -46.73 5.06
N LYS A 97 -11.19 -47.50 5.45
CA LYS A 97 -11.06 -48.94 5.57
C LYS A 97 -11.80 -49.48 6.76
N PRO A 98 -12.30 -50.72 6.71
CA PRO A 98 -13.09 -51.25 7.85
C PRO A 98 -12.33 -51.41 9.18
N ARG A 99 -13.09 -51.30 10.28
CA ARG A 99 -12.54 -51.38 11.63
C ARG A 99 -11.35 -50.44 11.80
N SER A 100 -11.39 -49.30 11.11
CA SER A 100 -10.36 -48.29 11.36
C SER A 100 -10.53 -47.64 12.71
N PHE A 101 -11.76 -47.59 13.23
CA PHE A 101 -12.05 -46.82 14.43
C PHE A 101 -12.56 -47.64 15.59
N SER A 102 -13.04 -48.85 15.34
CA SER A 102 -13.78 -49.60 16.35
C SER A 102 -12.89 -50.06 17.48
N GLY A 103 -11.57 -50.10 17.28
CA GLY A 103 -10.69 -50.42 18.37
C GLY A 103 -10.55 -49.32 19.41
N LEU A 104 -10.93 -48.09 19.09
CA LEU A 104 -10.63 -46.98 19.98
C LEU A 104 -11.76 -46.80 20.99
N THR A 105 -11.66 -47.59 22.05
CA THR A 105 -12.69 -47.75 23.06
C THR A 105 -13.00 -46.46 23.83
N TYR A 106 -12.09 -45.49 23.89
CA TYR A 106 -12.37 -44.27 24.64
C TYR A 106 -12.61 -43.06 23.75
N LEU A 107 -12.78 -43.27 22.44
CA LEU A 107 -12.86 -42.17 21.48
C LEU A 107 -14.16 -41.40 21.68
N LYS A 108 -14.06 -40.13 22.08
CA LYS A 108 -15.27 -39.33 22.28
C LYS A 108 -15.58 -38.35 21.15
N SER A 109 -14.59 -37.86 20.39
CA SER A 109 -14.82 -36.88 19.33
C SER A 109 -14.10 -37.31 18.06
N LEU A 110 -14.79 -37.26 16.93
CA LEU A 110 -14.17 -37.60 15.65
C LEU A 110 -14.61 -36.59 14.60
N TYR A 111 -13.68 -35.75 14.13
CA TYR A 111 -13.97 -34.75 13.11
C TYR A 111 -13.50 -35.28 11.75
N LEU A 112 -14.41 -35.39 10.80
CA LEU A 112 -14.06 -35.82 9.46
C LEU A 112 -14.62 -34.85 8.42
N ASP A 113 -14.75 -33.58 8.79
CA ASP A 113 -15.22 -32.57 7.86
C ASP A 113 -14.26 -32.46 6.67
N GLY A 114 -14.81 -32.24 5.49
CA GLY A 114 -13.99 -31.87 4.35
C GLY A 114 -13.09 -32.96 3.80
N ASN A 115 -13.62 -34.15 3.55
CA ASN A 115 -12.86 -35.22 2.94
C ASN A 115 -13.57 -35.86 1.76
N GLN A 116 -14.68 -35.26 1.30
CA GLN A 116 -15.45 -35.76 0.16
C GLN A 116 -15.95 -37.17 0.38
N LEU A 117 -16.32 -37.49 1.62
CA LEU A 117 -16.87 -38.81 1.88
C LEU A 117 -18.30 -38.89 1.33
N LEU A 118 -18.70 -40.12 0.98
CA LEU A 118 -19.98 -40.34 0.34
C LEU A 118 -21.04 -40.91 1.27
N GLU A 119 -20.64 -41.42 2.44
CA GLU A 119 -21.56 -42.04 3.39
C GLU A 119 -21.05 -41.84 4.81
N ILE A 120 -21.95 -42.08 5.76
CA ILE A 120 -21.57 -41.94 7.16
C ILE A 120 -20.64 -43.10 7.49
N PRO A 121 -19.44 -42.83 7.99
CA PRO A 121 -18.51 -43.93 8.28
C PRO A 121 -19.10 -44.89 9.30
N GLN A 122 -19.07 -46.17 8.98
CA GLN A 122 -19.62 -47.16 9.88
C GLN A 122 -18.48 -47.71 10.74
N GLY A 123 -18.79 -48.59 11.68
CA GLY A 123 -17.76 -49.12 12.55
C GLY A 123 -17.35 -48.18 13.65
N LEU A 124 -18.20 -47.29 14.01
CA LEU A 124 -17.67 -46.35 14.98
C LEU A 124 -17.96 -46.83 16.39
N PRO A 125 -17.02 -46.57 17.30
CA PRO A 125 -17.15 -47.10 18.65
C PRO A 125 -18.28 -46.40 19.44
N PRO A 126 -18.91 -47.11 20.36
CA PRO A 126 -20.04 -46.53 21.09
C PRO A 126 -19.66 -45.49 22.12
N SER A 127 -18.38 -45.14 22.24
CA SER A 127 -17.97 -44.10 23.17
C SER A 127 -18.18 -42.71 22.59
N LEU A 128 -18.45 -42.66 21.28
CA LEU A 128 -18.41 -41.42 20.52
C LEU A 128 -19.53 -40.47 20.94
N GLN A 129 -19.17 -39.30 21.45
CA GLN A 129 -20.13 -38.25 21.73
C GLN A 129 -20.24 -37.22 20.61
N LEU A 130 -19.18 -36.96 19.86
CA LEU A 130 -19.21 -35.92 18.82
C LEU A 130 -18.75 -36.50 17.49
N LEU A 131 -19.54 -36.28 16.45
CA LEU A 131 -19.17 -36.66 15.09
C LEU A 131 -19.42 -35.46 14.19
N SER A 132 -18.40 -35.06 13.44
CA SER A 132 -18.51 -33.89 12.57
C SER A 132 -18.20 -34.33 11.14
N LEU A 133 -19.13 -34.10 10.24
CA LEU A 133 -19.04 -34.54 8.86
C LEU A 133 -19.34 -33.41 7.89
N GLU A 134 -19.09 -32.16 8.30
CA GLU A 134 -19.36 -31.03 7.42
C GLU A 134 -18.55 -31.10 6.15
N ALA A 135 -19.13 -30.58 5.06
CA ALA A 135 -18.43 -30.41 3.79
C ALA A 135 -17.94 -31.73 3.22
N ASN A 136 -18.69 -32.80 3.44
CA ASN A 136 -18.46 -34.01 2.67
C ASN A 136 -19.55 -34.09 1.59
N ASN A 137 -19.79 -35.28 1.06
CA ASN A 137 -20.79 -35.47 0.02
C ASN A 137 -21.88 -36.46 0.45
N ILE A 138 -22.32 -36.35 1.69
CA ILE A 138 -23.34 -37.22 2.26
C ILE A 138 -24.63 -36.42 2.25
N PHE A 139 -25.57 -36.81 1.39
CA PHE A 139 -26.83 -36.07 1.28
C PHE A 139 -28.06 -36.97 1.35
N SER A 140 -27.93 -38.15 1.93
CA SER A 140 -29.09 -38.97 2.24
C SER A 140 -28.83 -39.66 3.57
N ILE A 141 -29.68 -39.37 4.55
CA ILE A 141 -29.53 -39.88 5.91
C ILE A 141 -30.55 -40.98 6.14
N ARG A 142 -30.08 -42.15 6.56
CA ARG A 142 -30.90 -43.34 6.75
C ARG A 142 -30.77 -43.85 8.18
N LYS A 143 -31.89 -44.31 8.79
CA LYS A 143 -31.79 -44.74 10.18
C LYS A 143 -30.81 -45.89 10.35
N GLU A 144 -30.67 -46.71 9.31
CA GLU A 144 -29.75 -47.84 9.40
C GLU A 144 -28.32 -47.40 9.66
N GLN A 145 -27.91 -46.29 9.03
CA GLN A 145 -26.57 -45.75 9.18
C GLN A 145 -26.35 -45.01 10.49
N LEU A 146 -27.41 -44.67 11.23
CA LEU A 146 -27.29 -43.96 12.49
C LEU A 146 -27.39 -44.84 13.73
N THR A 147 -27.69 -46.14 13.59
CA THR A 147 -27.81 -47.00 14.76
C THR A 147 -26.50 -47.03 15.55
N GLU A 148 -25.36 -47.05 14.84
CA GLU A 148 -24.04 -47.08 15.47
C GLU A 148 -23.78 -45.89 16.39
N LEU A 149 -24.58 -44.82 16.31
CA LEU A 149 -24.35 -43.58 17.05
C LEU A 149 -25.25 -43.47 18.28
N ALA A 150 -25.54 -44.59 18.94
CA ALA A 150 -26.51 -44.61 20.04
C ALA A 150 -26.22 -43.54 21.10
N ASN A 151 -24.96 -43.38 21.50
CA ASN A 151 -24.61 -42.42 22.55
C ASN A 151 -24.19 -41.04 22.03
N ILE A 152 -24.48 -40.70 20.78
CA ILE A 152 -24.03 -39.44 20.22
C ILE A 152 -24.75 -38.26 20.87
N GLU A 153 -24.00 -37.21 21.17
CA GLU A 153 -24.63 -36.00 21.69
C GLU A 153 -24.57 -34.83 20.74
N ILE A 154 -23.54 -34.78 19.91
CA ILE A 154 -23.29 -33.65 19.01
C ILE A 154 -23.01 -34.20 17.61
N LEU A 155 -23.77 -33.72 16.64
CA LEU A 155 -23.73 -34.23 15.27
C LEU A 155 -23.76 -33.05 14.31
N TYR A 156 -22.68 -32.89 13.52
CA TYR A 156 -22.56 -31.83 12.52
C TYR A 156 -22.68 -32.45 11.12
N LEU A 157 -23.69 -32.07 10.37
CA LEU A 157 -23.87 -32.71 9.07
C LEU A 157 -23.98 -31.71 7.93
N GLY A 158 -23.74 -30.42 8.19
CA GLY A 158 -24.03 -29.37 7.23
C GLY A 158 -23.07 -29.28 6.06
N GLN A 159 -23.37 -28.31 5.18
CA GLN A 159 -22.53 -27.99 4.01
C GLN A 159 -22.23 -29.21 3.12
N ASN A 160 -23.15 -30.16 3.07
CA ASN A 160 -22.98 -31.29 2.16
C ASN A 160 -23.75 -31.11 0.87
N CYS A 161 -24.49 -30.01 0.71
CA CYS A 161 -25.22 -29.79 -0.53
C CYS A 161 -25.59 -28.29 -0.62
N TYR A 162 -24.69 -27.50 -1.21
CA TYR A 162 -24.92 -26.06 -1.39
C TYR A 162 -23.97 -25.56 -2.50
N TYR A 163 -24.04 -24.25 -2.80
CA TYR A 163 -23.44 -23.76 -4.04
C TYR A 163 -21.92 -23.94 -4.09
N ARG A 164 -21.24 -23.99 -2.95
CA ARG A 164 -19.82 -24.31 -3.00
C ARG A 164 -19.55 -25.80 -2.87
N ASN A 165 -20.59 -26.63 -2.77
CA ASN A 165 -20.38 -28.06 -2.69
C ASN A 165 -21.68 -28.74 -3.10
N PRO A 166 -22.04 -28.65 -4.38
CA PRO A 166 -23.39 -29.06 -4.81
C PRO A 166 -23.54 -30.57 -4.84
N CYS A 167 -24.77 -31.02 -4.53
CA CYS A 167 -25.15 -32.41 -4.72
C CYS A 167 -26.23 -32.59 -5.78
N TYR A 168 -26.78 -31.50 -6.32
CA TYR A 168 -27.68 -31.52 -7.47
C TYR A 168 -29.00 -32.21 -7.18
N VAL A 169 -29.30 -32.53 -5.92
CA VAL A 169 -30.61 -33.07 -5.53
C VAL A 169 -31.02 -32.47 -4.19
N SER A 170 -32.26 -32.74 -3.80
CA SER A 170 -32.71 -32.36 -2.47
C SER A 170 -32.07 -33.28 -1.46
N TYR A 171 -31.85 -32.75 -0.27
CA TYR A 171 -31.43 -33.56 0.85
C TYR A 171 -32.57 -34.49 1.23
N SER A 172 -32.23 -35.71 1.67
CA SER A 172 -33.16 -36.77 1.98
C SER A 172 -32.92 -37.27 3.39
N ILE A 173 -33.94 -37.22 4.24
CA ILE A 173 -33.84 -37.72 5.60
C ILE A 173 -35.00 -38.68 5.80
N GLU A 174 -34.69 -39.94 6.14
CA GLU A 174 -35.74 -40.91 6.43
C GLU A 174 -36.55 -40.47 7.63
N LYS A 175 -37.85 -40.76 7.59
CA LYS A 175 -38.73 -40.52 8.72
C LYS A 175 -38.12 -41.10 10.00
N ASP A 176 -38.12 -40.29 11.08
CA ASP A 176 -37.60 -40.65 12.40
C ASP A 176 -36.15 -41.14 12.37
N ALA A 177 -35.35 -40.67 11.40
CA ALA A 177 -33.95 -41.09 11.32
C ALA A 177 -33.22 -40.84 12.63
N PHE A 178 -33.47 -39.70 13.28
CA PHE A 178 -32.73 -39.31 14.47
C PHE A 178 -33.41 -39.73 15.77
N LEU A 179 -34.54 -40.45 15.71
CA LEU A 179 -35.40 -40.52 16.88
C LEU A 179 -34.81 -41.43 17.96
N ASN A 180 -34.10 -42.49 17.57
CA ASN A 180 -33.49 -43.36 18.58
C ASN A 180 -32.17 -42.82 19.10
N LEU A 181 -31.67 -41.71 18.55
CA LEU A 181 -30.49 -41.05 19.09
C LEU A 181 -30.94 -40.33 20.36
N THR A 182 -30.97 -41.09 21.45
CA THR A 182 -31.68 -40.63 22.65
C THR A 182 -30.84 -39.72 23.53
N LYS A 183 -29.61 -39.40 23.16
CA LYS A 183 -28.86 -38.38 23.87
C LYS A 183 -28.38 -37.27 22.96
N LEU A 184 -28.86 -37.23 21.72
CA LEU A 184 -28.50 -36.18 20.79
C LEU A 184 -28.90 -34.82 21.35
N LYS A 185 -27.92 -33.94 21.50
CA LYS A 185 -28.22 -32.60 21.98
C LYS A 185 -28.09 -31.54 20.91
N VAL A 186 -27.15 -31.69 19.98
CA VAL A 186 -26.84 -30.69 18.96
C VAL A 186 -26.91 -31.36 17.61
N LEU A 187 -27.79 -30.85 16.74
CA LEU A 187 -27.95 -31.38 15.41
C LEU A 187 -27.87 -30.19 14.45
N SER A 188 -26.89 -30.22 13.55
CA SER A 188 -26.69 -29.15 12.59
C SER A 188 -26.80 -29.75 11.19
N LEU A 189 -27.79 -29.25 10.43
CA LEU A 189 -28.01 -29.66 9.05
C LEU A 189 -28.04 -28.45 8.14
N LYS A 190 -27.35 -27.39 8.55
CA LYS A 190 -27.23 -26.17 7.76
C LYS A 190 -26.67 -26.47 6.37
N ASP A 191 -26.99 -25.59 5.41
CA ASP A 191 -26.31 -25.58 4.10
C ASP A 191 -26.48 -26.92 3.37
N ASN A 192 -27.67 -27.51 3.39
CA ASN A 192 -27.79 -28.89 2.95
C ASN A 192 -28.86 -29.18 1.88
N ASN A 193 -29.56 -28.17 1.35
CA ASN A 193 -30.66 -28.40 0.41
C ASN A 193 -31.79 -29.22 1.07
N VAL A 194 -32.00 -29.01 2.37
CA VAL A 194 -33.09 -29.67 3.07
C VAL A 194 -34.40 -29.03 2.66
N THR A 195 -35.46 -29.83 2.52
CA THR A 195 -36.75 -29.32 2.07
C THR A 195 -37.83 -29.30 3.14
N THR A 196 -37.75 -30.19 4.14
CA THR A 196 -38.66 -30.17 5.28
C THR A 196 -37.89 -30.41 6.57
N VAL A 197 -38.44 -29.91 7.67
CA VAL A 197 -37.90 -30.22 8.99
C VAL A 197 -37.96 -31.73 9.18
N PRO A 198 -36.83 -32.40 9.35
CA PRO A 198 -36.89 -33.84 9.58
C PRO A 198 -37.61 -34.10 10.88
N THR A 199 -38.46 -35.12 10.89
CA THR A 199 -39.23 -35.49 12.06
C THR A 199 -39.24 -37.01 12.16
N VAL A 200 -39.42 -37.56 13.37
CA VAL A 200 -39.52 -36.85 14.64
C VAL A 200 -38.11 -36.71 15.27
N LEU A 201 -37.81 -35.56 15.90
CA LEU A 201 -36.45 -35.48 16.42
C LEU A 201 -36.43 -35.84 17.90
N PRO A 202 -35.32 -36.35 18.43
CA PRO A 202 -35.29 -36.73 19.85
C PRO A 202 -35.53 -35.53 20.74
N SER A 203 -36.34 -35.74 21.79
CA SER A 203 -36.75 -34.65 22.65
C SER A 203 -35.59 -34.12 23.47
N THR A 204 -34.45 -34.82 23.43
CA THR A 204 -33.28 -34.39 24.17
C THR A 204 -32.47 -33.29 23.47
N LEU A 205 -32.87 -32.85 22.27
CA LEU A 205 -32.18 -31.76 21.57
C LEU A 205 -32.21 -30.45 22.34
N THR A 206 -31.05 -29.80 22.42
CA THR A 206 -30.95 -28.44 22.97
C THR A 206 -30.67 -27.40 21.89
N GLU A 207 -30.03 -27.81 20.80
CA GLU A 207 -29.70 -26.89 19.73
C GLU A 207 -30.02 -27.55 18.39
N LEU A 208 -30.78 -26.85 17.55
CA LEU A 208 -31.14 -27.36 16.23
C LEU A 208 -30.84 -26.28 15.20
N TYR A 209 -29.96 -26.59 14.28
CA TYR A 209 -29.49 -25.65 13.25
C TYR A 209 -30.01 -26.17 11.91
N LEU A 210 -30.93 -25.41 11.30
CA LEU A 210 -31.53 -25.79 10.02
C LEU A 210 -31.37 -24.69 8.98
N TYR A 211 -30.42 -23.78 9.17
CA TYR A 211 -30.42 -22.58 8.36
C TYR A 211 -29.77 -22.79 6.99
N ASN A 212 -30.08 -21.88 6.07
CA ASN A 212 -29.64 -21.93 4.67
C ASN A 212 -30.09 -23.23 3.99
N ASN A 213 -31.39 -23.39 3.87
CA ASN A 213 -31.95 -24.59 3.23
C ASN A 213 -33.09 -24.20 2.29
N MET A 214 -33.93 -25.18 1.96
CA MET A 214 -35.04 -25.05 1.02
C MET A 214 -36.33 -25.42 1.72
N ILE A 215 -36.45 -25.05 3.00
CA ILE A 215 -37.65 -25.34 3.76
C ILE A 215 -38.60 -24.16 3.56
N ALA A 216 -39.71 -24.40 2.84
CA ALA A 216 -40.68 -23.35 2.57
C ALA A 216 -41.76 -23.23 3.63
N GLU A 217 -42.01 -24.28 4.40
CA GLU A 217 -43.09 -24.24 5.38
C GLU A 217 -42.67 -25.01 6.63
N ILE A 218 -43.01 -24.46 7.79
CA ILE A 218 -42.88 -25.19 9.06
C ILE A 218 -44.22 -25.86 9.33
N GLN A 219 -44.20 -27.12 9.75
CA GLN A 219 -45.45 -27.76 10.14
C GLN A 219 -45.70 -27.54 11.61
N GLU A 220 -46.97 -27.40 11.97
CA GLU A 220 -47.29 -26.97 13.33
C GLU A 220 -46.87 -27.96 14.40
N ASP A 221 -46.49 -29.19 14.03
CA ASP A 221 -45.97 -30.18 14.97
C ASP A 221 -44.48 -30.50 14.72
N ASP A 222 -43.80 -29.76 13.85
CA ASP A 222 -42.41 -30.07 13.56
C ASP A 222 -41.51 -30.01 14.80
N PHE A 223 -41.85 -29.18 15.78
CA PHE A 223 -41.05 -29.02 17.00
C PHE A 223 -41.82 -29.44 18.25
N ASN A 224 -42.82 -30.31 18.10
CA ASN A 224 -43.81 -30.51 19.18
C ASN A 224 -43.22 -31.10 20.44
N ASN A 225 -42.11 -31.83 20.32
CA ASN A 225 -41.57 -32.50 21.49
C ASN A 225 -40.27 -31.90 22.01
N LEU A 226 -39.80 -30.80 21.43
CA LEU A 226 -38.47 -30.29 21.78
C LEU A 226 -38.56 -29.33 22.96
N ASN A 227 -39.02 -29.85 24.08
CA ASN A 227 -39.20 -29.04 25.27
C ASN A 227 -37.88 -28.77 25.99
N GLN A 228 -36.76 -29.30 25.51
CA GLN A 228 -35.45 -28.97 26.04
C GLN A 228 -34.67 -28.05 25.10
N LEU A 229 -35.28 -27.65 23.99
CA LEU A 229 -34.54 -26.97 22.96
C LEU A 229 -34.21 -25.56 23.42
N GLN A 230 -32.96 -25.15 23.22
CA GLN A 230 -32.50 -23.85 23.64
C GLN A 230 -32.14 -22.91 22.51
N ILE A 231 -31.69 -23.45 21.38
CA ILE A 231 -31.29 -22.67 20.22
C ILE A 231 -31.96 -23.24 19.00
N LEU A 232 -32.66 -22.38 18.26
CA LEU A 232 -33.24 -22.77 16.99
C LEU A 232 -32.86 -21.73 15.94
N ASP A 233 -32.20 -22.16 14.88
CA ASP A 233 -31.86 -21.29 13.75
C ASP A 233 -32.52 -21.86 12.51
N LEU A 234 -33.47 -21.09 11.98
CA LEU A 234 -34.19 -21.42 10.75
C LEU A 234 -33.87 -20.44 9.64
N SER A 235 -32.79 -19.66 9.78
CA SER A 235 -32.47 -18.56 8.87
C SER A 235 -32.23 -19.07 7.45
N GLY A 236 -32.37 -18.17 6.50
CA GLY A 236 -32.03 -18.50 5.12
C GLY A 236 -32.92 -19.54 4.48
N ASN A 237 -34.17 -19.63 4.91
CA ASN A 237 -35.21 -20.39 4.22
C ASN A 237 -36.23 -19.38 3.71
N CYS A 238 -36.39 -19.31 2.37
CA CYS A 238 -37.02 -18.18 1.70
C CYS A 238 -36.19 -16.92 1.95
N PRO A 239 -34.94 -16.89 1.48
CA PRO A 239 -34.06 -15.76 1.78
C PRO A 239 -34.49 -14.50 1.06
N ARG A 240 -34.08 -13.36 1.64
CA ARG A 240 -34.19 -12.07 0.97
C ARG A 240 -32.90 -11.88 0.16
N CYS A 241 -33.01 -11.88 -1.17
CA CYS A 241 -31.86 -12.07 -2.05
C CYS A 241 -31.33 -10.79 -2.68
N TYR A 242 -31.93 -9.63 -2.43
CA TYR A 242 -31.42 -8.40 -3.04
C TYR A 242 -30.03 -8.08 -2.51
N ASN A 243 -29.09 -7.87 -3.43
CA ASN A 243 -27.71 -7.59 -3.10
C ASN A 243 -27.09 -8.74 -2.32
N ALA A 244 -27.53 -9.95 -2.55
CA ALA A 244 -26.93 -11.08 -1.84
C ALA A 244 -25.54 -11.35 -2.40
N PRO A 245 -24.56 -11.62 -1.55
CA PRO A 245 -23.20 -11.83 -2.05
C PRO A 245 -22.89 -13.29 -2.30
N PHE A 246 -23.93 -14.10 -2.36
CA PHE A 246 -23.85 -15.50 -2.72
C PHE A 246 -25.04 -15.80 -3.61
N PRO A 247 -24.97 -16.85 -4.43
CA PRO A 247 -26.12 -17.22 -5.26
C PRO A 247 -27.32 -17.45 -4.36
N CYS A 248 -28.45 -16.84 -4.72
CA CYS A 248 -29.58 -16.76 -3.80
C CYS A 248 -30.87 -16.99 -4.57
N THR A 249 -31.64 -18.00 -4.17
CA THR A 249 -32.91 -18.30 -4.83
C THR A 249 -34.05 -18.09 -3.85
N PRO A 250 -34.94 -17.13 -4.08
CA PRO A 250 -36.03 -16.88 -3.15
C PRO A 250 -37.19 -17.83 -3.41
N CYS A 251 -38.02 -17.99 -2.39
CA CYS A 251 -39.28 -18.71 -2.52
C CYS A 251 -40.16 -18.02 -3.55
N LYS A 252 -40.91 -18.80 -4.31
CA LYS A 252 -41.77 -18.25 -5.35
C LYS A 252 -42.69 -17.16 -4.78
N ASN A 253 -43.10 -16.23 -5.64
CA ASN A 253 -44.16 -15.27 -5.34
C ASN A 253 -43.85 -14.45 -4.10
N ASN A 254 -42.57 -14.18 -3.86
CA ASN A 254 -42.12 -13.41 -2.70
C ASN A 254 -42.53 -14.04 -1.38
N SER A 255 -42.87 -15.32 -1.39
CA SER A 255 -43.46 -15.93 -0.21
C SER A 255 -42.43 -15.94 0.93
N PRO A 256 -42.86 -15.72 2.16
CA PRO A 256 -41.97 -15.93 3.31
C PRO A 256 -41.91 -17.39 3.70
N LEU A 257 -41.02 -17.68 4.64
CA LEU A 257 -41.10 -18.95 5.34
C LEU A 257 -42.41 -18.95 6.13
N GLN A 258 -43.27 -19.93 5.90
CA GLN A 258 -44.57 -19.94 6.54
C GLN A 258 -44.46 -20.71 7.85
N ILE A 259 -44.68 -20.01 8.97
CA ILE A 259 -44.56 -20.59 10.30
C ILE A 259 -45.89 -20.48 11.05
N PRO A 260 -46.55 -21.60 11.31
CA PRO A 260 -47.82 -21.57 12.06
C PRO A 260 -47.66 -20.87 13.40
N VAL A 261 -48.72 -20.19 13.82
CA VAL A 261 -48.66 -19.41 15.06
C VAL A 261 -48.42 -20.32 16.27
N ASN A 262 -48.69 -21.62 16.17
CA ASN A 262 -48.44 -22.52 17.30
C ASN A 262 -47.17 -23.36 17.14
N ALA A 263 -46.32 -23.04 16.16
CA ALA A 263 -45.17 -23.87 15.85
C ALA A 263 -44.18 -23.97 17.01
N PHE A 264 -44.07 -22.93 17.83
CA PHE A 264 -43.07 -22.86 18.90
C PHE A 264 -43.64 -23.20 20.26
N ASP A 265 -44.89 -23.65 20.33
CA ASP A 265 -45.56 -23.74 21.63
C ASP A 265 -44.78 -24.65 22.58
N ALA A 266 -44.09 -25.67 22.05
CA ALA A 266 -43.41 -26.59 22.96
C ALA A 266 -42.06 -26.07 23.45
N LEU A 267 -41.57 -24.97 22.89
CA LEU A 267 -40.19 -24.57 23.14
C LEU A 267 -40.11 -23.65 24.37
N THR A 268 -40.57 -24.18 25.51
CA THR A 268 -40.59 -23.37 26.73
C THR A 268 -39.17 -23.05 27.22
N GLU A 269 -38.16 -23.80 26.77
CA GLU A 269 -36.77 -23.55 27.15
C GLU A 269 -35.99 -22.72 26.12
N LEU A 270 -36.60 -22.37 24.98
CA LEU A 270 -35.88 -21.66 23.93
C LEU A 270 -35.26 -20.37 24.42
N LYS A 271 -33.95 -20.22 24.21
CA LYS A 271 -33.25 -18.97 24.51
C LYS A 271 -32.82 -18.19 23.28
N VAL A 272 -32.53 -18.87 22.17
CA VAL A 272 -32.11 -18.22 20.93
C VAL A 272 -33.01 -18.67 19.81
N LEU A 273 -33.58 -17.71 19.10
CA LEU A 273 -34.37 -17.94 17.91
C LEU A 273 -33.82 -17.03 16.83
N ARG A 274 -33.33 -17.62 15.76
CA ARG A 274 -32.78 -16.88 14.65
C ARG A 274 -33.68 -17.08 13.43
N LEU A 275 -34.32 -15.99 12.99
CA LEU A 275 -35.09 -15.99 11.76
C LEU A 275 -34.53 -14.91 10.85
N HIS A 276 -33.26 -15.04 10.49
CA HIS A 276 -32.58 -14.13 9.59
C HIS A 276 -32.87 -14.52 8.15
N SER A 277 -33.10 -13.52 7.30
CA SER A 277 -33.32 -13.75 5.87
C SER A 277 -34.35 -14.86 5.65
N ASN A 278 -35.56 -14.60 6.14
CA ASN A 278 -36.69 -15.47 5.94
C ASN A 278 -37.83 -14.73 5.24
N SER A 279 -37.56 -13.53 4.72
CA SER A 279 -38.52 -12.77 3.93
C SER A 279 -39.82 -12.52 4.68
N LEU A 280 -39.73 -12.39 6.01
CA LEU A 280 -40.92 -12.16 6.83
C LEU A 280 -41.47 -10.75 6.61
N GLN A 281 -42.79 -10.66 6.50
CA GLN A 281 -43.46 -9.37 6.49
C GLN A 281 -44.18 -9.07 7.79
N HIS A 282 -44.45 -10.07 8.62
CA HIS A 282 -45.17 -9.89 9.87
C HIS A 282 -44.57 -10.78 10.95
N VAL A 283 -44.65 -10.34 12.19
CA VAL A 283 -44.21 -11.18 13.30
C VAL A 283 -45.40 -11.38 14.22
N PRO A 284 -46.15 -12.46 14.06
CA PRO A 284 -47.32 -12.69 14.91
C PRO A 284 -46.91 -12.77 16.37
N PRO A 285 -47.53 -11.96 17.25
CA PRO A 285 -47.32 -12.13 18.69
C PRO A 285 -47.61 -13.54 19.20
N ARG A 286 -48.54 -14.24 18.56
CA ARG A 286 -48.88 -15.57 19.05
C ARG A 286 -47.68 -16.50 19.00
N TRP A 287 -46.71 -16.22 18.14
CA TRP A 287 -45.47 -17.02 18.12
C TRP A 287 -44.85 -17.17 19.50
N PHE A 288 -44.95 -16.13 20.35
CA PHE A 288 -44.18 -16.06 21.59
C PHE A 288 -45.04 -16.31 22.84
N LYS A 289 -46.26 -16.82 22.66
CA LYS A 289 -47.19 -16.93 23.79
C LYS A 289 -46.68 -17.86 24.87
N ASN A 290 -45.88 -18.89 24.52
CA ASN A 290 -45.41 -19.87 25.48
C ASN A 290 -43.89 -19.93 25.54
N ILE A 291 -43.23 -18.91 25.01
CA ILE A 291 -41.79 -18.74 25.14
C ILE A 291 -41.58 -17.54 26.05
N ASN A 292 -41.28 -17.77 27.30
CA ASN A 292 -41.12 -16.62 28.17
C ASN A 292 -39.66 -16.26 28.42
N ASN A 293 -38.72 -17.15 28.11
CA ASN A 293 -37.33 -16.92 28.46
C ASN A 293 -36.44 -16.61 27.24
N LEU A 294 -37.03 -16.19 26.13
CA LEU A 294 -36.24 -15.83 24.96
C LEU A 294 -35.29 -14.68 25.29
N GLN A 295 -34.01 -14.86 24.96
CA GLN A 295 -32.95 -13.91 25.25
C GLN A 295 -32.33 -13.26 24.03
N GLU A 296 -32.32 -13.97 22.90
CA GLU A 296 -31.73 -13.50 21.66
C GLU A 296 -32.72 -13.76 20.53
N LEU A 297 -33.00 -12.71 19.74
CA LEU A 297 -33.91 -12.81 18.60
C LEU A 297 -33.30 -12.08 17.41
N ASP A 298 -33.03 -12.82 16.31
CA ASP A 298 -32.44 -12.25 15.10
C ASP A 298 -33.54 -12.20 14.03
N LEU A 299 -33.96 -11.00 13.67
CA LEU A 299 -34.95 -10.78 12.61
C LEU A 299 -34.39 -9.91 11.50
N SER A 300 -33.09 -10.03 11.27
CA SER A 300 -32.43 -9.28 10.23
C SER A 300 -32.76 -9.85 8.84
N GLN A 301 -32.62 -9.00 7.82
CA GLN A 301 -32.78 -9.38 6.43
C GLN A 301 -34.18 -9.91 6.13
N ASN A 302 -35.19 -9.23 6.66
CA ASN A 302 -36.56 -9.61 6.29
C ASN A 302 -37.25 -8.42 5.66
N PHE A 303 -38.58 -8.45 5.65
CA PHE A 303 -39.33 -7.30 5.15
C PHE A 303 -40.21 -6.75 6.25
N LEU A 304 -39.57 -6.32 7.35
CA LEU A 304 -40.25 -5.88 8.57
C LEU A 304 -40.19 -4.37 8.77
N ALA A 305 -39.93 -3.58 7.72
CA ALA A 305 -39.88 -2.12 7.91
C ALA A 305 -41.19 -1.57 8.49
N LYS A 306 -42.34 -1.96 7.91
CA LYS A 306 -43.62 -1.54 8.48
C LYS A 306 -43.83 -2.12 9.87
N GLU A 307 -43.59 -3.43 10.03
CA GLU A 307 -43.78 -4.09 11.32
C GLU A 307 -42.97 -3.44 12.44
N ILE A 308 -41.81 -2.85 12.12
CA ILE A 308 -41.01 -2.21 13.17
C ILE A 308 -41.78 -1.06 13.78
N GLY A 309 -42.71 -0.46 13.02
CA GLY A 309 -43.56 0.60 13.51
C GLY A 309 -44.73 0.14 14.35
N ASP A 310 -44.96 -1.16 14.42
CA ASP A 310 -46.10 -1.72 15.14
C ASP A 310 -45.59 -2.70 16.18
N ALA A 311 -45.16 -3.90 15.77
CA ALA A 311 -44.32 -4.78 16.59
C ALA A 311 -44.99 -5.14 17.93
N LYS A 312 -46.24 -5.56 17.86
CA LYS A 312 -46.91 -5.95 19.10
C LYS A 312 -46.24 -7.15 19.75
N PHE A 313 -45.54 -7.98 18.99
CA PHE A 313 -44.90 -9.15 19.60
C PHE A 313 -43.91 -8.78 20.71
N LEU A 314 -43.40 -7.54 20.74
CA LEU A 314 -42.42 -7.17 21.75
C LEU A 314 -42.98 -7.26 23.17
N HIS A 315 -44.30 -7.10 23.31
CA HIS A 315 -44.94 -7.18 24.63
C HIS A 315 -44.83 -8.57 25.25
N PHE A 316 -44.49 -9.58 24.46
CA PHE A 316 -44.29 -10.93 24.96
C PHE A 316 -42.83 -11.25 25.21
N LEU A 317 -41.93 -10.27 25.23
CA LEU A 317 -40.50 -10.54 25.29
C LEU A 317 -39.82 -9.71 26.38
N PRO A 318 -40.31 -9.81 27.62
CA PRO A 318 -39.75 -8.95 28.68
C PRO A 318 -38.38 -9.39 29.15
N ASN A 319 -37.98 -10.62 28.82
CA ASN A 319 -36.66 -11.13 29.18
C ASN A 319 -35.65 -11.03 28.04
N LEU A 320 -36.04 -10.47 26.90
CA LEU A 320 -35.15 -10.48 25.75
C LEU A 320 -33.93 -9.62 26.04
N ILE A 321 -32.75 -10.14 25.76
CA ILE A 321 -31.50 -9.40 25.98
C ILE A 321 -30.99 -8.75 24.69
N GLN A 322 -31.09 -9.45 23.55
CA GLN A 322 -30.58 -8.92 22.29
C GLN A 322 -31.61 -9.00 21.18
N LEU A 323 -31.75 -7.91 20.42
CA LEU A 323 -32.71 -7.81 19.33
C LEU A 323 -32.03 -7.25 18.09
N ASP A 324 -32.16 -7.95 16.97
CA ASP A 324 -31.55 -7.53 15.72
C ASP A 324 -32.65 -7.37 14.69
N LEU A 325 -32.89 -6.15 14.24
CA LEU A 325 -33.86 -5.87 13.20
C LEU A 325 -33.21 -5.20 12.00
N SER A 326 -31.96 -5.58 11.73
CA SER A 326 -31.15 -4.95 10.70
C SER A 326 -31.57 -5.38 9.30
N PHE A 327 -31.45 -4.45 8.37
CA PHE A 327 -31.66 -4.70 6.94
C PHE A 327 -33.08 -5.22 6.67
N ASN A 328 -34.07 -4.44 7.11
CA ASN A 328 -35.48 -4.65 6.78
C ASN A 328 -36.02 -3.54 5.91
N PHE A 329 -35.16 -2.71 5.34
CA PHE A 329 -35.58 -1.57 4.55
C PHE A 329 -36.47 -2.03 3.41
N GLU A 330 -37.35 -1.14 2.94
CA GLU A 330 -38.12 -1.37 1.72
C GLU A 330 -37.35 -1.00 0.47
N LEU A 331 -37.42 -1.86 -0.55
CA LEU A 331 -36.69 -1.60 -1.79
C LEU A 331 -37.12 -0.25 -2.37
N GLN A 332 -36.14 0.50 -2.89
CA GLN A 332 -36.33 1.76 -3.63
C GLN A 332 -36.99 2.86 -2.81
N VAL A 333 -37.05 2.74 -1.49
CA VAL A 333 -37.66 3.75 -0.64
C VAL A 333 -36.61 4.38 0.28
N TYR A 334 -36.71 5.70 0.44
CA TYR A 334 -35.83 6.44 1.35
C TYR A 334 -36.70 7.16 2.38
N ARG A 335 -37.13 6.43 3.42
CA ARG A 335 -38.05 7.00 4.39
C ARG A 335 -37.49 8.26 5.03
N ALA A 336 -38.39 9.14 5.45
CA ALA A 336 -37.98 10.39 6.07
C ALA A 336 -37.38 10.15 7.45
N SER A 337 -37.94 9.23 8.20
CA SER A 337 -37.56 9.06 9.60
C SER A 337 -37.79 7.61 10.01
N MET A 338 -37.29 7.28 11.19
CA MET A 338 -37.42 5.92 11.68
C MET A 338 -38.61 5.85 12.62
N ASN A 339 -39.57 5.01 12.26
CA ASN A 339 -40.80 4.86 13.03
C ASN A 339 -40.63 3.59 13.88
N LEU A 340 -40.19 3.80 15.12
CA LEU A 340 -40.08 2.74 16.12
C LEU A 340 -41.35 2.71 16.94
N SER A 341 -42.05 1.57 16.94
CA SER A 341 -43.26 1.40 17.74
C SER A 341 -42.99 1.57 19.22
N GLN A 342 -43.99 2.09 19.92
CA GLN A 342 -43.90 2.25 21.37
C GLN A 342 -43.70 0.93 22.09
N ALA A 343 -44.01 -0.20 21.45
CA ALA A 343 -43.87 -1.49 22.11
C ALA A 343 -42.45 -1.73 22.58
N PHE A 344 -41.46 -1.18 21.89
CA PHE A 344 -40.07 -1.32 22.31
C PHE A 344 -39.89 -1.03 23.79
N SER A 345 -40.68 -0.11 24.34
CA SER A 345 -40.57 0.21 25.76
C SER A 345 -40.87 -0.98 26.66
N SER A 346 -41.52 -2.02 26.14
CA SER A 346 -41.79 -3.20 26.92
C SER A 346 -40.62 -4.18 26.95
N LEU A 347 -39.47 -3.82 26.35
CA LEU A 347 -38.29 -4.70 26.28
C LEU A 347 -37.38 -4.45 27.49
N LYS A 348 -37.82 -4.92 28.65
CA LYS A 348 -37.22 -4.40 29.88
C LYS A 348 -35.82 -4.94 30.13
N SER A 349 -35.47 -6.12 29.63
CA SER A 349 -34.13 -6.66 29.78
C SER A 349 -33.17 -6.30 28.63
N LEU A 350 -33.62 -5.56 27.62
CA LEU A 350 -32.80 -5.37 26.43
C LEU A 350 -31.47 -4.72 26.75
N LYS A 351 -30.38 -5.38 26.34
CA LYS A 351 -29.06 -4.77 26.38
C LYS A 351 -28.58 -4.32 25.01
N ILE A 352 -28.97 -5.00 23.94
CA ILE A 352 -28.43 -4.73 22.61
C ILE A 352 -29.56 -4.60 21.61
N LEU A 353 -29.63 -3.45 20.93
CA LEU A 353 -30.60 -3.28 19.87
C LEU A 353 -29.87 -2.85 18.61
N ARG A 354 -30.07 -3.60 17.53
CA ARG A 354 -29.40 -3.31 16.27
C ARG A 354 -30.47 -3.11 15.21
N ILE A 355 -30.47 -1.93 14.60
CA ILE A 355 -31.36 -1.68 13.47
C ILE A 355 -30.53 -1.02 12.38
N ARG A 356 -29.53 -1.73 11.89
CA ARG A 356 -28.86 -1.28 10.70
C ARG A 356 -29.79 -1.43 9.49
N GLY A 357 -29.52 -0.69 8.43
CA GLY A 357 -30.22 -0.91 7.17
C GLY A 357 -31.73 -0.78 7.23
N TYR A 358 -32.24 0.15 8.04
CA TYR A 358 -33.63 0.56 7.94
C TYR A 358 -33.78 1.61 6.85
N VAL A 359 -32.77 2.49 6.74
CA VAL A 359 -32.63 3.54 5.72
C VAL A 359 -33.60 4.67 5.96
N PHE A 360 -33.09 5.81 6.47
CA PHE A 360 -33.91 6.98 6.72
C PHE A 360 -33.05 8.24 6.77
N LYS A 361 -33.66 9.39 6.46
CA LYS A 361 -32.88 10.58 6.17
C LYS A 361 -32.44 11.31 7.43
N GLU A 362 -33.27 11.36 8.45
CA GLU A 362 -32.90 12.14 9.62
C GLU A 362 -33.36 11.47 10.90
N LEU A 363 -32.46 11.46 11.87
CA LEU A 363 -32.73 10.86 13.16
C LEU A 363 -33.10 11.98 14.14
N LYS A 364 -34.25 11.88 14.78
CA LYS A 364 -34.71 12.93 15.66
C LYS A 364 -35.03 12.35 17.00
N SER A 365 -34.86 13.20 18.03
CA SER A 365 -34.79 12.73 19.40
C SER A 365 -36.04 11.97 19.81
N PHE A 366 -37.19 12.40 19.31
CA PHE A 366 -38.44 11.77 19.71
C PHE A 366 -38.53 10.33 19.20
N GLN A 367 -37.91 10.03 18.04
CA GLN A 367 -38.00 8.70 17.47
C GLN A 367 -37.43 7.63 18.39
N LEU A 368 -36.52 8.01 19.28
CA LEU A 368 -35.90 7.06 20.19
C LEU A 368 -36.52 7.10 21.57
N SER A 369 -37.58 7.90 21.75
CA SER A 369 -38.27 7.95 23.03
C SER A 369 -38.73 6.58 23.48
N PRO A 370 -39.22 5.67 22.61
CA PRO A 370 -39.59 4.34 23.10
C PRO A 370 -38.47 3.63 23.83
N LEU A 371 -37.23 4.09 23.69
CA LEU A 371 -36.09 3.45 24.33
C LEU A 371 -35.62 4.17 25.59
N HIS A 372 -36.19 5.34 25.89
CA HIS A 372 -35.63 6.22 26.92
C HIS A 372 -35.48 5.53 28.27
N ASN A 373 -36.42 4.66 28.63
CA ASN A 373 -36.44 4.03 29.95
C ASN A 373 -36.08 2.55 29.91
N LEU A 374 -35.47 2.07 28.84
CA LEU A 374 -34.93 0.71 28.83
C LEU A 374 -33.65 0.75 29.65
N GLN A 375 -33.76 0.32 30.90
CA GLN A 375 -32.74 0.67 31.88
C GLN A 375 -31.46 -0.11 31.67
N ASN A 376 -31.51 -1.26 31.02
CA ASN A 376 -30.34 -2.09 30.77
C ASN A 376 -29.72 -1.87 29.41
N LEU A 377 -30.20 -0.90 28.63
CA LEU A 377 -29.71 -0.76 27.27
C LEU A 377 -28.23 -0.41 27.28
N GLU A 378 -27.44 -1.20 26.57
CA GLU A 378 -26.00 -1.00 26.52
C GLU A 378 -25.48 -0.64 25.14
N VAL A 379 -26.07 -1.16 24.06
CA VAL A 379 -25.60 -0.92 22.70
C VAL A 379 -26.79 -0.53 21.83
N LEU A 380 -26.67 0.62 21.15
CA LEU A 380 -27.63 1.05 20.13
C LEU A 380 -26.87 1.23 18.82
N ASP A 381 -27.17 0.36 17.86
CA ASP A 381 -26.47 0.28 16.57
C ASP A 381 -27.44 0.70 15.49
N LEU A 382 -27.27 1.91 14.98
CA LEU A 382 -28.03 2.40 13.85
C LEU A 382 -27.13 2.67 12.65
N GLY A 383 -26.12 1.81 12.47
CA GLY A 383 -25.21 1.98 11.35
C GLY A 383 -25.83 1.63 10.02
N THR A 384 -25.17 2.10 8.96
CA THR A 384 -25.56 1.80 7.57
C THR A 384 -27.04 2.07 7.37
N ASN A 385 -27.41 3.32 7.64
CA ASN A 385 -28.79 3.78 7.52
C ASN A 385 -28.93 4.99 6.63
N PHE A 386 -27.82 5.50 6.07
CA PHE A 386 -27.82 6.66 5.18
C PHE A 386 -28.47 7.86 5.85
N ILE A 387 -28.29 7.98 7.16
CA ILE A 387 -28.81 9.13 7.89
C ILE A 387 -28.04 10.38 7.49
N LYS A 388 -28.77 11.42 7.07
CA LYS A 388 -28.19 12.70 6.68
C LYS A 388 -28.19 13.73 7.79
N ILE A 389 -29.09 13.64 8.78
CA ILE A 389 -29.28 14.69 9.79
C ILE A 389 -29.38 14.06 11.18
N ALA A 390 -28.62 14.59 12.15
CA ALA A 390 -28.72 14.06 13.51
C ALA A 390 -28.18 15.02 14.55
N ASN A 391 -29.01 15.40 15.50
CA ASN A 391 -28.52 16.28 16.54
C ASN A 391 -27.89 15.40 17.62
N LEU A 392 -26.56 15.46 17.73
CA LEU A 392 -25.86 14.51 18.58
C LEU A 392 -26.22 14.72 20.03
N SER A 393 -26.72 15.90 20.38
CA SER A 393 -27.06 16.19 21.76
C SER A 393 -28.18 15.30 22.29
N MET A 394 -28.99 14.72 21.41
CA MET A 394 -30.08 13.86 21.84
C MET A 394 -29.61 12.68 22.68
N PHE A 395 -28.32 12.32 22.60
CA PHE A 395 -27.86 11.16 23.38
C PHE A 395 -27.54 11.49 24.83
N LYS A 396 -27.72 12.74 25.25
CA LYS A 396 -27.81 13.10 26.67
C LYS A 396 -28.71 12.13 27.44
N GLN A 397 -29.73 11.59 26.80
CA GLN A 397 -30.65 10.70 27.49
C GLN A 397 -30.23 9.25 27.37
N PHE A 398 -28.99 8.98 26.93
CA PHE A 398 -28.49 7.62 26.77
C PHE A 398 -27.13 7.49 27.44
N LYS A 399 -26.90 8.32 28.45
CA LYS A 399 -25.63 8.33 29.17
C LYS A 399 -25.31 6.95 29.75
N ARG A 400 -26.32 6.15 30.08
CA ARG A 400 -26.10 4.78 30.55
C ARG A 400 -25.45 3.88 29.48
N LEU A 401 -25.59 4.23 28.20
CA LEU A 401 -25.18 3.33 27.13
C LEU A 401 -23.66 3.24 27.00
N LYS A 402 -23.17 2.05 26.67
CA LYS A 402 -21.75 1.79 26.46
C LYS A 402 -21.30 2.18 25.07
N VAL A 403 -22.06 1.84 24.04
CA VAL A 403 -21.73 2.15 22.64
C VAL A 403 -22.95 2.72 21.97
N ILE A 404 -22.81 3.91 21.37
CA ILE A 404 -23.80 4.46 20.45
C ILE A 404 -23.16 4.44 19.07
N ASP A 405 -23.64 3.56 18.20
CA ASP A 405 -22.99 3.24 16.93
C ASP A 405 -23.78 3.82 15.76
N LEU A 406 -23.27 4.92 15.20
CA LEU A 406 -23.80 5.52 13.98
C LEU A 406 -22.80 5.38 12.83
N SER A 407 -22.01 4.33 12.88
CA SER A 407 -21.02 4.04 11.84
C SER A 407 -21.61 3.93 10.43
N VAL A 408 -20.95 4.54 9.47
CA VAL A 408 -21.32 4.41 8.06
C VAL A 408 -22.69 5.01 7.82
N ASN A 409 -22.78 6.32 7.98
CA ASN A 409 -23.99 7.06 7.67
C ASN A 409 -23.58 8.29 6.85
N LYS A 410 -24.50 9.20 6.60
CA LYS A 410 -24.23 10.39 5.79
C LYS A 410 -24.34 11.66 6.62
N ILE A 411 -24.10 11.57 7.93
CA ILE A 411 -24.39 12.68 8.83
C ILE A 411 -23.45 13.85 8.53
N SER A 412 -24.01 15.05 8.48
CA SER A 412 -23.29 16.27 8.15
C SER A 412 -23.96 17.43 8.87
N PRO A 413 -23.29 18.59 8.97
CA PRO A 413 -24.03 19.79 9.41
C PRO A 413 -24.86 20.45 8.31
N VAL A 437 -17.64 -6.09 18.58
CA VAL A 437 -17.50 -5.55 17.24
C VAL A 437 -17.81 -6.64 16.21
N LEU A 438 -18.76 -6.36 15.31
CA LEU A 438 -19.11 -7.29 14.24
C LEU A 438 -18.11 -7.17 13.10
N GLU A 439 -17.76 -8.31 12.50
CA GLU A 439 -16.89 -8.35 11.34
C GLU A 439 -17.46 -7.52 10.18
N GLN A 440 -16.57 -7.08 9.28
CA GLN A 440 -17.00 -6.31 8.11
C GLN A 440 -17.84 -7.19 7.18
N LEU A 441 -17.62 -8.49 7.25
CA LEU A 441 -18.54 -9.52 6.80
C LEU A 441 -19.52 -9.90 7.92
N TYR A 442 -20.80 -9.56 7.80
CA TYR A 442 -21.62 -9.95 8.93
C TYR A 442 -23.07 -10.24 8.54
N TYR A 443 -23.80 -9.23 8.09
CA TYR A 443 -25.21 -9.45 7.80
C TYR A 443 -25.42 -9.98 6.38
N PHE A 444 -24.43 -9.85 5.51
CA PHE A 444 -24.60 -10.36 4.16
C PHE A 444 -23.78 -11.61 3.85
N ARG A 445 -22.83 -11.98 4.71
CA ARG A 445 -22.15 -13.27 4.58
C ARG A 445 -23.14 -14.44 4.48
N TYR A 446 -22.79 -15.43 3.66
CA TYR A 446 -23.63 -16.62 3.50
C TYR A 446 -23.74 -17.41 4.81
N ASP A 447 -22.62 -17.70 5.45
CA ASP A 447 -22.66 -18.45 6.71
C ASP A 447 -21.68 -17.80 7.68
N LYS A 448 -22.21 -16.92 8.54
CA LYS A 448 -21.39 -16.25 9.56
C LYS A 448 -20.60 -17.26 10.40
N TYR A 449 -21.13 -18.46 10.61
CA TYR A 449 -20.50 -19.44 11.50
C TYR A 449 -19.82 -20.57 10.74
N ALA A 450 -19.53 -20.36 9.45
CA ALA A 450 -18.84 -21.39 8.68
C ALA A 450 -17.45 -21.56 9.25
N ARG A 451 -17.04 -22.82 9.46
CA ARG A 451 -15.75 -23.11 10.05
C ARG A 451 -14.73 -23.39 8.96
N SER A 452 -13.50 -22.96 9.20
CA SER A 452 -12.41 -23.18 8.28
C SER A 452 -11.63 -24.41 8.72
N CYS A 453 -10.96 -25.01 7.76
CA CYS A 453 -10.07 -26.11 8.04
C CYS A 453 -8.99 -25.70 9.05
N SER A 468 -9.36 -0.97 19.86
CA SER A 468 -10.74 -0.48 20.01
C SER A 468 -10.89 0.26 21.35
N CYS A 469 -11.80 1.22 21.40
CA CYS A 469 -11.90 2.11 22.55
C CYS A 469 -13.11 1.85 23.45
N TYR A 470 -13.85 0.77 23.23
CA TYR A 470 -15.01 0.50 24.08
C TYR A 470 -14.61 0.41 25.55
N LYS A 471 -13.42 -0.13 25.84
CA LYS A 471 -12.94 -0.27 27.22
C LYS A 471 -12.94 1.05 28.00
N TYR A 472 -12.79 2.18 27.31
CA TYR A 472 -12.65 3.45 28.01
C TYR A 472 -13.97 3.98 28.59
N GLY A 473 -15.11 3.41 28.21
CA GLY A 473 -16.38 3.93 28.70
C GLY A 473 -17.31 4.26 27.55
N GLN A 474 -18.22 5.19 27.77
CA GLN A 474 -19.25 5.51 26.77
C GLN A 474 -18.63 5.95 25.44
N THR A 475 -19.01 5.27 24.37
CA THR A 475 -18.47 5.51 23.05
C THR A 475 -19.57 5.97 22.09
N LEU A 476 -19.29 7.04 21.37
CA LEU A 476 -20.12 7.54 20.30
C LEU A 476 -19.35 7.33 19.00
N ASP A 477 -19.74 6.31 18.22
CA ASP A 477 -19.04 5.96 16.99
C ASP A 477 -19.73 6.67 15.84
N LEU A 478 -19.07 7.72 15.31
CA LEU A 478 -19.54 8.39 14.11
C LEU A 478 -18.57 8.19 12.95
N SER A 479 -17.88 7.05 12.94
CA SER A 479 -16.90 6.83 11.89
C SER A 479 -17.56 6.62 10.52
N LYS A 480 -16.84 7.00 9.47
CA LYS A 480 -17.27 6.89 8.08
C LYS A 480 -18.61 7.60 7.84
N ASN A 481 -18.69 8.85 8.26
CA ASN A 481 -19.82 9.73 7.98
C ASN A 481 -19.35 10.87 7.09
N SER A 482 -20.20 11.87 6.93
CA SER A 482 -19.91 12.98 6.03
C SER A 482 -19.76 14.29 6.78
N ILE A 483 -19.18 14.24 7.98
CA ILE A 483 -18.91 15.45 8.75
C ILE A 483 -17.70 16.14 8.14
N PHE A 484 -17.89 17.36 7.61
CA PHE A 484 -16.79 18.13 7.04
C PHE A 484 -16.34 19.28 7.94
N PHE A 485 -17.10 19.64 8.97
CA PHE A 485 -16.73 20.75 9.84
C PHE A 485 -17.35 20.56 11.21
N ILE A 486 -16.55 20.77 12.25
CA ILE A 486 -17.05 20.63 13.62
C ILE A 486 -16.89 21.96 14.36
N LYS A 487 -17.89 22.26 15.18
CA LYS A 487 -17.89 23.34 16.15
C LYS A 487 -18.15 22.77 17.53
N SER A 488 -17.95 23.61 18.53
CA SER A 488 -18.16 23.19 19.92
C SER A 488 -19.60 22.76 20.17
N SER A 489 -20.57 23.52 19.70
CA SER A 489 -21.97 23.26 19.98
C SER A 489 -22.45 21.93 19.40
N ASP A 490 -21.69 21.36 18.46
CA ASP A 490 -22.03 20.04 17.92
C ASP A 490 -22.07 18.98 19.00
N PHE A 491 -21.33 19.18 20.09
CA PHE A 491 -21.19 18.20 21.16
C PHE A 491 -21.88 18.66 22.44
N GLN A 492 -22.84 19.57 22.34
CA GLN A 492 -23.46 20.10 23.54
C GLN A 492 -24.20 18.98 24.27
N HIS A 493 -24.11 19.01 25.59
CA HIS A 493 -24.72 18.05 26.50
C HIS A 493 -24.10 16.66 26.45
N LEU A 494 -22.95 16.48 25.77
CA LEU A 494 -22.33 15.17 25.66
C LEU A 494 -21.09 15.02 26.53
N SER A 495 -20.96 15.80 27.61
CA SER A 495 -19.71 15.77 28.36
C SER A 495 -19.44 14.40 28.98
N PHE A 496 -20.41 13.50 29.01
CA PHE A 496 -20.16 12.20 29.62
C PHE A 496 -19.34 11.27 28.74
N LEU A 497 -19.12 11.63 27.47
CA LEU A 497 -18.45 10.71 26.56
C LEU A 497 -17.02 10.47 27.00
N LYS A 498 -16.61 9.22 26.95
CA LYS A 498 -15.23 8.82 27.17
C LYS A 498 -14.48 8.53 25.87
N CYS A 499 -15.15 8.00 24.83
CA CYS A 499 -14.49 7.79 23.55
C CYS A 499 -15.36 8.28 22.40
N LEU A 500 -14.76 9.04 21.48
CA LEU A 500 -15.43 9.51 20.28
C LEU A 500 -14.67 9.02 19.06
N ASN A 501 -15.35 8.36 18.13
CA ASN A 501 -14.75 7.89 16.88
C ASN A 501 -15.26 8.75 15.74
N LEU A 502 -14.40 9.62 15.22
CA LEU A 502 -14.67 10.45 14.06
C LEU A 502 -13.86 9.97 12.88
N SER A 503 -13.36 8.74 12.97
CA SER A 503 -12.53 8.21 11.89
C SER A 503 -13.25 8.24 10.56
N GLY A 504 -12.53 8.63 9.52
CA GLY A 504 -13.09 8.50 8.19
C GLY A 504 -14.22 9.46 7.91
N ASN A 505 -14.14 10.67 8.41
CA ASN A 505 -15.04 11.70 7.96
C ASN A 505 -14.33 12.54 6.88
N LEU A 506 -14.78 13.76 6.69
CA LEU A 506 -14.22 14.65 5.69
C LEU A 506 -13.81 15.96 6.34
N ILE A 507 -13.26 15.88 7.54
CA ILE A 507 -12.95 17.06 8.32
C ILE A 507 -11.66 17.64 7.80
N SER A 508 -11.75 18.78 7.13
CA SER A 508 -10.62 19.45 6.50
C SER A 508 -10.57 20.83 7.11
N GLN A 509 -10.03 20.91 8.32
CA GLN A 509 -10.26 22.03 9.22
C GLN A 509 -8.97 22.27 10.01
N THR A 510 -8.68 23.53 10.30
CA THR A 510 -7.64 23.86 11.26
C THR A 510 -8.29 23.94 12.63
N LEU A 511 -7.87 23.08 13.55
CA LEU A 511 -8.41 23.09 14.90
C LEU A 511 -7.61 24.04 15.77
N ASN A 512 -8.30 24.89 16.53
CA ASN A 512 -7.62 25.83 17.44
C ASN A 512 -8.09 25.68 18.88
N GLY A 513 -8.51 24.47 19.26
CA GLY A 513 -8.85 24.18 20.64
C GLY A 513 -10.25 24.56 21.05
N SER A 514 -11.08 25.04 20.14
CA SER A 514 -12.46 25.41 20.46
C SER A 514 -13.49 24.38 20.02
N GLU A 515 -13.09 23.38 19.23
CA GLU A 515 -14.07 22.57 18.53
C GLU A 515 -14.68 21.48 19.41
N PHE A 516 -14.01 21.04 20.48
CA PHE A 516 -14.50 19.94 21.28
C PHE A 516 -14.84 20.37 22.70
N GLN A 517 -15.01 21.67 22.95
CA GLN A 517 -15.02 22.14 24.34
C GLN A 517 -15.98 21.39 25.26
N PRO A 518 -17.18 20.96 24.83
CA PRO A 518 -18.05 20.24 25.78
C PRO A 518 -17.54 18.88 26.23
N LEU A 519 -16.56 18.28 25.56
CA LEU A 519 -16.24 16.87 25.83
C LEU A 519 -15.17 16.76 26.93
N ALA A 520 -15.58 17.16 28.13
CA ALA A 520 -14.65 17.32 29.25
C ALA A 520 -14.17 16.00 29.85
N GLU A 521 -14.80 14.87 29.54
CA GLU A 521 -14.34 13.60 30.09
C GLU A 521 -13.70 12.68 29.04
N LEU A 522 -13.58 13.13 27.80
CA LEU A 522 -13.06 12.31 26.71
C LEU A 522 -11.67 11.79 27.01
N ARG A 523 -11.50 10.47 26.90
CA ARG A 523 -10.21 9.82 27.08
C ARG A 523 -9.56 9.37 25.77
N TYR A 524 -10.36 9.15 24.73
CA TYR A 524 -9.89 8.61 23.45
C TYR A 524 -10.60 9.35 22.32
N LEU A 525 -9.84 9.97 21.43
CA LEU A 525 -10.37 10.56 20.21
C LEU A 525 -9.72 9.85 19.03
N ASP A 526 -10.54 9.20 18.21
CA ASP A 526 -10.08 8.61 16.96
C ASP A 526 -10.39 9.66 15.89
N PHE A 527 -9.36 10.36 15.44
CA PHE A 527 -9.48 11.37 14.40
C PHE A 527 -8.85 10.90 13.09
N SER A 528 -8.55 9.61 12.97
CA SER A 528 -7.85 9.15 11.79
C SER A 528 -8.72 9.29 10.51
N ASN A 529 -8.04 9.30 9.36
CA ASN A 529 -8.70 9.39 8.06
C ASN A 529 -9.56 10.64 7.94
N ASN A 530 -8.96 11.78 8.23
CA ASN A 530 -9.58 13.06 7.95
C ASN A 530 -8.56 13.93 7.23
N ARG A 531 -8.78 15.25 7.24
CA ARG A 531 -7.81 16.19 6.71
C ARG A 531 -7.49 17.25 7.74
N LEU A 532 -6.93 16.79 8.86
CA LEU A 532 -6.53 17.70 9.93
C LEU A 532 -5.48 18.66 9.43
N ASP A 533 -5.63 19.93 9.77
CA ASP A 533 -4.65 20.95 9.43
C ASP A 533 -4.03 21.50 10.71
N LEU A 534 -2.82 21.07 11.04
CA LEU A 534 -2.14 21.50 12.26
C LEU A 534 -1.47 22.85 12.07
N LEU A 535 -2.27 23.83 11.69
CA LEU A 535 -1.80 25.21 11.62
C LEU A 535 -1.52 25.76 13.01
N HIS A 536 -2.29 25.35 14.02
CA HIS A 536 -2.18 25.87 15.38
C HIS A 536 -1.76 24.78 16.34
N SER A 537 -0.78 25.07 17.18
CA SER A 537 -0.38 24.08 18.18
C SER A 537 -1.39 23.95 19.32
N THR A 538 -2.43 24.76 19.36
CA THR A 538 -3.46 24.59 20.37
C THR A 538 -4.50 23.55 20.01
N ALA A 539 -4.35 22.86 18.87
CA ALA A 539 -5.35 21.88 18.48
C ALA A 539 -5.49 20.81 19.56
N PHE A 540 -6.73 20.45 19.85
CA PHE A 540 -7.09 19.40 20.81
C PHE A 540 -6.85 19.76 22.26
N GLU A 541 -6.33 20.95 22.57
CA GLU A 541 -5.99 21.23 23.95
C GLU A 541 -7.22 21.34 24.83
N GLU A 542 -8.41 21.56 24.27
CA GLU A 542 -9.56 21.58 25.15
C GLU A 542 -9.87 20.21 25.72
N LEU A 543 -9.32 19.14 25.14
CA LEU A 543 -9.61 17.78 25.59
C LEU A 543 -8.72 17.39 26.76
N ARG A 544 -9.00 18.02 27.91
CA ARG A 544 -8.10 18.01 29.07
C ARG A 544 -7.83 16.63 29.65
N LYS A 545 -8.73 15.68 29.45
CA LYS A 545 -8.54 14.34 30.00
C LYS A 545 -8.08 13.33 28.93
N LEU A 546 -7.68 13.82 27.75
CA LEU A 546 -7.36 12.95 26.62
C LEU A 546 -6.14 12.09 26.90
N GLU A 547 -6.32 10.76 26.83
CA GLU A 547 -5.21 9.82 27.00
C GLU A 547 -4.71 9.21 25.70
N VAL A 548 -5.58 9.02 24.72
CA VAL A 548 -5.18 8.42 23.45
C VAL A 548 -5.71 9.30 22.33
N LEU A 549 -4.85 9.67 21.40
CA LEU A 549 -5.25 10.47 20.25
C LEU A 549 -4.69 9.84 18.98
N ASP A 550 -5.56 9.56 18.03
CA ASP A 550 -5.13 9.01 16.74
C ASP A 550 -5.42 10.02 15.64
N ILE A 551 -4.37 10.57 15.04
CA ILE A 551 -4.54 11.44 13.88
C ILE A 551 -3.83 10.81 12.69
N SER A 552 -3.84 9.47 12.64
CA SER A 552 -3.26 8.76 11.50
C SER A 552 -4.05 9.03 10.21
N SER A 553 -3.37 8.88 9.09
CA SER A 553 -4.02 8.97 7.78
C SER A 553 -4.73 10.31 7.65
N ASN A 554 -4.01 11.36 8.04
CA ASN A 554 -4.40 12.74 7.80
C ASN A 554 -3.31 13.39 6.95
N SER A 555 -2.92 12.71 5.87
CA SER A 555 -1.77 13.09 5.05
C SER A 555 -2.03 14.29 4.16
N HIS A 556 -3.29 14.65 3.92
CA HIS A 556 -3.64 15.66 2.92
C HIS A 556 -2.81 16.94 3.04
N TYR A 557 -2.89 17.62 4.18
CA TYR A 557 -2.15 18.85 4.32
C TYR A 557 -0.65 18.62 4.51
N PHE A 558 -0.23 17.42 4.94
CA PHE A 558 1.20 17.13 4.98
C PHE A 558 1.78 16.91 3.59
N GLN A 559 0.98 16.52 2.61
CA GLN A 559 1.59 16.34 1.30
C GLN A 559 1.67 17.65 0.53
N SER A 560 1.29 18.78 1.14
CA SER A 560 1.41 20.07 0.48
C SER A 560 2.69 20.72 0.93
N GLU A 561 3.58 20.94 -0.06
CA GLU A 561 4.81 21.68 0.03
C GLU A 561 4.65 23.04 0.72
N GLY A 562 5.46 23.28 1.74
CA GLY A 562 5.66 24.63 2.23
C GLY A 562 4.58 25.12 3.16
N ILE A 563 3.51 24.35 3.32
CA ILE A 563 2.43 24.67 4.25
C ILE A 563 2.96 24.52 5.68
N THR A 564 2.44 25.31 6.61
CA THR A 564 2.85 25.20 8.01
C THR A 564 2.27 23.93 8.66
N HIS A 565 3.08 23.26 9.50
CA HIS A 565 2.65 22.09 10.26
C HIS A 565 3.21 22.18 11.67
N MET A 566 2.34 22.24 12.66
CA MET A 566 2.74 22.40 14.06
C MET A 566 2.72 21.05 14.76
N LEU A 567 3.86 20.34 14.75
CA LEU A 567 3.92 19.08 15.47
C LEU A 567 4.12 19.22 16.97
N ASN A 568 4.37 20.42 17.48
CA ASN A 568 4.53 20.58 18.92
C ASN A 568 3.21 20.78 19.65
N PHE A 569 2.09 20.47 19.02
CA PHE A 569 0.79 20.54 19.68
C PHE A 569 0.68 19.55 20.85
N THR A 570 1.65 18.65 21.02
CA THR A 570 1.60 17.67 22.10
C THR A 570 1.75 18.28 23.48
N LYS A 571 2.38 19.46 23.58
CA LYS A 571 2.76 20.02 24.87
C LYS A 571 1.55 20.33 25.75
N ASN A 572 0.43 20.73 25.16
CA ASN A 572 -0.74 21.13 25.93
C ASN A 572 -1.56 19.94 26.45
N LEU A 573 -1.23 18.72 26.07
CA LEU A 573 -2.05 17.56 26.41
C LEU A 573 -1.41 16.83 27.58
N LYS A 574 -1.84 17.17 28.81
CA LYS A 574 -1.06 16.85 30.00
C LYS A 574 -1.25 15.43 30.50
N VAL A 575 -2.28 14.72 30.05
CA VAL A 575 -2.41 13.33 30.41
C VAL A 575 -2.33 12.42 29.20
N LEU A 576 -1.87 12.96 28.07
CA LEU A 576 -1.79 12.18 26.84
C LEU A 576 -0.77 11.07 27.02
N GLN A 577 -1.18 9.83 26.79
CA GLN A 577 -0.28 8.70 26.90
C GLN A 577 0.11 8.09 25.56
N LYS A 578 -0.80 8.10 24.58
CA LYS A 578 -0.56 7.42 23.32
C LYS A 578 -1.00 8.32 22.18
N LEU A 579 -0.12 8.45 21.20
CA LEU A 579 -0.29 9.30 20.04
C LEU A 579 0.04 8.47 18.81
N MET A 580 -0.92 8.33 17.91
CA MET A 580 -0.73 7.63 16.64
C MET A 580 -0.84 8.63 15.50
N MET A 581 0.23 8.82 14.75
CA MET A 581 0.18 9.68 13.58
C MET A 581 0.82 8.97 12.41
N ASN A 582 0.33 7.75 12.18
CA ASN A 582 0.80 6.91 11.09
C ASN A 582 0.29 7.39 9.75
N ASP A 583 1.04 7.06 8.69
CA ASP A 583 0.61 7.22 7.30
C ASP A 583 0.16 8.65 7.00
N ASN A 584 0.88 9.60 7.56
CA ASN A 584 0.62 11.00 7.32
C ASN A 584 1.58 11.59 6.30
N ASP A 585 2.54 10.81 5.81
CA ASP A 585 3.52 11.28 4.82
C ASP A 585 4.25 12.53 5.34
N ILE A 586 4.48 12.60 6.67
CA ILE A 586 5.13 13.80 7.18
C ILE A 586 6.56 13.87 6.65
N SER A 587 6.87 14.98 6.02
CA SER A 587 8.19 15.19 5.44
C SER A 587 8.78 16.54 5.81
N SER A 588 8.07 17.37 6.56
CA SER A 588 8.48 18.71 6.91
C SER A 588 7.77 19.05 8.19
N SER A 589 8.33 20.00 8.94
CA SER A 589 7.68 20.40 10.19
C SER A 589 8.13 21.81 10.53
N THR A 590 7.17 22.68 10.86
CA THR A 590 7.55 24.04 11.19
C THR A 590 8.22 24.09 12.55
N SER A 591 7.77 23.27 13.49
CA SER A 591 8.40 23.10 14.78
C SER A 591 9.45 22.01 14.74
N ARG A 592 10.51 22.20 15.53
CA ARG A 592 11.66 21.33 15.44
C ARG A 592 11.71 20.29 16.55
N THR A 593 10.82 20.39 17.54
CA THR A 593 10.75 19.42 18.62
C THR A 593 9.30 19.21 19.03
N MET A 594 8.93 17.96 19.26
CA MET A 594 7.68 17.65 19.94
C MET A 594 7.97 17.49 21.43
N GLU A 595 7.00 17.89 22.25
CA GLU A 595 7.21 17.96 23.69
C GLU A 595 6.03 17.36 24.45
N SER A 596 6.35 16.57 25.46
CA SER A 596 5.31 16.05 26.33
C SER A 596 5.94 15.57 27.62
N GLU A 597 5.29 15.87 28.73
CA GLU A 597 5.66 15.27 29.99
C GLU A 597 4.85 14.01 30.28
N SER A 598 3.94 13.64 29.40
CA SER A 598 3.08 12.51 29.66
C SER A 598 3.20 11.38 28.67
N LEU A 599 3.47 11.69 27.40
CA LEU A 599 3.37 10.70 26.33
C LEU A 599 4.34 9.54 26.55
N ARG A 600 3.82 8.30 26.44
CA ARG A 600 4.66 7.11 26.55
C ARG A 600 4.80 6.31 25.27
N THR A 601 3.85 6.43 24.33
CA THR A 601 3.86 5.70 23.05
C THR A 601 3.60 6.64 21.89
N LEU A 602 4.48 6.63 20.89
CA LEU A 602 4.30 7.42 19.67
C LEU A 602 4.44 6.50 18.47
N GLU A 603 3.37 6.34 17.69
CA GLU A 603 3.42 5.62 16.43
C GLU A 603 3.61 6.65 15.32
N PHE A 604 4.75 6.55 14.63
CA PHE A 604 5.15 7.50 13.59
C PHE A 604 5.44 6.77 12.28
N ARG A 605 4.71 5.69 12.05
CA ARG A 605 4.95 4.81 10.92
C ARG A 605 4.35 5.39 9.63
N GLY A 606 5.05 5.18 8.50
CA GLY A 606 4.50 5.63 7.24
C GLY A 606 4.64 7.13 7.02
N ASN A 607 5.79 7.70 7.38
CA ASN A 607 6.05 9.12 7.20
C ASN A 607 7.36 9.21 6.42
N HIS A 608 7.99 10.37 6.45
CA HIS A 608 9.21 10.56 5.69
C HIS A 608 10.30 11.16 6.55
N LEU A 609 10.65 10.47 7.65
CA LEU A 609 11.81 10.92 8.43
C LEU A 609 13.09 10.91 7.60
N ASP A 610 13.14 10.13 6.52
CA ASP A 610 14.30 10.16 5.66
C ASP A 610 14.47 11.54 5.04
N VAL A 611 13.36 12.22 4.74
CA VAL A 611 13.44 13.58 4.22
C VAL A 611 13.77 14.56 5.34
N LEU A 612 13.01 14.48 6.44
CA LEU A 612 13.26 15.32 7.62
C LEU A 612 14.69 15.23 8.09
N TRP A 613 15.25 14.03 8.08
CA TRP A 613 16.61 13.79 8.53
C TRP A 613 17.60 13.76 7.39
N ARG A 614 17.28 14.42 6.27
CA ARG A 614 18.17 14.41 5.12
C ARG A 614 19.59 14.75 5.53
N ASP A 615 20.54 13.96 5.03
CA ASP A 615 21.92 14.11 5.46
C ASP A 615 22.40 15.54 5.19
N GLY A 616 22.89 16.20 6.26
CA GLY A 616 23.24 17.60 6.21
C GLY A 616 22.25 18.54 6.86
N ASP A 617 21.02 18.09 7.09
CA ASP A 617 20.00 18.91 7.74
C ASP A 617 19.91 18.44 9.18
N ASN A 618 20.37 19.28 10.10
CA ASN A 618 20.40 18.95 11.52
C ASN A 618 19.14 19.32 12.26
N ARG A 619 18.22 20.04 11.63
CA ARG A 619 17.20 20.74 12.41
C ARG A 619 16.21 19.82 13.13
N TYR A 620 16.03 18.57 12.67
CA TYR A 620 15.00 17.74 13.28
C TYR A 620 15.56 16.51 14.00
N LEU A 621 16.87 16.47 14.27
CA LEU A 621 17.45 15.31 14.90
C LEU A 621 17.06 15.17 16.37
N GLN A 622 16.39 16.15 16.95
CA GLN A 622 15.90 15.99 18.31
C GLN A 622 14.40 16.17 18.35
N LEU A 623 13.74 15.81 17.23
CA LEU A 623 12.29 15.91 17.12
C LEU A 623 11.58 15.21 18.29
N PHE A 624 12.10 14.06 18.74
CA PHE A 624 11.44 13.30 19.79
C PHE A 624 12.12 13.42 21.16
N LYS A 625 13.24 14.16 21.25
CA LYS A 625 14.07 14.16 22.46
C LYS A 625 13.31 14.62 23.70
N ASN A 626 12.42 15.59 23.55
CA ASN A 626 11.72 16.14 24.69
C ASN A 626 10.38 15.48 24.93
N LEU A 627 10.19 14.26 24.44
CA LEU A 627 9.09 13.43 24.89
C LEU A 627 9.62 12.58 26.03
N LEU A 628 9.68 13.20 27.21
CA LEU A 628 10.54 12.71 28.28
C LEU A 628 10.11 11.36 28.83
N LYS A 629 8.81 11.06 28.80
CA LYS A 629 8.37 9.78 29.31
C LYS A 629 8.16 8.75 28.22
N LEU A 630 8.50 9.07 26.97
CA LEU A 630 8.32 8.16 25.86
C LEU A 630 9.06 6.86 26.07
N GLU A 631 8.33 5.76 26.03
CA GLU A 631 8.91 4.43 26.12
C GLU A 631 8.88 3.64 24.81
N GLU A 632 7.93 3.90 23.93
CA GLU A 632 7.77 3.12 22.70
C GLU A 632 7.68 4.03 21.48
N LEU A 633 8.53 3.79 20.48
CA LEU A 633 8.57 4.60 19.27
C LEU A 633 8.53 3.67 18.06
N ASP A 634 7.50 3.84 17.21
CA ASP A 634 7.41 3.13 15.94
C ASP A 634 7.78 4.11 14.82
N ILE A 635 8.95 3.90 14.22
CA ILE A 635 9.30 4.66 13.03
C ILE A 635 9.69 3.70 11.93
N SER A 636 8.96 2.59 11.87
CA SER A 636 8.99 1.73 10.70
C SER A 636 8.40 2.48 9.50
N LYS A 637 8.67 1.94 8.30
CA LYS A 637 8.10 2.48 7.06
C LYS A 637 8.32 3.98 6.94
N ASN A 638 9.56 4.42 7.17
CA ASN A 638 9.90 5.84 7.01
C ASN A 638 10.99 6.02 5.97
N SER A 639 11.21 5.00 5.12
CA SER A 639 12.17 5.10 4.03
C SER A 639 13.57 5.43 4.53
N LEU A 640 13.89 5.00 5.74
CA LEU A 640 15.20 5.27 6.32
C LEU A 640 16.17 4.19 5.87
N SER A 641 16.78 4.38 4.71
CA SER A 641 17.78 3.41 4.25
C SER A 641 19.11 3.53 5.01
N PHE A 642 19.33 4.65 5.69
CA PHE A 642 20.44 4.83 6.60
C PHE A 642 19.96 5.74 7.72
N LEU A 643 20.65 5.67 8.87
CA LEU A 643 20.35 6.55 9.97
C LEU A 643 21.41 7.62 10.11
N PRO A 644 21.07 8.89 9.95
CA PRO A 644 22.07 9.96 10.13
C PRO A 644 22.62 9.90 11.54
N SER A 645 23.89 10.27 11.68
CA SER A 645 24.45 10.37 13.02
C SER A 645 23.75 11.51 13.74
N GLY A 646 23.43 11.25 14.99
CA GLY A 646 22.63 12.16 15.78
C GLY A 646 21.24 11.64 16.10
N VAL A 647 20.71 10.73 15.27
CA VAL A 647 19.37 10.20 15.50
C VAL A 647 19.30 9.49 16.85
N PHE A 648 20.32 8.69 17.17
CA PHE A 648 20.26 7.93 18.42
C PHE A 648 20.50 8.84 19.63
N ASP A 649 21.47 9.72 19.54
CA ASP A 649 21.62 10.74 20.56
C ASP A 649 20.34 11.56 20.74
N GLY A 650 19.56 11.74 19.67
CA GLY A 650 18.35 12.53 19.78
C GLY A 650 17.15 11.82 20.37
N MET A 651 17.24 10.53 20.65
CA MET A 651 16.09 9.84 21.19
C MET A 651 15.85 10.27 22.62
N PRO A 652 14.62 10.25 23.08
CA PRO A 652 14.35 10.53 24.50
C PRO A 652 14.98 9.47 25.39
N PRO A 653 15.21 9.78 26.66
CA PRO A 653 16.07 8.90 27.47
C PRO A 653 15.41 7.63 27.97
N ASN A 654 14.09 7.51 27.97
CA ASN A 654 13.49 6.30 28.51
C ASN A 654 12.99 5.37 27.42
N LEU A 655 13.46 5.53 26.20
CA LEU A 655 12.95 4.73 25.10
C LEU A 655 13.29 3.26 25.33
N LYS A 656 12.24 2.40 25.32
CA LYS A 656 12.34 0.97 25.57
C LYS A 656 12.13 0.09 24.35
N ASN A 657 11.11 0.38 23.53
N ASN A 657 11.10 0.36 23.55
CA ASN A 657 10.75 -0.40 22.36
CA ASN A 657 10.74 -0.41 22.37
C ASN A 657 10.92 0.50 21.14
C ASN A 657 10.92 0.49 21.15
N LEU A 658 11.86 0.15 20.27
CA LEU A 658 12.12 0.95 19.06
C LEU A 658 11.96 0.07 17.84
N SER A 659 11.08 0.46 16.92
CA SER A 659 10.87 -0.26 15.67
C SER A 659 11.45 0.54 14.51
N LEU A 660 12.42 -0.05 13.82
CA LEU A 660 12.91 0.54 12.58
C LEU A 660 12.62 -0.39 11.42
N ALA A 661 11.55 -1.19 11.54
CA ALA A 661 11.20 -2.19 10.54
C ALA A 661 10.84 -1.55 9.21
N LYS A 662 10.97 -2.33 8.13
CA LYS A 662 10.43 -1.96 6.83
C LYS A 662 10.91 -0.58 6.40
N ASN A 663 12.21 -0.37 6.50
CA ASN A 663 12.80 0.90 6.14
C ASN A 663 13.73 0.81 4.96
N GLY A 664 13.99 -0.38 4.45
CA GLY A 664 15.03 -0.51 3.46
C GLY A 664 16.40 -0.19 4.00
N LEU A 665 16.60 -0.30 5.32
CA LEU A 665 17.91 -0.06 5.93
C LEU A 665 18.96 -1.00 5.38
N LYS A 666 20.05 -0.44 4.87
CA LYS A 666 21.09 -1.28 4.31
C LYS A 666 22.38 -1.25 5.12
N SER A 667 22.42 -0.47 6.22
CA SER A 667 23.58 -0.42 7.09
C SER A 667 23.14 0.07 8.45
N PHE A 668 23.92 -0.28 9.47
CA PHE A 668 23.53 0.05 10.84
C PHE A 668 24.78 0.08 11.67
N ILE A 669 25.07 1.22 12.29
CA ILE A 669 26.20 1.33 13.20
C ILE A 669 25.73 0.81 14.55
N TRP A 670 25.99 -0.48 14.81
CA TRP A 670 25.46 -1.13 16.00
C TRP A 670 25.92 -0.43 17.27
N GLU A 671 27.12 0.16 17.27
CA GLU A 671 27.62 0.83 18.46
C GLU A 671 26.72 1.98 18.86
N LYS A 672 26.02 2.58 17.91
CA LYS A 672 25.12 3.67 18.27
C LYS A 672 24.03 3.25 19.26
N LEU A 673 23.80 1.97 19.48
CA LEU A 673 22.82 1.58 20.48
C LEU A 673 23.22 1.97 21.91
N ARG A 674 24.50 2.25 22.14
CA ARG A 674 24.97 2.69 23.45
C ARG A 674 24.21 3.91 23.98
N TYR A 675 23.76 4.81 23.10
CA TYR A 675 23.00 5.96 23.56
C TYR A 675 21.66 5.55 24.17
N LEU A 676 21.11 4.41 23.75
CA LEU A 676 19.75 4.05 24.13
C LEU A 676 19.87 3.19 25.39
N LYS A 677 20.00 3.86 26.52
CA LYS A 677 20.39 3.14 27.72
C LYS A 677 19.24 2.37 28.34
N ASN A 678 18.01 2.59 27.91
CA ASN A 678 16.91 1.74 28.37
C ASN A 678 16.31 0.92 27.24
N LEU A 679 17.05 0.73 26.15
CA LEU A 679 16.53 -0.02 25.02
C LEU A 679 16.38 -1.47 25.41
N GLU A 680 15.17 -2.01 25.23
CA GLU A 680 14.90 -3.41 25.53
C GLU A 680 14.45 -4.22 24.33
N THR A 681 13.69 -3.62 23.40
CA THR A 681 13.23 -4.30 22.19
C THR A 681 13.70 -3.51 20.98
N LEU A 682 14.38 -4.18 20.05
CA LEU A 682 14.81 -3.57 18.79
C LEU A 682 14.24 -4.40 17.65
N ASP A 683 13.41 -3.77 16.83
CA ASP A 683 12.81 -4.42 15.67
C ASP A 683 13.47 -3.84 14.41
N LEU A 684 14.31 -4.66 13.77
CA LEU A 684 14.97 -4.31 12.53
C LEU A 684 14.49 -5.18 11.38
N SER A 685 13.30 -5.74 11.53
CA SER A 685 12.78 -6.69 10.59
C SER A 685 12.48 -6.01 9.25
N HIS A 686 12.49 -6.84 8.19
CA HIS A 686 12.20 -6.40 6.83
C HIS A 686 13.07 -5.22 6.44
N ASN A 687 14.37 -5.46 6.45
CA ASN A 687 15.33 -4.45 6.01
C ASN A 687 16.33 -5.14 5.08
N GLN A 688 17.50 -4.52 4.92
CA GLN A 688 18.53 -4.99 4.02
C GLN A 688 19.85 -5.15 4.74
N LEU A 689 19.83 -5.53 6.01
CA LEU A 689 21.08 -5.68 6.76
C LEU A 689 21.79 -6.96 6.33
N THR A 690 23.12 -6.90 6.33
CA THR A 690 23.93 -8.04 5.93
C THR A 690 24.81 -8.57 7.06
N THR A 691 24.95 -7.85 8.17
CA THR A 691 25.89 -8.21 9.22
C THR A 691 25.28 -7.93 10.58
N VAL A 692 25.72 -8.68 11.57
CA VAL A 692 25.34 -8.44 12.96
C VAL A 692 26.54 -7.82 13.67
N PRO A 693 26.40 -7.23 14.85
CA PRO A 693 27.57 -6.63 15.52
C PRO A 693 28.56 -7.71 15.92
N GLU A 694 29.83 -7.31 16.02
CA GLU A 694 30.88 -8.26 16.41
C GLU A 694 30.64 -8.81 17.82
N ARG A 695 30.11 -7.99 18.71
CA ARG A 695 29.77 -8.41 20.07
C ARG A 695 28.57 -7.59 20.50
N LEU A 696 27.39 -8.21 20.44
CA LEU A 696 26.16 -7.51 20.77
C LEU A 696 26.23 -6.91 22.16
N SER A 697 26.80 -7.64 23.12
CA SER A 697 26.86 -7.15 24.50
C SER A 697 27.61 -5.83 24.59
N ASN A 698 28.63 -5.61 23.73
CA ASN A 698 29.36 -4.35 23.68
C ASN A 698 28.58 -3.22 23.03
N CYS A 699 27.37 -3.45 22.56
CA CYS A 699 26.53 -2.41 21.94
C CYS A 699 25.37 -1.98 22.80
N SER A 700 24.84 -2.88 23.59
CA SER A 700 23.73 -2.54 24.45
C SER A 700 23.71 -3.56 25.57
N ARG A 701 23.82 -3.07 26.80
CA ARG A 701 23.67 -3.90 27.99
C ARG A 701 22.24 -4.03 28.45
N SER A 702 21.29 -3.36 27.77
CA SER A 702 19.89 -3.47 28.16
C SER A 702 19.07 -4.32 27.22
N LEU A 703 19.54 -4.55 26.00
CA LEU A 703 18.71 -5.12 24.94
C LEU A 703 18.24 -6.53 25.33
N LYS A 704 16.93 -6.73 25.34
CA LYS A 704 16.33 -8.03 25.66
C LYS A 704 15.83 -8.77 24.42
N ASN A 705 15.09 -8.11 23.54
CA ASN A 705 14.51 -8.77 22.38
C ASN A 705 15.02 -8.09 21.11
N LEU A 706 15.68 -8.87 20.27
CA LEU A 706 16.33 -8.39 19.05
C LEU A 706 15.67 -9.11 17.88
N ILE A 707 14.97 -8.35 17.06
CA ILE A 707 14.25 -8.91 15.94
C ILE A 707 15.01 -8.54 14.67
N LEU A 708 15.55 -9.54 13.99
CA LEU A 708 16.26 -9.32 12.73
C LEU A 708 15.64 -10.10 11.58
N LYS A 709 14.38 -10.53 11.71
CA LYS A 709 13.79 -11.34 10.66
C LYS A 709 13.68 -10.56 9.35
N ASN A 710 13.78 -11.30 8.24
CA ASN A 710 13.65 -10.77 6.89
C ASN A 710 14.72 -9.72 6.60
N ASN A 711 15.97 -10.17 6.66
CA ASN A 711 17.09 -9.35 6.23
C ASN A 711 18.01 -10.13 5.31
N GLN A 712 19.21 -9.64 5.08
CA GLN A 712 20.13 -10.27 4.14
C GLN A 712 21.36 -10.85 4.83
N ILE A 713 21.22 -11.28 6.08
CA ILE A 713 22.37 -11.72 6.85
C ILE A 713 22.83 -13.09 6.37
N ARG A 714 24.11 -13.22 6.04
CA ARG A 714 24.68 -14.45 5.52
C ARG A 714 25.57 -15.19 6.53
N SER A 715 26.05 -14.50 7.56
CA SER A 715 26.83 -15.17 8.59
C SER A 715 26.74 -14.38 9.90
N LEU A 716 27.05 -15.04 11.00
CA LEU A 716 27.12 -14.35 12.27
C LEU A 716 28.59 -14.05 12.57
N THR A 717 28.82 -13.01 13.35
CA THR A 717 30.18 -12.73 13.81
C THR A 717 30.67 -13.85 14.72
N LYS A 718 31.99 -13.97 14.82
CA LYS A 718 32.58 -15.02 15.63
C LYS A 718 32.06 -15.04 17.06
N TYR A 719 31.94 -13.89 17.71
CA TYR A 719 31.53 -13.87 19.12
C TYR A 719 30.22 -13.13 19.33
N PHE A 720 29.37 -13.15 18.32
CA PHE A 720 28.09 -12.45 18.30
C PHE A 720 27.45 -12.30 19.67
N LEU A 721 27.00 -13.40 20.29
CA LEU A 721 26.18 -13.31 21.50
C LEU A 721 26.97 -13.40 22.81
N GLN A 722 28.30 -13.40 22.76
CA GLN A 722 29.11 -13.59 23.97
C GLN A 722 28.76 -12.59 25.07
N ASP A 723 28.37 -13.10 26.24
CA ASP A 723 28.10 -12.30 27.43
C ASP A 723 26.90 -11.38 27.29
N ALA A 724 26.00 -11.66 26.34
CA ALA A 724 24.79 -10.88 26.18
C ALA A 724 23.75 -11.36 27.19
N PHE A 725 24.04 -11.10 28.46
CA PHE A 725 23.27 -11.77 29.51
C PHE A 725 21.86 -11.24 29.63
N GLN A 726 21.55 -10.09 29.04
CA GLN A 726 20.17 -9.62 29.13
C GLN A 726 19.28 -10.23 28.07
N LEU A 727 19.88 -10.76 27.00
CA LEU A 727 19.14 -11.21 25.83
C LEU A 727 18.18 -12.32 26.19
N ARG A 728 16.92 -12.17 25.79
CA ARG A 728 15.91 -13.20 26.05
C ARG A 728 15.14 -13.65 24.84
N TYR A 729 15.21 -12.96 23.71
CA TYR A 729 14.47 -13.30 22.49
C TYR A 729 15.26 -12.81 21.29
N LEU A 730 15.51 -13.71 20.33
CA LEU A 730 16.32 -13.42 19.15
C LEU A 730 15.65 -14.03 17.93
N ASP A 731 15.38 -13.21 16.92
CA ASP A 731 14.75 -13.68 15.69
C ASP A 731 15.72 -13.48 14.54
N LEU A 732 16.30 -14.56 14.06
CA LEU A 732 17.14 -14.53 12.87
C LEU A 732 16.46 -15.23 11.70
N SER A 733 15.16 -15.38 11.73
CA SER A 733 14.53 -16.12 10.65
C SER A 733 14.53 -15.30 9.37
N SER A 734 14.43 -16.01 8.25
CA SER A 734 14.31 -15.42 6.92
C SER A 734 15.55 -14.60 6.59
N ASN A 735 16.71 -15.20 6.78
CA ASN A 735 17.92 -14.55 6.33
C ASN A 735 18.61 -15.51 5.38
N LYS A 736 19.92 -15.37 5.21
CA LYS A 736 20.66 -16.20 4.27
C LYS A 736 21.80 -16.89 4.96
N ILE A 737 21.60 -17.29 6.21
CA ILE A 737 22.67 -17.85 7.02
C ILE A 737 22.99 -19.26 6.56
N GLN A 738 24.27 -19.52 6.33
CA GLN A 738 24.79 -20.81 5.93
C GLN A 738 25.28 -21.65 7.11
N MET A 739 25.98 -21.03 8.06
CA MET A 739 26.68 -21.74 9.12
C MET A 739 26.54 -20.96 10.41
N ILE A 740 26.44 -21.68 11.52
CA ILE A 740 26.46 -21.09 12.85
C ILE A 740 27.45 -21.89 13.66
N GLN A 741 28.46 -21.23 14.22
CA GLN A 741 29.47 -21.91 15.00
C GLN A 741 29.19 -21.70 16.48
N LYS A 742 29.78 -22.56 17.33
CA LYS A 742 29.40 -22.53 18.74
C LYS A 742 29.88 -21.24 19.40
N THR A 743 30.89 -20.60 18.85
CA THR A 743 31.40 -19.38 19.46
C THR A 743 30.42 -18.22 19.34
N SER A 744 29.57 -18.23 18.32
CA SER A 744 28.56 -17.17 18.21
C SER A 744 27.45 -17.35 19.24
N PHE A 745 27.26 -18.57 19.72
CA PHE A 745 26.10 -18.96 20.51
C PHE A 745 26.57 -19.56 21.83
N PRO A 746 27.17 -18.75 22.71
CA PRO A 746 27.68 -19.29 23.98
C PRO A 746 26.51 -19.80 24.79
N GLU A 747 26.69 -20.97 25.42
CA GLU A 747 25.48 -21.69 25.69
C GLU A 747 24.87 -21.16 27.00
N ASN A 748 25.66 -20.41 27.78
CA ASN A 748 25.11 -19.68 28.94
C ASN A 748 24.21 -18.51 28.52
N VAL A 749 24.27 -18.11 27.26
CA VAL A 749 23.33 -17.13 26.74
C VAL A 749 22.12 -17.83 26.16
N LEU A 750 22.31 -18.93 25.43
CA LEU A 750 21.15 -19.62 24.87
C LEU A 750 20.22 -20.13 25.96
N ASN A 751 20.73 -20.34 27.17
CA ASN A 751 19.94 -20.96 28.23
C ASN A 751 18.92 -20.00 28.81
N ASN A 752 19.12 -18.70 28.67
CA ASN A 752 18.13 -17.72 29.10
C ASN A 752 17.21 -17.27 27.97
N LEU A 753 17.34 -17.82 26.77
CA LEU A 753 16.49 -17.39 25.67
C LEU A 753 15.11 -18.03 25.82
N LYS A 754 14.08 -17.19 25.87
CA LYS A 754 12.72 -17.70 25.82
C LYS A 754 12.40 -18.25 24.44
N MET A 755 13.00 -17.72 23.40
CA MET A 755 12.76 -18.18 22.05
C MET A 755 13.91 -17.74 21.17
N LEU A 756 14.27 -18.58 20.21
CA LEU A 756 15.36 -18.31 19.27
C LEU A 756 14.85 -18.73 17.90
N LEU A 757 14.58 -17.78 17.02
CA LEU A 757 14.01 -18.10 15.71
C LEU A 757 15.11 -18.19 14.65
N LEU A 758 15.14 -19.31 13.93
CA LEU A 758 16.15 -19.58 12.94
C LEU A 758 15.60 -20.07 11.62
N HIS A 759 14.28 -20.20 11.47
CA HIS A 759 13.77 -20.91 10.32
C HIS A 759 13.94 -20.08 9.05
N HIS A 760 13.87 -20.77 7.92
CA HIS A 760 13.95 -20.15 6.60
C HIS A 760 15.27 -19.39 6.40
N ASN A 761 16.37 -20.11 6.58
CA ASN A 761 17.70 -19.61 6.21
C ASN A 761 18.26 -20.47 5.08
N ARG A 762 19.58 -20.47 4.89
CA ARG A 762 20.20 -21.19 3.77
C ARG A 762 21.29 -22.11 4.31
N PHE A 763 20.89 -22.96 5.25
CA PHE A 763 21.83 -23.79 6.01
C PHE A 763 22.55 -24.82 5.15
N LEU A 764 23.87 -24.91 5.35
CA LEU A 764 24.73 -25.86 4.65
C LEU A 764 25.02 -27.04 5.57
N CYS A 765 24.61 -28.24 5.16
CA CYS A 765 24.68 -29.41 6.04
C CYS A 765 25.88 -30.29 5.69
N THR A 766 27.05 -29.69 5.74
CA THR A 766 28.31 -30.37 5.51
C THR A 766 28.95 -30.75 6.85
N CYS A 767 30.06 -31.47 6.79
CA CYS A 767 30.72 -31.86 8.03
C CYS A 767 31.22 -30.67 8.82
N ASP A 768 31.32 -29.49 8.19
CA ASP A 768 31.66 -28.28 8.95
C ASP A 768 30.53 -27.87 9.88
N ALA A 769 29.29 -28.24 9.56
CA ALA A 769 28.11 -27.86 10.35
C ALA A 769 27.83 -28.81 11.51
N VAL A 770 28.79 -29.65 11.90
CA VAL A 770 28.51 -30.74 12.84
C VAL A 770 28.00 -30.21 14.18
N TRP A 771 28.63 -29.16 14.73
CA TRP A 771 28.18 -28.65 16.01
C TRP A 771 26.78 -28.11 15.93
N PHE A 772 26.46 -27.36 14.88
CA PHE A 772 25.13 -26.78 14.76
C PHE A 772 24.06 -27.86 14.64
N VAL A 773 24.28 -28.86 13.77
CA VAL A 773 23.25 -29.88 13.60
C VAL A 773 23.07 -30.66 14.90
N TRP A 774 24.17 -31.00 15.57
CA TRP A 774 24.04 -31.68 16.85
C TRP A 774 23.28 -30.82 17.85
N TRP A 775 23.65 -29.55 17.96
CA TRP A 775 23.04 -28.68 18.97
C TRP A 775 21.56 -28.46 18.71
N VAL A 776 21.16 -28.26 17.44
CA VAL A 776 19.74 -28.05 17.15
C VAL A 776 18.92 -29.25 17.62
N GLN A 777 19.40 -30.48 17.34
CA GLN A 777 18.66 -31.69 17.65
C GLN A 777 18.55 -31.92 19.16
N HIS A 778 19.53 -31.48 19.94
CA HIS A 778 19.58 -31.83 21.36
C HIS A 778 19.29 -30.67 22.30
N THR A 779 18.89 -29.52 21.78
CA THR A 779 18.74 -28.34 22.64
C THR A 779 17.32 -28.26 23.21
N GLU A 780 17.25 -27.70 24.42
CA GLU A 780 15.99 -27.39 25.09
C GLU A 780 15.38 -26.11 24.56
N VAL A 781 16.22 -25.20 24.02
CA VAL A 781 15.77 -23.87 23.59
C VAL A 781 14.64 -23.99 22.59
N THR A 782 13.62 -23.16 22.78
CA THR A 782 12.43 -23.15 21.94
C THR A 782 12.76 -22.60 20.55
N ILE A 783 12.54 -23.40 19.50
CA ILE A 783 12.84 -23.00 18.13
C ILE A 783 11.68 -23.40 17.25
N PRO A 784 10.80 -22.47 16.88
CA PRO A 784 9.65 -22.82 16.06
C PRO A 784 10.06 -23.39 14.71
N TYR A 785 9.18 -24.22 14.15
CA TYR A 785 9.25 -24.69 12.77
C TYR A 785 10.41 -25.67 12.51
N LEU A 786 11.01 -26.27 13.55
CA LEU A 786 12.06 -27.25 13.30
C LEU A 786 11.62 -28.37 12.37
N ALA A 787 10.33 -28.73 12.42
CA ALA A 787 9.76 -29.76 11.58
C ALA A 787 9.47 -29.30 10.17
N THR A 788 9.44 -28.00 9.92
CA THR A 788 8.86 -27.53 8.68
C THR A 788 9.65 -26.43 7.97
N ASP A 789 10.63 -25.79 8.62
CA ASP A 789 11.37 -24.75 7.91
C ASP A 789 12.75 -24.47 8.51
N VAL A 790 13.40 -25.46 9.10
CA VAL A 790 14.83 -25.37 9.45
C VAL A 790 15.53 -26.46 8.66
N THR A 791 15.94 -26.14 7.43
CA THR A 791 16.22 -27.17 6.43
C THR A 791 17.58 -26.91 5.77
N CYS A 792 18.15 -28.00 5.24
CA CYS A 792 19.42 -27.92 4.52
C CYS A 792 19.20 -27.43 3.10
N VAL A 793 20.07 -26.51 2.65
CA VAL A 793 19.89 -26.05 1.29
C VAL A 793 20.70 -26.96 0.37
N GLY A 794 21.60 -27.78 0.95
CA GLY A 794 22.70 -28.46 0.30
C GLY A 794 23.61 -29.05 1.39
N PRO A 795 24.65 -29.84 1.00
CA PRO A 795 25.09 -30.10 -0.37
C PRO A 795 24.28 -31.20 -1.02
N GLY A 796 23.98 -30.99 -2.31
CA GLY A 796 23.27 -31.91 -3.19
C GLY A 796 22.41 -32.97 -2.53
N ALA A 797 23.07 -33.91 -1.84
CA ALA A 797 22.37 -35.07 -1.28
C ALA A 797 21.26 -34.65 -0.32
N HIS A 798 21.57 -33.70 0.58
CA HIS A 798 20.69 -33.32 1.68
C HIS A 798 19.70 -32.22 1.35
N LYS A 799 19.64 -31.75 0.10
CA LYS A 799 18.82 -30.58 -0.20
C LYS A 799 17.36 -30.86 0.18
N GLY A 800 16.72 -29.87 0.80
CA GLY A 800 15.35 -29.99 1.24
C GLY A 800 15.16 -30.79 2.51
N GLN A 801 16.20 -31.37 3.06
CA GLN A 801 16.06 -32.19 4.26
C GLN A 801 16.03 -31.33 5.51
N SER A 802 15.31 -31.80 6.52
CA SER A 802 15.25 -31.07 7.78
C SER A 802 16.53 -31.31 8.58
N VAL A 803 17.02 -30.25 9.24
CA VAL A 803 18.22 -30.36 10.06
C VAL A 803 17.97 -31.35 11.18
N ILE A 804 16.73 -31.39 11.69
CA ILE A 804 16.41 -32.24 12.84
C ILE A 804 16.58 -33.73 12.50
N SER A 805 16.34 -34.11 11.25
CA SER A 805 16.43 -35.47 10.76
C SER A 805 17.82 -35.84 10.25
N LEU A 806 18.84 -35.03 10.50
CA LEU A 806 20.10 -35.21 9.81
C LEU A 806 21.04 -36.14 10.57
N ASP A 807 21.59 -37.11 9.86
CA ASP A 807 22.51 -38.09 10.39
C ASP A 807 23.88 -37.78 9.80
N LEU A 808 24.79 -37.30 10.64
CA LEU A 808 26.11 -36.89 10.19
C LEU A 808 27.20 -37.86 10.67
N TYR A 809 26.87 -39.14 10.81
CA TYR A 809 27.83 -40.10 11.34
C TYR A 809 29.04 -40.26 10.42
N THR A 810 28.85 -40.13 9.10
CA THR A 810 29.98 -40.19 8.18
C THR A 810 31.07 -39.18 8.53
N CYS A 811 30.69 -38.08 9.20
CA CYS A 811 31.65 -37.08 9.64
C CYS A 811 32.49 -37.53 10.82
N GLU A 812 32.16 -38.64 11.46
CA GLU A 812 32.85 -39.14 12.65
C GLU A 812 33.51 -40.50 12.48
N LEU A 813 33.62 -41.02 11.25
CA LEU A 813 34.16 -42.36 11.02
C LEU A 813 35.56 -42.56 11.62
N ALA B 5 26.01 -16.74 -34.97
CA ALA B 5 25.51 -15.43 -35.38
C ALA B 5 26.57 -14.34 -35.15
N ARG B 6 27.28 -14.39 -34.04
CA ARG B 6 28.47 -13.56 -33.82
C ARG B 6 29.70 -14.45 -33.77
N TRP B 7 30.79 -13.92 -34.30
CA TRP B 7 32.03 -14.69 -34.21
C TRP B 7 32.79 -14.35 -32.95
N PHE B 8 32.68 -13.13 -32.45
CA PHE B 8 33.43 -12.70 -31.27
C PHE B 8 32.47 -12.12 -30.24
N PRO B 9 32.14 -12.87 -29.18
CA PRO B 9 31.19 -12.38 -28.17
C PRO B 9 31.75 -11.16 -27.47
N LYS B 10 30.83 -10.24 -27.12
CA LYS B 10 31.24 -9.04 -26.39
C LYS B 10 31.32 -9.34 -24.90
N THR B 11 32.49 -9.07 -24.33
CA THR B 11 32.76 -9.32 -22.92
C THR B 11 32.76 -8.03 -22.12
N LEU B 12 32.83 -6.90 -22.79
CA LEU B 12 32.93 -5.63 -22.11
C LEU B 12 31.61 -5.32 -21.40
N PRO B 13 31.67 -4.96 -20.12
CA PRO B 13 30.43 -4.80 -19.34
C PRO B 13 29.76 -3.47 -19.57
N CYS B 14 29.88 -2.94 -20.78
CA CYS B 14 29.37 -1.63 -21.09
C CYS B 14 28.54 -1.70 -22.36
N ASP B 15 27.49 -0.90 -22.43
CA ASP B 15 26.71 -0.85 -23.65
C ASP B 15 27.49 -0.06 -24.69
N VAL B 16 27.59 -0.62 -25.89
CA VAL B 16 28.31 0.03 -26.97
C VAL B 16 27.33 0.26 -28.11
N THR B 17 27.29 1.48 -28.59
CA THR B 17 26.36 1.87 -29.64
C THR B 17 27.13 2.61 -30.72
N LEU B 18 26.65 2.50 -31.96
CA LEU B 18 27.19 3.23 -33.09
C LEU B 18 26.16 4.21 -33.62
N ASP B 19 26.55 5.46 -33.76
CA ASP B 19 25.79 6.39 -34.55
C ASP B 19 26.81 6.98 -35.53
N VAL B 20 26.97 6.30 -36.67
CA VAL B 20 27.94 6.73 -37.68
C VAL B 20 27.49 7.99 -38.40
N SER B 21 26.19 8.33 -38.37
CA SER B 21 25.77 9.62 -38.88
C SER B 21 26.52 10.70 -38.12
N LYS B 22 26.73 10.44 -36.81
CA LYS B 22 27.41 11.27 -35.82
C LYS B 22 28.87 10.87 -35.66
N ASN B 23 29.42 9.98 -36.51
CA ASN B 23 30.68 9.28 -36.28
C ASN B 23 31.01 9.25 -34.78
N HIS B 24 30.05 8.79 -33.99
CA HIS B 24 30.24 8.56 -32.56
C HIS B 24 30.25 7.07 -32.26
N VAL B 25 31.22 6.65 -31.44
CA VAL B 25 31.25 5.30 -30.86
C VAL B 25 31.06 5.46 -29.36
N ILE B 26 29.87 5.14 -28.88
CA ILE B 26 29.44 5.49 -27.54
C ILE B 26 29.55 4.28 -26.64
N VAL B 27 30.34 4.41 -25.58
CA VAL B 27 30.58 3.35 -24.60
C VAL B 27 30.05 3.84 -23.25
N ASP B 28 28.97 3.21 -22.77
CA ASP B 28 28.29 3.61 -21.54
C ASP B 28 28.49 2.54 -20.48
N CYS B 29 29.34 2.82 -19.49
CA CYS B 29 29.54 1.92 -18.35
C CYS B 29 28.89 2.44 -17.07
N THR B 30 27.80 3.18 -17.20
CA THR B 30 27.15 3.71 -16.00
C THR B 30 26.74 2.57 -15.06
N ASP B 31 27.15 2.69 -13.80
CA ASP B 31 26.60 1.86 -12.73
C ASP B 31 26.85 0.38 -13.01
N LYS B 32 28.11 0.05 -13.27
CA LYS B 32 28.49 -1.34 -13.49
C LYS B 32 29.41 -1.87 -12.38
N HIS B 33 29.40 -1.22 -11.24
CA HIS B 33 30.13 -1.68 -10.07
C HIS B 33 31.61 -1.92 -10.40
N LEU B 34 32.16 -1.04 -11.22
CA LEU B 34 33.55 -1.16 -11.66
C LEU B 34 34.48 -0.55 -10.64
N THR B 35 35.63 -1.19 -10.42
CA THR B 35 36.73 -0.61 -9.64
C THR B 35 37.97 -0.29 -10.48
N GLU B 36 37.90 -0.52 -11.80
CA GLU B 36 38.92 -0.14 -12.76
C GLU B 36 38.24 0.23 -14.07
N ILE B 37 38.94 1.00 -14.90
CA ILE B 37 38.46 1.16 -16.28
C ILE B 37 38.58 -0.18 -17.00
N PRO B 38 37.54 -0.69 -17.62
CA PRO B 38 37.64 -1.99 -18.27
C PRO B 38 38.67 -1.97 -19.40
N GLY B 39 39.27 -3.13 -19.64
CA GLY B 39 40.12 -3.28 -20.79
C GLY B 39 39.33 -3.54 -22.03
N GLY B 40 39.93 -3.24 -23.17
CA GLY B 40 39.28 -3.59 -24.42
C GLY B 40 38.23 -2.62 -24.89
N ILE B 41 38.20 -1.42 -24.34
CA ILE B 41 37.26 -0.40 -24.84
C ILE B 41 37.61 -0.05 -26.28
N PRO B 42 36.64 0.01 -27.19
CA PRO B 42 36.97 0.23 -28.61
C PRO B 42 37.83 1.48 -28.78
N THR B 43 38.73 1.42 -29.77
CA THR B 43 39.69 2.50 -29.98
C THR B 43 39.07 3.71 -30.66
N ASN B 44 38.01 3.51 -31.44
CA ASN B 44 37.29 4.61 -32.05
C ASN B 44 36.33 5.31 -31.07
N THR B 45 36.35 4.94 -29.78
CA THR B 45 35.34 5.45 -28.86
C THR B 45 35.36 6.96 -28.78
N THR B 46 34.20 7.55 -28.98
CA THR B 46 33.98 8.99 -28.94
C THR B 46 33.46 9.46 -27.59
N ASN B 47 32.38 8.85 -27.10
CA ASN B 47 31.75 9.23 -25.85
C ASN B 47 31.98 8.06 -24.89
N LEU B 48 32.74 8.29 -23.82
CA LEU B 48 32.97 7.28 -22.80
C LEU B 48 32.36 7.74 -21.49
N THR B 49 31.37 7.00 -20.99
CA THR B 49 30.70 7.36 -19.74
C THR B 49 31.07 6.35 -18.66
N LEU B 50 31.49 6.86 -17.50
CA LEU B 50 31.88 6.03 -16.36
C LEU B 50 31.18 6.46 -15.08
N THR B 51 29.98 7.01 -15.22
CA THR B 51 29.22 7.53 -14.07
C THR B 51 28.88 6.40 -13.09
N ILE B 52 28.88 6.74 -11.79
CA ILE B 52 28.49 5.86 -10.70
C ILE B 52 29.25 4.54 -10.82
N ASN B 53 30.55 4.61 -10.60
CA ASN B 53 31.36 3.43 -10.40
C ASN B 53 32.24 3.77 -9.21
N HIS B 54 33.23 2.94 -8.95
CA HIS B 54 34.13 3.13 -7.82
C HIS B 54 35.57 3.12 -8.30
N ILE B 55 35.81 3.75 -9.44
CA ILE B 55 37.15 3.87 -10.01
C ILE B 55 37.91 4.93 -9.21
N PRO B 56 39.00 4.55 -8.54
CA PRO B 56 39.62 5.43 -7.55
C PRO B 56 40.66 6.37 -8.08
N ASP B 57 41.06 6.26 -9.35
CA ASP B 57 42.10 7.14 -9.89
C ASP B 57 42.05 7.14 -11.41
N ILE B 58 42.61 8.21 -11.99
CA ILE B 58 42.80 8.36 -13.42
C ILE B 58 44.28 8.55 -13.71
N SER B 59 44.75 7.95 -14.80
CA SER B 59 46.17 7.95 -15.15
C SER B 59 46.34 8.17 -16.66
N PRO B 60 47.56 8.43 -17.13
CA PRO B 60 47.76 8.44 -18.59
C PRO B 60 47.40 7.11 -19.24
N ALA B 61 47.54 6.00 -18.49
CA ALA B 61 47.07 4.70 -18.98
C ALA B 61 45.54 4.66 -19.15
N SER B 62 44.81 5.50 -18.42
CA SER B 62 43.35 5.43 -18.41
C SER B 62 42.78 5.52 -19.82
N PHE B 63 43.16 6.55 -20.56
CA PHE B 63 42.60 6.81 -21.87
C PHE B 63 43.66 6.72 -22.97
N HIS B 64 44.72 5.93 -22.73
CA HIS B 64 45.90 5.92 -23.61
C HIS B 64 45.52 5.85 -25.07
N ARG B 65 44.90 4.75 -25.47
CA ARG B 65 44.62 4.59 -26.88
C ARG B 65 43.37 5.28 -27.37
N LEU B 66 42.57 5.87 -26.49
CA LEU B 66 41.28 6.41 -26.94
C LEU B 66 41.44 7.84 -27.44
N VAL B 67 42.43 7.95 -28.32
CA VAL B 67 42.62 8.98 -29.33
C VAL B 67 41.41 9.86 -29.66
N HIS B 68 40.27 9.29 -30.06
CA HIS B 68 39.18 10.11 -30.58
C HIS B 68 38.13 10.49 -29.53
N LEU B 69 38.48 10.48 -28.25
CA LEU B 69 37.50 10.87 -27.23
C LEU B 69 37.11 12.33 -27.38
N VAL B 70 35.83 12.58 -27.63
CA VAL B 70 35.30 13.93 -27.57
C VAL B 70 34.67 14.20 -26.21
N GLU B 71 34.20 13.16 -25.53
CA GLU B 71 33.52 13.34 -24.24
C GLU B 71 33.98 12.26 -23.27
N ILE B 72 34.30 12.67 -22.04
CA ILE B 72 34.52 11.76 -20.93
C ILE B 72 33.55 12.16 -19.83
N ASP B 73 32.61 11.28 -19.50
CA ASP B 73 31.68 11.48 -18.39
C ASP B 73 32.15 10.60 -17.23
N PHE B 74 32.76 11.22 -16.23
CA PHE B 74 33.36 10.49 -15.11
C PHE B 74 32.78 10.97 -13.78
N ARG B 75 31.45 11.14 -13.72
CA ARG B 75 30.78 11.69 -12.55
C ARG B 75 30.59 10.62 -11.47
N CYS B 76 30.59 11.07 -10.22
CA CYS B 76 30.11 10.29 -9.09
C CYS B 76 30.90 9.00 -8.91
N ASN B 77 32.22 9.12 -8.94
CA ASN B 77 33.06 8.00 -8.57
C ASN B 77 33.61 8.14 -7.17
N CYS B 78 33.35 9.27 -6.53
CA CYS B 78 33.62 9.44 -5.11
C CYS B 78 32.75 10.59 -4.56
N VAL B 79 31.43 10.41 -4.53
CA VAL B 79 30.50 11.51 -4.25
C VAL B 79 30.63 11.98 -2.81
N PRO B 80 30.43 13.30 -2.54
CA PRO B 80 30.45 13.83 -1.16
C PRO B 80 29.68 12.97 -0.16
N ILE B 81 30.16 12.95 1.08
CA ILE B 81 29.67 11.98 2.07
C ILE B 81 28.14 12.02 2.19
N ARG B 82 27.57 13.21 2.43
CA ARG B 82 26.16 13.36 2.76
C ARG B 82 25.23 13.32 1.55
N LEU B 83 25.76 13.28 0.32
CA LEU B 83 24.99 13.08 -0.89
C LEU B 83 25.07 11.66 -1.44
N GLY B 84 26.02 10.84 -0.96
CA GLY B 84 26.24 9.53 -1.50
C GLY B 84 25.76 8.44 -0.56
N SER B 85 25.76 7.21 -1.09
CA SER B 85 25.37 6.04 -0.33
C SER B 85 26.17 5.92 0.98
N LYS B 86 25.45 5.71 2.09
CA LYS B 86 26.10 5.42 3.37
C LYS B 86 26.42 3.95 3.56
N SER B 87 25.80 3.06 2.77
CA SER B 87 26.11 1.65 2.88
C SER B 87 27.38 1.31 2.12
N ASN B 88 27.66 2.03 1.01
CA ASN B 88 28.94 1.98 0.30
C ASN B 88 29.50 3.41 0.20
N MET B 89 30.07 3.90 1.30
CA MET B 89 30.72 5.20 1.29
C MET B 89 31.99 5.15 0.43
N CYS B 90 32.35 6.29 -0.16
CA CYS B 90 33.60 6.31 -0.92
C CYS B 90 34.76 6.42 0.07
N PRO B 91 35.77 5.53 -0.01
CA PRO B 91 36.84 5.60 0.97
C PRO B 91 37.71 6.78 0.63
N ARG B 92 38.00 7.03 -0.64
CA ARG B 92 38.63 8.32 -0.89
C ARG B 92 38.70 8.93 -2.26
N ARG B 93 38.93 10.26 -2.18
CA ARG B 93 38.78 11.13 -3.32
C ARG B 93 39.56 10.61 -4.51
N LEU B 94 38.93 10.77 -5.68
CA LEU B 94 39.54 10.46 -6.95
C LEU B 94 40.93 11.08 -7.07
N GLN B 95 41.89 10.26 -7.48
CA GLN B 95 43.27 10.69 -7.70
C GLN B 95 43.48 10.85 -9.19
N ILE B 96 43.78 12.08 -9.63
CA ILE B 96 44.06 12.35 -11.03
C ILE B 96 45.54 12.64 -11.18
N LYS B 97 46.24 11.71 -11.82
CA LYS B 97 47.67 11.83 -12.04
C LYS B 97 47.90 12.78 -13.21
N PRO B 98 49.09 13.36 -13.31
CA PRO B 98 49.32 14.38 -14.33
C PRO B 98 49.18 13.87 -15.75
N ARG B 99 48.77 14.78 -16.61
CA ARG B 99 48.73 14.58 -18.06
C ARG B 99 47.91 13.36 -18.45
N SER B 100 46.87 13.11 -17.63
CA SER B 100 45.84 12.13 -17.95
C SER B 100 44.93 12.60 -19.07
N PHE B 101 44.85 13.91 -19.28
CA PHE B 101 43.94 14.48 -20.26
C PHE B 101 44.65 15.19 -21.41
N SER B 102 45.95 15.48 -21.29
CA SER B 102 46.61 16.31 -22.27
C SER B 102 46.78 15.62 -23.62
N GLY B 103 46.74 14.29 -23.64
CA GLY B 103 46.75 13.56 -24.90
C GLY B 103 45.44 13.59 -25.67
N LEU B 104 44.32 13.88 -25.00
CA LEU B 104 43.01 13.75 -25.63
C LEU B 104 42.75 15.02 -26.41
N THR B 105 43.29 15.03 -27.63
CA THR B 105 43.38 16.19 -28.49
C THR B 105 42.02 16.68 -28.96
N TYR B 106 41.01 15.81 -29.00
CA TYR B 106 39.70 16.16 -29.52
C TYR B 106 38.66 16.32 -28.42
N LEU B 107 39.08 16.32 -27.16
CA LEU B 107 38.15 16.26 -26.02
C LEU B 107 37.38 17.57 -25.92
N LYS B 108 36.06 17.52 -26.10
CA LYS B 108 35.26 18.73 -26.00
C LYS B 108 34.46 18.82 -24.70
N SER B 109 34.11 17.70 -24.06
CA SER B 109 33.35 17.70 -22.81
C SER B 109 34.06 16.80 -21.79
N LEU B 110 34.22 17.32 -20.57
CA LEU B 110 34.82 16.54 -19.49
C LEU B 110 33.99 16.79 -18.25
N TYR B 111 33.22 15.77 -17.84
CA TYR B 111 32.40 15.83 -16.64
C TYR B 111 33.12 15.09 -15.51
N LEU B 112 33.44 15.80 -14.44
CA LEU B 112 34.10 15.22 -13.28
C LEU B 112 33.37 15.60 -11.99
N ASP B 113 32.06 15.80 -12.07
CA ASP B 113 31.29 16.15 -10.88
C ASP B 113 31.33 15.06 -9.82
N GLY B 114 31.31 15.47 -8.55
CA GLY B 114 31.03 14.55 -7.48
C GLY B 114 32.12 13.54 -7.25
N ASN B 115 33.36 14.04 -7.16
CA ASN B 115 34.52 13.18 -6.92
C ASN B 115 35.35 13.71 -5.78
N GLN B 116 34.85 14.70 -5.06
CA GLN B 116 35.56 15.30 -3.93
C GLN B 116 36.92 15.87 -4.35
N LEU B 117 36.99 16.41 -5.57
CA LEU B 117 38.26 16.99 -5.98
C LEU B 117 38.51 18.31 -5.26
N LEU B 118 39.79 18.61 -5.07
CA LEU B 118 40.19 19.75 -4.27
C LEU B 118 40.61 20.95 -5.10
N GLU B 119 40.97 20.74 -6.37
CA GLU B 119 41.43 21.82 -7.24
C GLU B 119 40.98 21.52 -8.68
N ILE B 120 41.05 22.53 -9.53
CA ILE B 120 40.69 22.34 -10.93
C ILE B 120 41.76 21.48 -11.59
N PRO B 121 41.41 20.34 -12.18
CA PRO B 121 42.45 19.49 -12.79
C PRO B 121 43.15 20.26 -13.89
N GLN B 122 44.48 20.23 -13.86
CA GLN B 122 45.28 20.93 -14.84
C GLN B 122 45.66 19.97 -15.97
N GLY B 123 46.34 20.48 -16.99
CA GLY B 123 46.73 19.65 -18.11
C GLY B 123 45.64 19.35 -19.09
N LEU B 124 44.63 20.20 -19.17
CA LEU B 124 43.50 19.90 -20.01
C LEU B 124 43.71 20.42 -21.43
N PRO B 125 43.25 19.66 -22.41
CA PRO B 125 43.50 20.03 -23.81
C PRO B 125 42.75 21.29 -24.20
N PRO B 126 43.27 22.05 -25.17
CA PRO B 126 42.61 23.31 -25.55
C PRO B 126 41.36 23.14 -26.39
N SER B 127 40.95 21.91 -26.71
CA SER B 127 39.70 21.66 -27.42
C SER B 127 38.47 21.71 -26.51
N LEU B 128 38.67 21.74 -25.19
CA LEU B 128 37.60 21.56 -24.22
C LEU B 128 36.65 22.76 -24.20
N GLN B 129 35.38 22.53 -24.55
CA GLN B 129 34.34 23.55 -24.50
C GLN B 129 33.52 23.54 -23.21
N LEU B 130 33.34 22.37 -22.59
CA LEU B 130 32.51 22.20 -21.40
C LEU B 130 33.34 21.53 -20.33
N LEU B 131 33.38 22.14 -19.15
CA LEU B 131 34.04 21.53 -17.99
C LEU B 131 33.05 21.58 -16.82
N SER B 132 32.78 20.42 -16.21
CA SER B 132 31.79 20.34 -15.13
C SER B 132 32.45 19.76 -13.88
N LEU B 133 32.42 20.53 -12.80
CA LEU B 133 33.08 20.14 -11.58
C LEU B 133 32.17 20.34 -10.36
N GLU B 134 30.86 20.24 -10.57
CA GLU B 134 29.91 20.39 -9.46
C GLU B 134 30.16 19.34 -8.38
N ALA B 135 29.86 19.70 -7.13
CA ALA B 135 29.84 18.74 -6.01
C ALA B 135 31.22 18.12 -5.75
N ASN B 136 32.26 18.91 -5.94
CA ASN B 136 33.61 18.61 -5.49
C ASN B 136 33.93 19.50 -4.27
N ASN B 137 35.22 19.70 -3.99
CA ASN B 137 35.62 20.57 -2.89
C ASN B 137 36.52 21.71 -3.36
N ILE B 138 36.12 22.37 -4.44
CA ILE B 138 36.84 23.51 -4.98
C ILE B 138 36.10 24.77 -4.56
N PHE B 139 36.67 25.51 -3.60
CA PHE B 139 36.03 26.70 -3.08
C PHE B 139 36.95 27.92 -3.10
N SER B 140 37.99 27.87 -3.92
CA SER B 140 38.82 29.02 -4.22
C SER B 140 39.20 28.93 -5.68
N ILE B 141 38.82 29.95 -6.44
CA ILE B 141 39.07 30.04 -7.87
C ILE B 141 40.22 31.03 -8.08
N ARG B 142 41.28 30.58 -8.76
CA ARG B 142 42.44 31.42 -9.04
C ARG B 142 42.59 31.54 -10.54
N LYS B 143 42.90 32.76 -11.00
CA LYS B 143 42.99 32.97 -12.45
C LYS B 143 44.10 32.14 -13.06
N GLU B 144 45.15 31.85 -12.29
CA GLU B 144 46.22 31.01 -12.79
C GLU B 144 45.69 29.62 -13.19
N GLN B 145 44.76 29.07 -12.41
CA GLN B 145 44.23 27.73 -12.68
C GLN B 145 43.27 27.71 -13.85
N LEU B 146 42.81 28.86 -14.30
CA LEU B 146 41.85 28.92 -15.39
C LEU B 146 42.52 29.15 -16.74
N THR B 147 43.83 29.41 -16.77
CA THR B 147 44.48 29.71 -18.05
C THR B 147 44.31 28.59 -19.06
N GLU B 148 44.39 27.34 -18.60
CA GLU B 148 44.25 26.19 -19.49
C GLU B 148 42.93 26.15 -20.22
N LEU B 149 41.92 26.91 -19.76
CA LEU B 149 40.55 26.87 -20.28
C LEU B 149 40.26 28.02 -21.24
N ALA B 150 41.23 28.36 -22.07
CA ALA B 150 41.08 29.49 -22.99
C ALA B 150 39.81 29.38 -23.82
N ASN B 151 39.57 28.21 -24.40
CA ASN B 151 38.44 27.99 -25.29
C ASN B 151 37.20 27.44 -24.58
N ILE B 152 37.12 27.53 -23.25
CA ILE B 152 35.96 26.98 -22.55
C ILE B 152 34.73 27.84 -22.83
N GLU B 153 33.60 27.18 -23.07
CA GLU B 153 32.33 27.88 -23.28
C GLU B 153 31.32 27.66 -22.17
N ILE B 154 31.38 26.51 -21.48
CA ILE B 154 30.45 26.16 -20.41
C ILE B 154 31.26 25.66 -19.23
N LEU B 155 31.05 26.26 -18.06
CA LEU B 155 31.82 25.97 -16.86
C LEU B 155 30.85 25.82 -15.70
N TYR B 156 30.77 24.62 -15.12
CA TYR B 156 29.92 24.33 -13.96
C TYR B 156 30.79 24.16 -12.72
N LEU B 157 30.59 25.03 -11.73
CA LEU B 157 31.43 24.99 -10.54
C LEU B 157 30.62 24.96 -9.25
N GLY B 158 29.29 24.74 -9.34
CA GLY B 158 28.41 24.89 -8.21
C GLY B 158 28.45 23.72 -7.25
N GLN B 159 27.67 23.85 -6.18
CA GLN B 159 27.55 22.81 -5.14
C GLN B 159 28.90 22.37 -4.58
N ASN B 160 29.87 23.26 -4.55
CA ASN B 160 31.13 22.93 -3.90
C ASN B 160 31.21 23.45 -2.47
N CYS B 161 30.23 24.25 -2.03
CA CYS B 161 30.25 24.74 -0.65
C CYS B 161 28.81 25.11 -0.25
N TYR B 162 28.08 24.13 0.28
CA TYR B 162 26.72 24.34 0.77
C TYR B 162 26.40 23.22 1.77
N TYR B 163 25.17 23.22 2.28
CA TYR B 163 24.92 22.46 3.51
C TYR B 163 25.09 20.96 3.35
N ARG B 164 24.87 20.37 2.17
CA ARG B 164 25.10 18.94 2.00
C ARG B 164 26.51 18.60 1.55
N ASN B 165 27.37 19.61 1.44
CA ASN B 165 28.75 19.46 1.02
C ASN B 165 29.51 20.68 1.50
N PRO B 166 29.67 20.82 2.81
CA PRO B 166 30.20 22.08 3.35
C PRO B 166 31.70 22.25 3.12
N CYS B 167 32.11 23.51 2.94
CA CYS B 167 33.53 23.83 2.93
C CYS B 167 33.94 24.73 4.10
N TYR B 168 32.99 25.22 4.88
CA TYR B 168 33.22 25.88 6.17
C TYR B 168 33.92 27.23 6.07
N VAL B 169 34.10 27.79 4.87
CA VAL B 169 34.65 29.13 4.69
C VAL B 169 33.92 29.76 3.51
N SER B 170 34.11 31.06 3.31
CA SER B 170 33.50 31.71 2.15
C SER B 170 34.16 31.26 0.86
N TYR B 171 33.35 31.19 -0.19
CA TYR B 171 33.91 30.97 -1.52
C TYR B 171 34.75 32.18 -1.89
N SER B 172 35.87 31.94 -2.57
CA SER B 172 36.81 33.02 -2.88
C SER B 172 37.20 32.97 -4.36
N ILE B 173 36.92 34.05 -5.07
CA ILE B 173 37.19 34.15 -6.50
C ILE B 173 38.05 35.38 -6.72
N GLU B 174 39.24 35.16 -7.29
CA GLU B 174 40.18 36.23 -7.56
C GLU B 174 39.61 37.24 -8.55
N LYS B 175 39.96 38.51 -8.33
CA LYS B 175 39.61 39.59 -9.24
C LYS B 175 39.96 39.23 -10.68
N ASP B 176 38.99 39.42 -11.57
CA ASP B 176 39.10 39.19 -13.01
C ASP B 176 39.54 37.77 -13.36
N ALA B 177 39.28 36.79 -12.46
CA ALA B 177 39.69 35.41 -12.70
C ALA B 177 39.12 34.87 -13.99
N PHE B 178 37.87 35.18 -14.31
CA PHE B 178 37.22 34.62 -15.48
C PHE B 178 37.32 35.48 -16.71
N LEU B 179 37.99 36.64 -16.63
CA LEU B 179 37.82 37.64 -17.69
C LEU B 179 38.57 37.27 -18.96
N ASN B 180 39.69 36.55 -18.85
CA ASN B 180 40.37 36.16 -20.07
C ASN B 180 39.75 34.94 -20.73
N LEU B 181 38.74 34.33 -20.09
CA LEU B 181 37.96 33.26 -20.67
C LEU B 181 36.98 33.90 -21.67
N THR B 182 37.48 34.16 -22.85
CA THR B 182 36.80 35.03 -23.82
C THR B 182 35.84 34.31 -24.76
N LYS B 183 35.62 33.00 -24.59
CA LYS B 183 34.54 32.35 -25.31
C LYS B 183 33.54 31.73 -24.34
N LEU B 184 33.71 31.99 -23.04
CA LEU B 184 32.83 31.50 -21.99
C LEU B 184 31.41 32.00 -22.19
N LYS B 185 30.46 31.08 -22.36
CA LYS B 185 29.05 31.42 -22.53
C LYS B 185 28.21 31.20 -21.28
N VAL B 186 28.49 30.13 -20.51
CA VAL B 186 27.67 29.75 -19.36
C VAL B 186 28.58 29.53 -18.15
N LEU B 187 28.30 30.24 -17.07
CA LEU B 187 29.05 30.13 -15.83
C LEU B 187 28.03 29.89 -14.73
N SER B 188 28.22 28.81 -13.98
CA SER B 188 27.34 28.41 -12.88
C SER B 188 28.17 28.37 -11.61
N LEU B 189 27.81 29.20 -10.63
CA LEU B 189 28.45 29.19 -9.33
C LEU B 189 27.43 29.05 -8.22
N LYS B 190 26.29 28.41 -8.54
CA LYS B 190 25.23 28.14 -7.58
C LYS B 190 25.72 27.33 -6.39
N ASP B 191 25.05 27.50 -5.24
CA ASP B 191 25.24 26.59 -4.11
C ASP B 191 26.68 26.60 -3.63
N ASN B 192 27.26 27.80 -3.48
CA ASN B 192 28.70 27.90 -3.31
C ASN B 192 29.24 28.74 -2.16
N ASN B 193 28.39 29.31 -1.29
CA ASN B 193 28.88 30.18 -0.22
C ASN B 193 29.63 31.39 -0.79
N VAL B 194 29.20 31.86 -1.98
CA VAL B 194 29.76 33.06 -2.61
C VAL B 194 29.22 34.30 -1.91
N THR B 195 30.06 35.33 -1.77
CA THR B 195 29.71 36.52 -1.01
C THR B 195 29.56 37.79 -1.84
N THR B 196 30.22 37.89 -3.00
CA THR B 196 30.00 38.99 -3.93
C THR B 196 30.00 38.46 -5.35
N VAL B 197 29.30 39.16 -6.25
CA VAL B 197 29.38 38.89 -7.67
C VAL B 197 30.83 39.07 -8.13
N PRO B 198 31.48 38.04 -8.64
CA PRO B 198 32.86 38.21 -9.10
C PRO B 198 32.95 39.15 -10.29
N THR B 199 33.99 39.99 -10.30
CA THR B 199 34.18 40.91 -11.40
C THR B 199 35.66 40.88 -11.78
N VAL B 200 35.96 41.21 -13.03
CA VAL B 200 34.99 41.45 -14.10
C VAL B 200 34.72 40.17 -14.91
N LEU B 201 33.41 40.01 -15.33
CA LEU B 201 33.09 38.78 -16.05
C LEU B 201 33.18 39.02 -17.56
N PRO B 202 33.53 38.00 -18.33
CA PRO B 202 33.67 38.18 -19.79
C PRO B 202 32.33 38.54 -20.40
N SER B 203 32.36 39.47 -21.36
CA SER B 203 31.12 40.01 -21.93
C SER B 203 30.35 39.00 -22.80
N THR B 204 30.99 37.90 -23.18
CA THR B 204 30.36 36.87 -23.99
C THR B 204 29.42 35.97 -23.19
N LEU B 205 29.25 36.19 -21.89
CA LEU B 205 28.32 35.39 -21.10
C LEU B 205 26.91 35.54 -21.64
N THR B 206 26.24 34.40 -21.79
CA THR B 206 24.82 34.36 -22.08
C THR B 206 23.98 33.93 -20.89
N GLU B 207 24.56 33.12 -20.00
CA GLU B 207 23.87 32.58 -18.84
C GLU B 207 24.81 32.64 -17.64
N LEU B 208 24.32 33.23 -16.55
CA LEU B 208 25.08 33.36 -15.31
C LEU B 208 24.20 32.93 -14.14
N TYR B 209 24.66 31.92 -13.39
CA TYR B 209 23.93 31.29 -12.28
C TYR B 209 24.67 31.57 -10.98
N LEU B 210 24.06 32.37 -10.12
CA LEU B 210 24.66 32.76 -8.85
C LEU B 210 23.71 32.50 -7.68
N TYR B 211 22.73 31.61 -7.87
CA TYR B 211 21.67 31.48 -6.88
C TYR B 211 22.12 30.58 -5.71
N ASN B 212 21.41 30.72 -4.59
CA ASN B 212 21.72 30.01 -3.34
C ASN B 212 23.15 30.31 -2.89
N ASN B 213 23.40 31.57 -2.56
CA ASN B 213 24.72 31.98 -2.10
C ASN B 213 24.56 32.95 -0.92
N MET B 214 25.64 33.68 -0.64
CA MET B 214 25.74 34.59 0.49
C MET B 214 26.03 35.99 0.00
N ILE B 215 25.44 36.35 -1.14
CA ILE B 215 25.61 37.68 -1.74
C ILE B 215 24.55 38.59 -1.13
N ALA B 216 24.99 39.54 -0.30
CA ALA B 216 24.06 40.41 0.40
C ALA B 216 23.69 41.65 -0.40
N GLU B 217 24.54 42.06 -1.35
CA GLU B 217 24.29 43.28 -2.07
C GLU B 217 24.88 43.16 -3.45
N ILE B 218 24.12 43.66 -4.43
CA ILE B 218 24.57 43.78 -5.81
C ILE B 218 25.18 45.15 -6.00
N GLN B 219 26.34 45.23 -6.66
CA GLN B 219 26.66 46.60 -6.99
C GLN B 219 26.55 47.04 -8.42
N GLU B 220 26.35 48.35 -8.51
CA GLU B 220 25.71 48.96 -9.68
C GLU B 220 26.50 48.71 -10.97
N ASP B 221 27.75 48.28 -10.86
CA ASP B 221 28.59 47.95 -12.01
C ASP B 221 28.88 46.45 -12.10
N ASP B 222 28.26 45.62 -11.26
CA ASP B 222 28.52 44.20 -11.24
C ASP B 222 28.19 43.52 -12.57
N PHE B 223 27.21 44.04 -13.32
CA PHE B 223 26.82 43.44 -14.59
C PHE B 223 26.96 44.39 -15.78
N ASN B 224 27.71 45.49 -15.66
CA ASN B 224 27.62 46.55 -16.67
C ASN B 224 28.25 46.17 -18.02
N ASN B 225 29.06 45.13 -18.11
CA ASN B 225 29.69 44.77 -19.37
C ASN B 225 29.05 43.55 -20.03
N LEU B 226 28.01 42.97 -19.44
CA LEU B 226 27.42 41.72 -19.90
C LEU B 226 26.24 41.97 -20.85
N ASN B 227 26.55 42.58 -21.99
CA ASN B 227 25.53 42.99 -22.95
C ASN B 227 24.99 41.85 -23.79
N GLN B 228 25.52 40.64 -23.67
CA GLN B 228 25.00 39.48 -24.39
C GLN B 228 24.22 38.52 -23.49
N LEU B 229 24.13 38.83 -22.20
CA LEU B 229 23.60 37.87 -21.27
C LEU B 229 22.09 37.78 -21.41
N GLN B 230 21.58 36.55 -21.42
CA GLN B 230 20.17 36.24 -21.67
C GLN B 230 19.44 35.71 -20.44
N ILE B 231 20.17 35.03 -19.54
CA ILE B 231 19.63 34.45 -18.31
C ILE B 231 20.48 34.90 -17.13
N LEU B 232 19.82 35.45 -16.10
CA LEU B 232 20.47 35.79 -14.84
C LEU B 232 19.62 35.23 -13.70
N ASP B 233 20.22 34.41 -12.85
CA ASP B 233 19.54 33.86 -11.68
C ASP B 233 20.30 34.32 -10.44
N LEU B 234 19.65 35.14 -9.61
CA LEU B 234 20.22 35.61 -8.35
C LEU B 234 19.47 35.07 -7.14
N SER B 235 18.66 34.02 -7.34
CA SER B 235 17.71 33.56 -6.33
C SER B 235 18.38 33.02 -5.06
N GLY B 236 17.65 33.08 -3.96
CA GLY B 236 18.20 32.46 -2.78
C GLY B 236 19.44 33.16 -2.28
N ASN B 237 19.52 34.47 -2.48
CA ASN B 237 20.46 35.34 -1.79
C ASN B 237 19.62 36.24 -0.89
N CYS B 238 19.82 36.16 0.44
CA CYS B 238 18.86 36.67 1.43
C CYS B 238 17.53 35.92 1.29
N PRO B 239 17.54 34.63 1.57
CA PRO B 239 16.34 33.82 1.35
C PRO B 239 15.25 34.09 2.38
N ARG B 240 14.02 33.89 1.95
CA ARG B 240 12.87 33.91 2.83
C ARG B 240 12.78 32.49 3.39
N CYS B 241 12.95 32.35 4.71
CA CYS B 241 13.24 31.06 5.29
C CYS B 241 12.06 30.42 6.03
N TYR B 242 10.91 31.09 6.11
CA TYR B 242 9.81 30.50 6.84
C TYR B 242 9.37 29.21 6.16
N ASN B 243 9.32 28.12 6.94
CA ASN B 243 8.97 26.79 6.41
C ASN B 243 9.91 26.33 5.30
N ALA B 244 11.18 26.70 5.38
CA ALA B 244 12.12 26.20 4.38
C ALA B 244 12.40 24.74 4.66
N PRO B 245 12.44 23.89 3.65
CA PRO B 245 12.63 22.46 3.89
C PRO B 245 14.09 22.07 3.83
N PHE B 246 14.96 23.07 3.92
CA PHE B 246 16.40 22.91 4.02
C PHE B 246 16.88 23.93 5.03
N PRO B 247 18.06 23.74 5.63
CA PRO B 247 18.58 24.77 6.55
C PRO B 247 18.77 26.08 5.81
N CYS B 248 18.24 27.15 6.40
CA CYS B 248 18.09 28.43 5.72
C CYS B 248 18.47 29.56 6.66
N THR B 249 19.48 30.35 6.29
CA THR B 249 19.92 31.47 7.12
C THR B 249 19.64 32.78 6.41
N PRO B 250 18.74 33.62 6.93
CA PRO B 250 18.39 34.85 6.24
C PRO B 250 19.44 35.91 6.49
N CYS B 251 19.42 36.92 5.62
CA CYS B 251 20.21 38.12 5.84
C CYS B 251 19.76 38.84 7.10
N LYS B 252 20.73 39.40 7.84
CA LYS B 252 20.42 40.14 9.04
C LYS B 252 19.44 41.27 8.76
N ASN B 253 18.74 41.71 9.81
CA ASN B 253 17.86 42.88 9.80
C ASN B 253 16.68 42.71 8.82
N ASN B 254 16.25 41.48 8.51
CA ASN B 254 15.20 41.25 7.49
C ASN B 254 15.56 41.88 6.14
N SER B 255 16.86 42.08 5.90
CA SER B 255 17.30 42.81 4.72
C SER B 255 17.00 42.01 3.45
N PRO B 256 16.58 42.67 2.37
CA PRO B 256 16.50 42.01 1.07
C PRO B 256 17.86 41.98 0.41
N LEU B 257 17.92 41.26 -0.71
CA LEU B 257 19.05 41.43 -1.62
C LEU B 257 18.96 42.86 -2.16
N GLN B 258 20.01 43.65 -1.92
CA GLN B 258 20.00 45.06 -2.29
C GLN B 258 20.54 45.18 -3.70
N ILE B 259 19.69 45.65 -4.61
CA ILE B 259 20.05 45.79 -6.02
C ILE B 259 19.83 47.24 -6.46
N PRO B 260 20.90 47.99 -6.73
CA PRO B 260 20.74 49.38 -7.18
C PRO B 260 19.88 49.45 -8.43
N VAL B 261 19.08 50.52 -8.51
CA VAL B 261 18.04 50.62 -9.51
C VAL B 261 18.55 50.57 -10.93
N ASN B 262 19.83 50.86 -11.15
CA ASN B 262 20.40 50.82 -12.49
C ASN B 262 21.24 49.58 -12.73
N ALA B 263 21.18 48.60 -11.84
CA ALA B 263 22.07 47.44 -11.92
C ALA B 263 21.86 46.64 -13.19
N PHE B 264 20.66 46.69 -13.77
CA PHE B 264 20.39 45.86 -14.93
C PHE B 264 20.52 46.62 -16.25
N ASP B 265 20.99 47.87 -16.22
CA ASP B 265 20.90 48.73 -17.39
C ASP B 265 21.61 48.14 -18.61
N ALA B 266 22.70 47.39 -18.40
CA ALA B 266 23.49 46.86 -19.50
C ALA B 266 22.93 45.58 -20.11
N LEU B 267 21.94 44.94 -19.49
CA LEU B 267 21.50 43.60 -19.91
C LEU B 267 20.37 43.71 -20.93
N THR B 268 20.69 44.33 -22.07
CA THR B 268 19.70 44.59 -23.11
C THR B 268 19.20 43.30 -23.75
N GLU B 269 19.97 42.22 -23.67
CA GLU B 269 19.58 40.94 -24.24
C GLU B 269 18.94 39.99 -23.24
N LEU B 270 18.81 40.40 -21.97
CA LEU B 270 18.28 39.53 -20.94
C LEU B 270 16.87 39.05 -21.28
N LYS B 271 16.67 37.73 -21.28
CA LYS B 271 15.35 37.15 -21.50
C LYS B 271 14.72 36.55 -20.25
N VAL B 272 15.53 36.03 -19.31
CA VAL B 272 15.06 35.40 -18.08
C VAL B 272 15.73 36.06 -16.88
N LEU B 273 14.94 36.49 -15.92
CA LEU B 273 15.45 37.04 -14.67
C LEU B 273 14.80 36.30 -13.50
N ARG B 274 15.63 35.66 -12.66
CA ARG B 274 15.15 34.87 -11.53
C ARG B 274 15.58 35.53 -10.22
N LEU B 275 14.59 36.01 -9.48
CA LEU B 275 14.78 36.62 -8.17
C LEU B 275 13.86 35.91 -7.18
N HIS B 276 14.06 34.60 -7.07
CA HIS B 276 13.31 33.78 -6.14
C HIS B 276 13.98 33.78 -4.77
N SER B 277 13.17 33.91 -3.73
CA SER B 277 13.66 33.89 -2.35
C SER B 277 14.84 34.85 -2.19
N ASN B 278 14.48 36.13 -2.32
CA ASN B 278 15.40 37.23 -2.08
C ASN B 278 14.90 38.21 -1.03
N SER B 279 13.81 37.87 -0.33
CA SER B 279 13.25 38.70 0.73
C SER B 279 12.91 40.12 0.23
N LEU B 280 12.57 40.24 -1.05
CA LEU B 280 12.21 41.54 -1.63
C LEU B 280 10.88 42.02 -1.11
N GLN B 281 10.83 43.31 -0.75
CA GLN B 281 9.56 43.96 -0.45
C GLN B 281 9.08 44.89 -1.54
N HIS B 282 9.98 45.32 -2.44
CA HIS B 282 9.59 46.23 -3.50
C HIS B 282 10.31 45.83 -4.78
N VAL B 283 9.65 46.09 -5.89
CA VAL B 283 10.20 45.85 -7.22
C VAL B 283 10.25 47.20 -7.93
N PRO B 284 11.38 47.91 -7.83
CA PRO B 284 11.47 49.24 -8.43
C PRO B 284 11.24 49.16 -9.93
N PRO B 285 10.29 49.93 -10.47
CA PRO B 285 10.15 49.98 -11.93
C PRO B 285 11.43 50.34 -12.66
N ARG B 286 12.32 51.10 -12.00
CA ARG B 286 13.54 51.53 -12.66
C ARG B 286 14.41 50.35 -13.09
N TRP B 287 14.29 49.20 -12.41
CA TRP B 287 15.07 48.02 -12.79
C TRP B 287 14.90 47.70 -14.27
N PHE B 288 13.71 47.90 -14.81
CA PHE B 288 13.37 47.35 -16.11
C PHE B 288 13.31 48.40 -17.24
N LYS B 289 13.78 49.62 -17.02
CA LYS B 289 13.57 50.64 -18.05
C LYS B 289 14.28 50.32 -19.35
N ASN B 290 15.40 49.59 -19.32
CA ASN B 290 16.11 49.23 -20.54
C ASN B 290 16.27 47.72 -20.69
N ILE B 291 15.35 46.97 -20.10
CA ILE B 291 15.12 45.56 -20.39
C ILE B 291 13.77 45.47 -21.10
N ASN B 292 13.77 45.40 -22.43
CA ASN B 292 12.52 45.33 -23.18
C ASN B 292 12.20 43.95 -23.73
N ASN B 293 13.17 43.03 -23.72
CA ASN B 293 12.95 41.69 -24.24
C ASN B 293 12.81 40.66 -23.12
N LEU B 294 12.59 41.08 -21.89
CA LEU B 294 12.42 40.12 -20.80
C LEU B 294 11.18 39.27 -21.05
N GLN B 295 11.35 37.95 -20.96
CA GLN B 295 10.24 37.04 -21.22
C GLN B 295 9.79 36.23 -20.02
N GLU B 296 10.72 35.89 -19.12
CA GLU B 296 10.44 35.04 -17.97
C GLU B 296 10.94 35.75 -16.72
N LEU B 297 10.06 35.96 -15.75
CA LEU B 297 10.40 36.67 -14.51
C LEU B 297 9.82 35.95 -13.30
N ASP B 298 10.72 35.53 -12.40
CA ASP B 298 10.38 34.80 -11.18
C ASP B 298 10.63 35.70 -9.97
N LEU B 299 9.55 36.05 -9.28
CA LEU B 299 9.59 36.76 -8.01
C LEU B 299 8.93 35.95 -6.90
N SER B 300 9.05 34.63 -6.98
CA SER B 300 8.44 33.82 -5.95
C SER B 300 9.26 33.87 -4.66
N GLN B 301 8.56 33.62 -3.54
CA GLN B 301 9.19 33.51 -2.22
C GLN B 301 9.85 34.81 -1.78
N ASN B 302 9.14 35.93 -1.98
CA ASN B 302 9.61 37.18 -1.43
C ASN B 302 8.54 37.71 -0.50
N PHE B 303 8.53 39.01 -0.25
CA PHE B 303 7.48 39.61 0.57
C PHE B 303 6.73 40.65 -0.27
N LEU B 304 6.17 40.20 -1.38
CA LEU B 304 5.59 41.09 -2.37
C LEU B 304 4.06 41.10 -2.33
N ALA B 305 3.46 40.65 -1.23
CA ALA B 305 2.00 40.66 -1.13
C ALA B 305 1.44 42.07 -1.33
N LYS B 306 2.02 43.05 -0.64
CA LYS B 306 1.63 44.45 -0.81
C LYS B 306 1.94 44.93 -2.22
N GLU B 307 3.16 44.65 -2.69
CA GLU B 307 3.55 45.11 -4.02
C GLU B 307 2.63 44.58 -5.12
N ILE B 308 1.98 43.43 -4.89
CA ILE B 308 1.08 42.88 -5.91
C ILE B 308 -0.13 43.79 -6.13
N GLY B 309 -0.52 44.59 -5.13
CA GLY B 309 -1.62 45.53 -5.31
C GLY B 309 -1.27 46.82 -6.04
N ASP B 310 0.03 47.03 -6.32
CA ASP B 310 0.57 48.23 -6.93
C ASP B 310 1.30 47.87 -8.22
N ALA B 311 2.53 47.38 -8.10
CA ALA B 311 3.23 46.70 -9.20
C ALA B 311 3.38 47.58 -10.44
N LYS B 312 3.78 48.84 -10.23
CA LYS B 312 3.96 49.71 -11.39
C LYS B 312 5.04 49.18 -12.33
N PHE B 313 5.98 48.38 -11.82
CA PHE B 313 7.04 47.84 -12.66
C PHE B 313 6.48 47.01 -13.82
N LEU B 314 5.24 46.54 -13.70
CA LEU B 314 4.66 45.71 -14.77
C LEU B 314 4.51 46.50 -16.07
N HIS B 315 4.40 47.82 -15.98
CA HIS B 315 4.22 48.64 -17.17
C HIS B 315 5.43 48.61 -18.10
N PHE B 316 6.59 48.17 -17.61
CA PHE B 316 7.81 48.14 -18.40
C PHE B 316 8.09 46.78 -19.00
N LEU B 317 7.11 45.86 -18.99
CA LEU B 317 7.35 44.46 -19.39
C LEU B 317 6.33 43.97 -20.40
N PRO B 318 6.16 44.67 -21.52
CA PRO B 318 5.10 44.30 -22.47
C PRO B 318 5.37 43.02 -23.25
N ASN B 319 6.60 42.49 -23.24
CA ASN B 319 6.93 41.24 -23.93
C ASN B 319 7.02 40.04 -23.02
N LEU B 320 6.81 40.22 -21.72
CA LEU B 320 7.02 39.14 -20.76
C LEU B 320 6.03 38.02 -21.00
N ILE B 321 6.52 36.78 -20.98
CA ILE B 321 5.69 35.64 -21.30
C ILE B 321 5.14 34.96 -20.05
N GLN B 322 5.97 34.73 -19.05
CA GLN B 322 5.49 34.11 -17.83
C GLN B 322 5.99 34.89 -16.62
N LEU B 323 5.09 35.04 -15.65
CA LEU B 323 5.30 35.80 -14.43
C LEU B 323 4.91 34.93 -13.22
N ASP B 324 5.83 34.84 -12.26
CA ASP B 324 5.62 34.03 -11.07
C ASP B 324 5.75 34.89 -9.83
N LEU B 325 4.65 35.03 -9.08
CA LEU B 325 4.64 35.75 -7.81
C LEU B 325 4.16 34.85 -6.68
N SER B 326 4.48 33.56 -6.76
CA SER B 326 3.97 32.61 -5.78
C SER B 326 4.68 32.74 -4.44
N PHE B 327 3.93 32.52 -3.37
CA PHE B 327 4.45 32.47 -2.02
C PHE B 327 5.09 33.80 -1.62
N ASN B 328 4.30 34.86 -1.71
CA ASN B 328 4.69 36.18 -1.22
C ASN B 328 3.83 36.62 -0.03
N PHE B 329 3.05 35.70 0.53
CA PHE B 329 2.10 36.02 1.59
C PHE B 329 2.78 36.68 2.78
N GLU B 330 1.99 37.47 3.51
CA GLU B 330 2.40 38.00 4.79
C GLU B 330 2.19 36.94 5.87
N LEU B 331 3.21 36.73 6.71
CA LEU B 331 3.05 35.78 7.81
C LEU B 331 1.85 36.15 8.67
N GLN B 332 1.11 35.12 9.08
CA GLN B 332 0.01 35.20 10.05
C GLN B 332 -1.18 36.07 9.60
N VAL B 333 -1.31 36.34 8.31
CA VAL B 333 -2.42 37.09 7.77
C VAL B 333 -3.23 36.15 6.89
N TYR B 334 -4.55 36.22 7.00
CA TYR B 334 -5.43 35.50 6.10
C TYR B 334 -6.23 36.58 5.36
N ARG B 335 -5.66 37.19 4.29
CA ARG B 335 -6.30 38.36 3.69
C ARG B 335 -7.69 37.90 3.27
N ALA B 336 -8.61 38.85 3.16
CA ALA B 336 -9.95 38.51 2.70
C ALA B 336 -9.99 38.23 1.21
N SER B 337 -9.19 38.90 0.41
CA SER B 337 -9.32 38.73 -1.04
C SER B 337 -7.98 39.06 -1.67
N MET B 338 -7.85 38.74 -2.95
CA MET B 338 -6.61 38.98 -3.68
C MET B 338 -6.70 40.32 -4.40
N ASN B 339 -5.79 41.23 -4.06
CA ASN B 339 -5.74 42.59 -4.58
C ASN B 339 -4.69 42.59 -5.68
N LEU B 340 -5.15 42.43 -6.93
CA LEU B 340 -4.31 42.53 -8.12
C LEU B 340 -4.38 43.93 -8.71
N SER B 341 -3.23 44.59 -8.80
CA SER B 341 -3.13 45.92 -9.40
C SER B 341 -3.53 45.91 -10.86
N GLN B 342 -4.13 47.03 -11.30
CA GLN B 342 -4.50 47.18 -12.72
C GLN B 342 -3.30 47.08 -13.62
N ALA B 343 -2.10 47.28 -13.07
CA ALA B 343 -0.90 47.20 -13.87
C ALA B 343 -0.81 45.87 -14.59
N PHE B 344 -1.40 44.82 -14.02
CA PHE B 344 -1.44 43.52 -14.69
C PHE B 344 -2.01 43.64 -16.10
N SER B 345 -2.92 44.60 -16.32
CA SER B 345 -3.51 44.79 -17.63
C SER B 345 -2.47 45.15 -18.70
N SER B 346 -1.29 45.65 -18.30
CA SER B 346 -0.28 46.00 -19.28
C SER B 346 0.58 44.83 -19.72
N LEU B 347 0.32 43.62 -19.22
CA LEU B 347 1.15 42.47 -19.55
C LEU B 347 0.61 41.75 -20.78
N LYS B 348 0.79 42.39 -21.94
CA LYS B 348 0.06 41.98 -23.13
C LYS B 348 0.60 40.72 -23.78
N SER B 349 1.87 40.38 -23.57
CA SER B 349 2.38 39.13 -24.11
C SER B 349 2.27 37.94 -23.15
N LEU B 350 1.78 38.15 -21.93
CA LEU B 350 1.81 37.15 -20.87
C LEU B 350 1.01 35.88 -21.23
N LYS B 351 1.67 34.73 -21.17
CA LYS B 351 1.00 33.45 -21.36
C LYS B 351 0.74 32.69 -20.08
N ILE B 352 1.63 32.82 -19.06
CA ILE B 352 1.56 32.05 -17.82
C ILE B 352 1.70 33.02 -16.63
N LEU B 353 0.72 33.03 -15.74
CA LEU B 353 0.84 33.77 -14.49
C LEU B 353 0.55 32.85 -13.31
N ARG B 354 1.48 32.79 -12.35
CA ARG B 354 1.38 31.91 -11.19
C ARG B 354 1.40 32.75 -9.93
N ILE B 355 0.36 32.63 -9.13
CA ILE B 355 0.30 33.30 -7.83
C ILE B 355 -0.18 32.28 -6.81
N ARG B 356 0.60 31.23 -6.61
CA ARG B 356 0.33 30.35 -5.48
C ARG B 356 0.70 31.05 -4.18
N GLY B 357 0.11 30.59 -3.08
CA GLY B 357 0.57 31.04 -1.79
C GLY B 357 0.50 32.54 -1.57
N TYR B 358 -0.49 33.20 -2.16
CA TYR B 358 -0.84 34.55 -1.73
C TYR B 358 -1.69 34.46 -0.45
N VAL B 359 -2.58 33.47 -0.37
CA VAL B 359 -3.36 33.14 0.82
C VAL B 359 -4.50 34.13 1.06
N PHE B 360 -5.72 33.76 0.64
CA PHE B 360 -6.86 34.64 0.80
C PHE B 360 -8.17 33.85 0.77
N LYS B 361 -9.18 34.40 1.44
CA LYS B 361 -10.35 33.61 1.78
C LYS B 361 -11.32 33.47 0.61
N GLU B 362 -11.48 34.50 -0.22
CA GLU B 362 -12.53 34.48 -1.23
C GLU B 362 -12.06 35.07 -2.54
N LEU B 363 -12.35 34.35 -3.62
CA LEU B 363 -12.03 34.79 -4.98
C LEU B 363 -13.29 35.31 -5.65
N LYS B 364 -13.22 36.54 -6.17
CA LYS B 364 -14.40 37.16 -6.76
C LYS B 364 -14.08 37.63 -8.16
N SER B 365 -15.11 37.62 -9.02
CA SER B 365 -14.90 37.81 -10.45
C SER B 365 -14.16 39.12 -10.73
N PHE B 366 -14.45 40.17 -9.97
CA PHE B 366 -13.85 41.46 -10.23
C PHE B 366 -12.35 41.45 -9.94
N GLN B 367 -11.91 40.64 -8.97
CA GLN B 367 -10.50 40.63 -8.58
C GLN B 367 -9.59 40.20 -9.71
N LEU B 368 -10.12 39.47 -10.69
CA LEU B 368 -9.34 39.00 -11.84
C LEU B 368 -9.52 39.88 -13.07
N SER B 369 -10.23 41.01 -12.93
CA SER B 369 -10.44 41.89 -14.07
C SER B 369 -9.16 42.37 -14.76
N PRO B 370 -8.05 42.73 -14.05
CA PRO B 370 -6.84 43.16 -14.78
C PRO B 370 -6.34 42.19 -15.84
N LEU B 371 -6.86 40.97 -15.85
CA LEU B 371 -6.41 39.94 -16.79
C LEU B 371 -7.40 39.75 -17.94
N HIS B 372 -8.55 40.41 -17.88
CA HIS B 372 -9.65 40.14 -18.82
C HIS B 372 -9.21 40.26 -20.26
N ASN B 373 -8.35 41.23 -20.56
CA ASN B 373 -7.94 41.53 -21.92
C ASN B 373 -6.49 41.17 -22.20
N LEU B 374 -5.89 40.35 -21.35
CA LEU B 374 -4.60 39.76 -21.68
C LEU B 374 -4.88 38.60 -22.62
N GLN B 375 -4.71 38.84 -23.92
CA GLN B 375 -5.24 37.92 -24.91
C GLN B 375 -4.38 36.69 -25.15
N ASN B 376 -3.12 36.69 -24.76
CA ASN B 376 -2.33 35.47 -24.97
C ASN B 376 -2.34 34.57 -23.77
N LEU B 377 -3.09 34.93 -22.72
CA LEU B 377 -3.04 34.21 -21.46
C LEU B 377 -3.56 32.79 -21.61
N GLU B 378 -2.73 31.85 -21.20
CA GLU B 378 -3.00 30.42 -21.33
C GLU B 378 -3.13 29.69 -20.01
N VAL B 379 -2.33 30.06 -18.99
CA VAL B 379 -2.33 29.37 -17.70
C VAL B 379 -2.46 30.39 -16.59
N LEU B 380 -3.45 30.20 -15.72
CA LEU B 380 -3.60 30.97 -14.50
C LEU B 380 -3.56 30.00 -13.34
N ASP B 381 -2.54 30.12 -12.49
CA ASP B 381 -2.28 29.18 -11.40
C ASP B 381 -2.47 29.92 -10.08
N LEU B 382 -3.60 29.65 -9.41
CA LEU B 382 -3.89 30.18 -8.08
C LEU B 382 -3.98 29.09 -7.02
N GLY B 383 -3.13 28.06 -7.15
CA GLY B 383 -3.12 26.98 -6.19
C GLY B 383 -2.50 27.34 -4.85
N THR B 384 -2.79 26.49 -3.85
CA THR B 384 -2.25 26.64 -2.49
C THR B 384 -2.50 28.05 -1.98
N ASN B 385 -3.79 28.40 -1.92
CA ASN B 385 -4.17 29.72 -1.46
C ASN B 385 -5.18 29.70 -0.33
N PHE B 386 -5.64 28.52 0.08
CA PHE B 386 -6.64 28.39 1.14
C PHE B 386 -7.90 29.17 0.81
N ILE B 387 -8.24 29.22 -0.48
CA ILE B 387 -9.47 29.84 -0.94
C ILE B 387 -10.66 29.01 -0.49
N LYS B 388 -11.61 29.65 0.21
CA LYS B 388 -12.83 28.99 0.68
C LYS B 388 -14.04 29.17 -0.23
N ILE B 389 -14.10 30.24 -1.03
CA ILE B 389 -15.27 30.61 -1.82
C ILE B 389 -14.83 31.02 -3.21
N ALA B 390 -15.46 30.46 -4.24
CA ALA B 390 -15.09 30.83 -5.60
C ALA B 390 -16.27 30.44 -6.47
N ASN B 391 -16.90 31.39 -7.12
CA ASN B 391 -18.01 30.94 -7.93
C ASN B 391 -17.43 30.64 -9.27
N LEU B 392 -17.46 29.37 -9.64
CA LEU B 392 -16.75 28.89 -10.80
C LEU B 392 -17.22 29.54 -12.09
N SER B 393 -18.40 30.16 -12.07
CA SER B 393 -18.90 30.79 -13.28
C SER B 393 -18.02 31.95 -13.70
N MET B 394 -17.30 32.57 -12.76
CA MET B 394 -16.47 33.72 -13.10
C MET B 394 -15.51 33.43 -14.23
N PHE B 395 -15.19 32.17 -14.45
CA PHE B 395 -14.33 31.84 -15.57
C PHE B 395 -15.11 31.84 -16.88
N LYS B 396 -16.36 32.37 -16.87
CA LYS B 396 -17.07 32.75 -18.10
C LYS B 396 -16.10 33.37 -19.08
N GLN B 397 -15.26 34.29 -18.55
CA GLN B 397 -14.42 35.15 -19.36
C GLN B 397 -13.00 34.64 -19.55
N PHE B 398 -12.79 33.32 -19.44
CA PHE B 398 -11.45 32.78 -19.64
C PHE B 398 -11.46 31.54 -20.55
N LYS B 399 -12.44 31.45 -21.49
CA LYS B 399 -12.52 30.32 -22.43
C LYS B 399 -11.24 30.18 -23.21
N ARG B 400 -10.54 31.33 -23.34
CA ARG B 400 -9.25 31.51 -23.99
C ARG B 400 -8.20 30.60 -23.45
N LEU B 401 -8.25 30.33 -22.15
CA LEU B 401 -7.14 29.73 -21.43
C LEU B 401 -7.12 28.21 -21.57
N LYS B 402 -5.88 27.64 -21.51
CA LYS B 402 -5.66 26.20 -21.46
C LYS B 402 -5.84 25.60 -20.07
N VAL B 403 -5.25 26.20 -19.03
CA VAL B 403 -5.31 25.62 -17.70
C VAL B 403 -5.69 26.70 -16.69
N ILE B 404 -6.74 26.44 -15.91
CA ILE B 404 -7.10 27.22 -14.74
C ILE B 404 -6.85 26.32 -13.52
N ASP B 405 -5.85 26.67 -12.72
CA ASP B 405 -5.35 25.80 -11.66
C ASP B 405 -5.76 26.39 -10.31
N LEU B 406 -6.76 25.79 -9.67
CA LEU B 406 -7.08 26.10 -8.28
C LEU B 406 -6.78 24.91 -7.37
N SER B 407 -5.82 24.10 -7.77
CA SER B 407 -5.41 22.93 -6.99
C SER B 407 -5.03 23.29 -5.56
N VAL B 408 -5.46 22.46 -4.63
CA VAL B 408 -5.07 22.57 -3.23
C VAL B 408 -5.56 23.88 -2.65
N ASN B 409 -6.88 24.01 -2.56
CA ASN B 409 -7.51 25.13 -1.89
C ASN B 409 -8.59 24.54 -1.02
N LYS B 410 -9.41 25.36 -0.39
CA LYS B 410 -10.45 24.92 0.53
C LYS B 410 -11.85 25.18 -0.03
N ILE B 411 -11.98 25.20 -1.36
CA ILE B 411 -13.24 25.61 -1.98
C ILE B 411 -14.33 24.59 -1.68
N SER B 412 -15.50 25.09 -1.28
CA SER B 412 -16.68 24.30 -0.99
C SER B 412 -17.91 25.15 -1.30
N PRO B 413 -19.11 24.53 -1.41
CA PRO B 413 -20.33 25.35 -1.55
C PRO B 413 -20.84 25.98 -0.25
N VAL B 437 3.27 20.38 -16.06
CA VAL B 437 3.00 20.04 -14.67
C VAL B 437 4.24 20.26 -13.81
N LEU B 438 4.12 21.09 -12.77
CA LEU B 438 5.24 21.35 -11.86
C LEU B 438 5.38 20.24 -10.83
N GLU B 439 6.63 19.91 -10.48
CA GLU B 439 6.95 18.88 -9.49
C GLU B 439 6.21 19.12 -8.18
N GLN B 440 5.99 18.06 -7.38
CA GLN B 440 5.19 18.19 -6.17
C GLN B 440 5.87 19.09 -5.13
N LEU B 441 7.20 19.02 -5.01
CA LEU B 441 8.01 20.08 -4.40
C LEU B 441 8.70 20.84 -5.52
N TYR B 442 8.46 22.14 -5.56
CA TYR B 442 8.87 23.00 -6.66
C TYR B 442 9.29 24.33 -6.07
N TYR B 443 8.37 25.00 -5.38
CA TYR B 443 8.62 26.34 -4.86
C TYR B 443 9.45 26.35 -3.58
N PHE B 444 9.52 25.24 -2.86
CA PHE B 444 10.29 25.21 -1.62
C PHE B 444 11.55 24.38 -1.71
N ARG B 445 11.74 23.60 -2.79
CA ARG B 445 12.98 22.87 -2.99
C ARG B 445 14.18 23.81 -2.95
N TYR B 446 15.28 23.32 -2.35
CA TYR B 446 16.51 24.10 -2.25
C TYR B 446 17.10 24.40 -3.62
N ASP B 447 17.21 23.38 -4.47
CA ASP B 447 17.73 23.56 -5.83
C ASP B 447 16.86 22.77 -6.80
N LYS B 448 15.86 23.43 -7.39
CA LYS B 448 15.02 22.78 -8.39
C LYS B 448 15.84 22.15 -9.51
N TYR B 449 17.02 22.72 -9.79
CA TYR B 449 17.83 22.34 -10.95
C TYR B 449 19.05 21.51 -10.57
N ALA B 450 19.09 20.96 -9.37
CA ALA B 450 20.22 20.10 -9.00
C ALA B 450 20.21 18.83 -9.84
N ARG B 451 21.36 18.45 -10.38
CA ARG B 451 21.43 17.26 -11.20
C ARG B 451 21.92 16.09 -10.36
N SER B 452 21.38 14.91 -10.66
CA SER B 452 21.66 13.68 -9.96
C SER B 452 22.69 12.84 -10.72
N CYS B 453 23.37 11.96 -10.00
CA CYS B 453 24.29 11.01 -10.60
C CYS B 453 23.57 10.12 -11.61
N SER B 468 -2.03 12.99 -17.74
CA SER B 468 -2.55 14.36 -17.62
C SER B 468 -3.57 14.68 -18.70
N CYS B 469 -4.48 15.61 -18.39
CA CYS B 469 -5.62 15.91 -19.24
C CYS B 469 -5.47 17.24 -19.96
N TYR B 470 -4.31 17.86 -19.91
CA TYR B 470 -4.11 19.14 -20.58
C TYR B 470 -4.36 19.05 -22.10
N LYS B 471 -3.98 17.92 -22.74
CA LYS B 471 -4.12 17.75 -24.18
C LYS B 471 -5.55 17.92 -24.67
N TYR B 472 -6.53 17.59 -23.83
CA TYR B 472 -7.92 17.55 -24.30
C TYR B 472 -8.51 18.93 -24.47
N GLY B 473 -7.82 19.99 -24.03
CA GLY B 473 -8.37 21.33 -24.17
C GLY B 473 -8.42 22.09 -22.87
N GLN B 474 -9.37 23.00 -22.76
CA GLN B 474 -9.45 23.84 -21.58
C GLN B 474 -9.67 22.99 -20.34
N THR B 475 -8.80 23.17 -19.35
CA THR B 475 -8.79 22.38 -18.12
C THR B 475 -9.08 23.27 -16.92
N LEU B 476 -10.01 22.85 -16.07
CA LEU B 476 -10.28 23.50 -14.79
C LEU B 476 -9.89 22.51 -13.69
N ASP B 477 -8.77 22.78 -13.02
CA ASP B 477 -8.20 21.88 -12.02
C ASP B 477 -8.67 22.32 -10.63
N LEU B 478 -9.60 21.56 -10.04
CA LEU B 478 -10.02 21.78 -8.67
C LEU B 478 -9.65 20.62 -7.75
N SER B 479 -8.54 19.97 -8.05
CA SER B 479 -8.14 18.84 -7.23
C SER B 479 -7.73 19.29 -5.82
N LYS B 480 -7.91 18.38 -4.87
CA LYS B 480 -7.55 18.62 -3.48
C LYS B 480 -8.19 19.89 -2.96
N ASN B 481 -9.49 20.00 -3.18
CA ASN B 481 -10.29 21.05 -2.57
C ASN B 481 -11.26 20.40 -1.61
N SER B 482 -12.25 21.16 -1.15
CA SER B 482 -13.18 20.66 -0.14
C SER B 482 -14.62 20.61 -0.66
N ILE B 483 -14.81 20.28 -1.95
CA ILE B 483 -16.15 20.18 -2.51
C ILE B 483 -16.83 18.92 -1.99
N PHE B 484 -17.90 19.09 -1.21
CA PHE B 484 -18.61 17.93 -0.67
C PHE B 484 -19.93 17.62 -1.38
N PHE B 485 -20.41 18.53 -2.22
CA PHE B 485 -21.67 18.33 -2.92
C PHE B 485 -21.64 19.15 -4.20
N ILE B 486 -22.16 18.58 -5.28
CA ILE B 486 -22.21 19.29 -6.55
C ILE B 486 -23.65 19.41 -7.03
N LYS B 487 -23.96 20.55 -7.61
CA LYS B 487 -25.19 20.81 -8.31
C LYS B 487 -24.84 21.06 -9.76
N SER B 488 -25.86 21.06 -10.60
CA SER B 488 -25.63 21.44 -11.99
C SER B 488 -25.18 22.91 -12.08
N SER B 489 -25.86 23.78 -11.33
CA SER B 489 -25.60 25.22 -11.41
C SER B 489 -24.19 25.60 -10.97
N ASP B 490 -23.49 24.73 -10.27
CA ASP B 490 -22.11 25.04 -9.95
C ASP B 490 -21.30 25.27 -11.21
N PHE B 491 -21.76 24.73 -12.35
CA PHE B 491 -21.01 24.77 -13.60
C PHE B 491 -21.65 25.64 -14.68
N GLN B 492 -22.56 26.56 -14.32
CA GLN B 492 -23.20 27.36 -15.35
C GLN B 492 -22.19 28.31 -15.99
N HIS B 493 -22.34 28.50 -17.30
CA HIS B 493 -21.46 29.28 -18.16
C HIS B 493 -20.10 28.62 -18.36
N LEU B 494 -19.95 27.35 -17.97
CA LEU B 494 -18.69 26.64 -18.16
C LEU B 494 -18.78 25.58 -19.25
N SER B 495 -19.71 25.73 -20.20
CA SER B 495 -19.93 24.69 -21.18
C SER B 495 -18.70 24.44 -22.04
N PHE B 496 -17.73 25.35 -22.07
CA PHE B 496 -16.58 25.18 -22.93
C PHE B 496 -15.56 24.17 -22.42
N LEU B 497 -15.69 23.72 -21.16
CA LEU B 497 -14.65 22.92 -20.53
C LEU B 497 -14.46 21.59 -21.25
N LYS B 498 -13.20 21.21 -21.44
CA LYS B 498 -12.88 19.90 -21.98
C LYS B 498 -12.43 18.91 -20.93
N CYS B 499 -11.71 19.35 -19.89
CA CYS B 499 -11.31 18.50 -18.77
C CYS B 499 -11.61 19.22 -17.47
N LEU B 500 -12.22 18.50 -16.53
CA LEU B 500 -12.47 18.98 -15.18
C LEU B 500 -11.79 18.02 -14.20
N ASN B 501 -10.94 18.55 -13.33
CA ASN B 501 -10.27 17.73 -12.33
C ASN B 501 -10.93 17.96 -10.98
N LEU B 502 -11.68 16.98 -10.50
CA LEU B 502 -12.25 17.04 -9.17
C LEU B 502 -11.58 16.08 -8.21
N SER B 503 -10.44 15.53 -8.58
CA SER B 503 -9.75 14.54 -7.77
C SER B 503 -9.48 15.03 -6.36
N GLY B 504 -9.72 14.17 -5.39
CA GLY B 504 -9.31 14.49 -4.04
C GLY B 504 -10.15 15.57 -3.40
N ASN B 505 -11.43 15.59 -3.69
CA ASN B 505 -12.37 16.39 -2.93
C ASN B 505 -13.03 15.48 -1.90
N LEU B 506 -14.20 15.88 -1.41
CA LEU B 506 -14.93 15.11 -0.40
C LEU B 506 -16.34 14.79 -0.90
N ILE B 507 -16.46 14.43 -2.18
CA ILE B 507 -17.78 14.28 -2.78
C ILE B 507 -18.33 12.92 -2.35
N SER B 508 -19.36 12.94 -1.51
CA SER B 508 -19.96 11.74 -0.97
C SER B 508 -21.45 11.80 -1.33
N GLN B 509 -21.74 11.52 -2.61
CA GLN B 509 -22.98 11.90 -3.28
C GLN B 509 -23.40 10.78 -4.21
N THR B 510 -24.70 10.52 -4.31
CA THR B 510 -25.24 9.64 -5.36
C THR B 510 -25.50 10.50 -6.59
N LEU B 511 -24.81 10.22 -7.68
CA LEU B 511 -25.01 10.97 -8.91
C LEU B 511 -26.13 10.33 -9.70
N ASN B 512 -27.09 11.14 -10.16
CA ASN B 512 -28.21 10.63 -10.96
C ASN B 512 -28.26 11.29 -12.33
N GLY B 513 -27.12 11.77 -12.82
CA GLY B 513 -27.08 12.32 -14.15
C GLY B 513 -27.50 13.77 -14.27
N SER B 514 -27.79 14.47 -13.17
CA SER B 514 -28.17 15.87 -13.25
C SER B 514 -27.05 16.82 -12.85
N GLU B 515 -25.94 16.31 -12.30
CA GLU B 515 -24.99 17.17 -11.61
C GLU B 515 -24.05 17.93 -12.55
N PHE B 516 -23.83 17.44 -13.76
CA PHE B 516 -22.85 18.03 -14.66
C PHE B 516 -23.47 18.63 -15.93
N GLN B 517 -24.78 18.91 -15.94
CA GLN B 517 -25.48 19.23 -17.18
C GLN B 517 -24.85 20.36 -18.01
N PRO B 518 -24.34 21.46 -17.44
CA PRO B 518 -23.76 22.51 -18.28
C PRO B 518 -22.51 22.09 -19.02
N LEU B 519 -21.89 20.97 -18.68
CA LEU B 519 -20.56 20.65 -19.23
C LEU B 519 -20.75 19.80 -20.49
N ALA B 520 -21.32 20.44 -21.49
CA ALA B 520 -21.72 19.74 -22.70
C ALA B 520 -20.54 19.35 -23.57
N GLU B 521 -19.34 19.91 -23.35
CA GLU B 521 -18.17 19.58 -24.14
C GLU B 521 -17.13 18.76 -23.38
N LEU B 522 -17.39 18.40 -22.13
CA LEU B 522 -16.42 17.71 -21.30
C LEU B 522 -16.00 16.37 -21.90
N ARG B 523 -14.69 16.20 -22.09
CA ARG B 523 -14.11 14.96 -22.61
C ARG B 523 -13.40 14.12 -21.55
N TYR B 524 -12.98 14.71 -20.45
CA TYR B 524 -12.20 14.02 -19.42
C TYR B 524 -12.69 14.50 -18.06
N LEU B 525 -13.18 13.57 -17.25
CA LEU B 525 -13.54 13.87 -15.86
C LEU B 525 -12.69 13.02 -14.93
N ASP B 526 -11.87 13.66 -14.12
CA ASP B 526 -11.12 13.00 -13.05
C ASP B 526 -11.93 13.16 -11.76
N PHE B 527 -12.56 12.06 -11.33
CA PHE B 527 -13.35 11.99 -10.11
C PHE B 527 -12.64 11.15 -9.06
N SER B 528 -11.35 10.89 -9.24
CA SER B 528 -10.65 10.01 -8.34
C SER B 528 -10.56 10.60 -6.94
N ASN B 529 -10.39 9.72 -5.95
CA ASN B 529 -10.27 10.10 -4.53
C ASN B 529 -11.49 10.90 -4.05
N ASN B 530 -12.67 10.36 -4.28
CA ASN B 530 -13.89 10.94 -3.70
C ASN B 530 -14.62 9.77 -3.06
N ARG B 531 -15.91 9.96 -2.78
CA ARG B 531 -16.75 8.89 -2.27
C ARG B 531 -17.99 8.75 -3.13
N LEU B 532 -17.77 8.46 -4.41
CA LEU B 532 -18.89 8.27 -5.31
C LEU B 532 -19.78 7.12 -4.85
N ASP B 533 -21.07 7.34 -4.87
CA ASP B 533 -22.05 6.30 -4.53
C ASP B 533 -22.85 5.98 -5.79
N LEU B 534 -22.54 4.84 -6.41
CA LEU B 534 -23.18 4.40 -7.64
C LEU B 534 -24.54 3.76 -7.35
N LEU B 535 -25.41 4.53 -6.69
CA LEU B 535 -26.77 4.03 -6.48
C LEU B 535 -27.55 3.99 -7.78
N HIS B 536 -27.29 4.92 -8.68
CA HIS B 536 -28.03 5.06 -9.93
C HIS B 536 -27.10 4.80 -11.09
N SER B 537 -27.55 3.95 -12.03
CA SER B 537 -26.79 3.69 -13.27
C SER B 537 -26.87 4.86 -14.26
N THR B 538 -27.65 5.90 -13.95
CA THR B 538 -27.68 7.08 -14.79
C THR B 538 -26.54 8.05 -14.48
N ALA B 539 -25.66 7.73 -13.54
CA ALA B 539 -24.59 8.64 -13.17
C ALA B 539 -23.72 8.97 -14.36
N PHE B 540 -23.36 10.24 -14.49
CA PHE B 540 -22.48 10.75 -15.54
C PHE B 540 -23.12 10.76 -16.93
N GLU B 541 -24.36 10.28 -17.08
CA GLU B 541 -24.88 10.16 -18.44
C GLU B 541 -25.13 11.51 -19.09
N GLU B 542 -25.25 12.60 -18.31
CA GLU B 542 -25.34 13.91 -18.93
C GLU B 542 -24.03 14.35 -19.59
N LEU B 543 -22.90 13.69 -19.28
CA LEU B 543 -21.63 14.08 -19.90
C LEU B 543 -21.55 13.40 -21.26
N ARG B 544 -22.29 13.99 -22.21
CA ARG B 544 -22.54 13.33 -23.48
C ARG B 544 -21.28 13.13 -24.31
N LYS B 545 -20.26 13.96 -24.10
CA LYS B 545 -19.04 13.91 -24.90
C LYS B 545 -17.88 13.26 -24.17
N LEU B 546 -18.12 12.65 -23.01
CA LEU B 546 -17.07 12.13 -22.16
C LEU B 546 -16.32 10.97 -22.82
N GLU B 547 -15.00 11.09 -22.92
CA GLU B 547 -14.14 10.05 -23.48
C GLU B 547 -13.36 9.28 -22.43
N VAL B 548 -13.02 9.91 -21.30
CA VAL B 548 -12.22 9.33 -20.22
C VAL B 548 -12.88 9.67 -18.89
N LEU B 549 -13.12 8.64 -18.07
CA LEU B 549 -13.68 8.82 -16.73
C LEU B 549 -12.77 8.11 -15.72
N ASP B 550 -12.34 8.84 -14.70
CA ASP B 550 -11.51 8.26 -13.66
C ASP B 550 -12.31 8.33 -12.36
N ILE B 551 -12.77 7.17 -11.87
CA ILE B 551 -13.36 7.11 -10.54
C ILE B 551 -12.51 6.17 -9.68
N SER B 552 -11.20 6.17 -9.89
CA SER B 552 -10.37 5.38 -9.00
C SER B 552 -10.39 5.93 -7.58
N SER B 553 -10.17 5.05 -6.61
CA SER B 553 -10.08 5.44 -5.21
C SER B 553 -11.36 6.14 -4.76
N ASN B 554 -12.49 5.53 -5.09
CA ASN B 554 -13.77 5.91 -4.52
C ASN B 554 -14.28 4.68 -3.78
N SER B 555 -13.42 4.10 -2.92
CA SER B 555 -13.74 2.83 -2.31
C SER B 555 -14.80 2.91 -1.22
N HIS B 556 -15.03 4.10 -0.66
CA HIS B 556 -15.83 4.20 0.55
C HIS B 556 -17.11 3.38 0.45
N TYR B 557 -17.98 3.71 -0.50
CA TYR B 557 -19.25 3.00 -0.53
C TYR B 557 -19.08 1.56 -1.02
N PHE B 558 -18.01 1.22 -1.73
CA PHE B 558 -17.81 -0.17 -2.08
C PHE B 558 -17.40 -1.02 -0.87
N GLN B 559 -16.86 -0.40 0.20
CA GLN B 559 -16.44 -1.18 1.37
C GLN B 559 -17.57 -1.51 2.34
N SER B 560 -18.80 -1.14 2.05
CA SER B 560 -19.89 -1.45 2.95
C SER B 560 -20.68 -2.66 2.48
N GLU B 561 -20.95 -3.52 3.46
CA GLU B 561 -21.90 -4.59 3.35
C GLU B 561 -23.18 -4.23 2.60
N GLY B 562 -23.47 -4.97 1.54
CA GLY B 562 -24.88 -5.12 1.17
C GLY B 562 -25.51 -3.94 0.48
N ILE B 563 -24.77 -2.85 0.37
CA ILE B 563 -25.21 -1.64 -0.31
C ILE B 563 -25.25 -1.89 -1.82
N THR B 564 -26.19 -1.22 -2.48
CA THR B 564 -26.33 -1.32 -3.94
C THR B 564 -25.18 -0.62 -4.64
N HIS B 565 -24.69 -1.21 -5.74
CA HIS B 565 -23.64 -0.62 -6.58
C HIS B 565 -23.98 -0.87 -8.05
N MET B 566 -24.13 0.18 -8.83
CA MET B 566 -24.55 0.03 -10.21
C MET B 566 -23.33 0.09 -11.12
N LEU B 567 -22.70 -1.05 -11.35
CA LEU B 567 -21.56 -1.00 -12.24
C LEU B 567 -21.95 -0.97 -13.70
N ASN B 568 -23.23 -1.13 -14.03
CA ASN B 568 -23.67 -1.08 -15.42
C ASN B 568 -23.96 0.33 -15.89
N PHE B 569 -23.55 1.33 -15.14
CA PHE B 569 -23.73 2.72 -15.55
C PHE B 569 -23.02 3.06 -16.86
N THR B 570 -22.20 2.14 -17.40
CA THR B 570 -21.39 2.46 -18.58
C THR B 570 -22.25 2.66 -19.81
N LYS B 571 -23.43 2.01 -19.85
CA LYS B 571 -24.19 1.87 -21.09
C LYS B 571 -24.63 3.23 -21.63
N ASN B 572 -24.85 4.19 -20.75
CA ASN B 572 -25.34 5.48 -21.20
C ASN B 572 -24.23 6.37 -21.77
N LEU B 573 -22.96 5.96 -21.69
CA LEU B 573 -21.84 6.80 -22.09
C LEU B 573 -21.31 6.36 -23.44
N LYS B 574 -21.81 7.01 -24.49
CA LYS B 574 -21.76 6.46 -25.84
C LYS B 574 -20.46 6.72 -26.58
N VAL B 575 -19.63 7.64 -26.09
CA VAL B 575 -18.30 7.89 -26.66
C VAL B 575 -17.19 7.64 -25.64
N LEU B 576 -17.50 6.98 -24.52
CA LEU B 576 -16.50 6.72 -23.49
C LEU B 576 -15.47 5.73 -24.00
N GLN B 577 -14.19 6.13 -23.90
CA GLN B 577 -13.08 5.32 -24.38
C GLN B 577 -12.26 4.67 -23.26
N LYS B 578 -12.12 5.32 -22.12
CA LYS B 578 -11.24 4.86 -21.06
C LYS B 578 -11.94 5.06 -19.73
N LEU B 579 -11.98 3.99 -18.93
CA LEU B 579 -12.63 4.01 -17.63
C LEU B 579 -11.65 3.49 -16.62
N MET B 580 -11.33 4.31 -15.63
CA MET B 580 -10.41 3.92 -14.57
C MET B 580 -11.21 3.79 -13.28
N MET B 581 -11.29 2.59 -12.75
CA MET B 581 -11.92 2.40 -11.45
C MET B 581 -11.04 1.54 -10.55
N ASN B 582 -9.78 1.95 -10.44
CA ASN B 582 -8.79 1.32 -9.60
C ASN B 582 -9.01 1.58 -8.11
N ASP B 583 -8.47 0.66 -7.31
CA ASP B 583 -8.35 0.82 -5.85
C ASP B 583 -9.69 1.15 -5.20
N ASN B 584 -10.76 0.55 -5.71
CA ASN B 584 -12.09 0.76 -5.16
C ASN B 584 -12.54 -0.35 -4.23
N ASP B 585 -11.75 -1.41 -4.09
CA ASP B 585 -12.10 -2.50 -3.19
C ASP B 585 -13.44 -3.11 -3.56
N ILE B 586 -13.74 -3.15 -4.86
CA ILE B 586 -15.01 -3.66 -5.35
C ILE B 586 -15.07 -5.15 -5.12
N SER B 587 -16.07 -5.61 -4.37
CA SER B 587 -16.24 -7.03 -4.11
C SER B 587 -17.67 -7.51 -4.31
N SER B 588 -18.56 -6.63 -4.74
CA SER B 588 -19.97 -6.95 -4.86
C SER B 588 -20.52 -6.03 -5.93
N SER B 589 -21.60 -6.45 -6.59
CA SER B 589 -22.23 -5.61 -7.62
C SER B 589 -23.68 -6.04 -7.80
N THR B 590 -24.58 -5.06 -7.82
CA THR B 590 -25.98 -5.38 -8.04
C THR B 590 -26.23 -5.81 -9.49
N SER B 591 -25.52 -5.22 -10.44
CA SER B 591 -25.57 -5.63 -11.84
C SER B 591 -24.51 -6.69 -12.13
N ARG B 592 -24.84 -7.59 -13.05
CA ARG B 592 -24.00 -8.73 -13.34
C ARG B 592 -23.17 -8.54 -14.59
N THR B 593 -23.41 -7.47 -15.34
CA THR B 593 -22.65 -7.19 -16.56
C THR B 593 -22.43 -5.69 -16.70
N MET B 594 -21.22 -5.31 -17.08
CA MET B 594 -21.02 -3.96 -17.56
C MET B 594 -21.10 -3.95 -19.07
N GLU B 595 -21.64 -2.86 -19.61
CA GLU B 595 -21.91 -2.77 -21.04
C GLU B 595 -21.49 -1.41 -21.59
N SER B 596 -20.79 -1.46 -22.71
CA SER B 596 -20.42 -0.25 -23.42
C SER B 596 -20.04 -0.69 -24.82
N GLU B 597 -20.50 0.05 -25.82
CA GLU B 597 -20.12 -0.28 -27.18
C GLU B 597 -18.94 0.55 -27.65
N SER B 598 -18.42 1.43 -26.79
CA SER B 598 -17.35 2.35 -27.14
C SER B 598 -16.07 2.12 -26.37
N LEU B 599 -16.15 1.66 -25.13
CA LEU B 599 -15.00 1.60 -24.23
C LEU B 599 -13.90 0.67 -24.73
N ARG B 600 -12.66 1.17 -24.76
CA ARG B 600 -11.53 0.33 -25.18
C ARG B 600 -10.53 0.02 -24.07
N THR B 601 -10.50 0.82 -23.00
CA THR B 601 -9.59 0.56 -21.90
C THR B 601 -10.34 0.64 -20.58
N LEU B 602 -10.21 -0.44 -19.80
CA LEU B 602 -10.80 -0.56 -18.47
C LEU B 602 -9.70 -0.93 -17.48
N GLU B 603 -9.41 -0.02 -16.56
CA GLU B 603 -8.50 -0.30 -15.46
C GLU B 603 -9.31 -0.64 -14.22
N PHE B 604 -9.17 -1.89 -13.76
CA PHE B 604 -9.91 -2.48 -12.66
C PHE B 604 -8.96 -3.01 -11.60
N ARG B 605 -7.82 -2.35 -11.46
CA ARG B 605 -6.76 -2.81 -10.58
C ARG B 605 -7.10 -2.49 -9.12
N GLY B 606 -6.72 -3.37 -8.20
CA GLY B 606 -6.92 -3.09 -6.79
C GLY B 606 -8.35 -3.23 -6.32
N ASN B 607 -9.04 -4.26 -6.78
CA ASN B 607 -10.40 -4.58 -6.40
C ASN B 607 -10.40 -6.02 -5.90
N HIS B 608 -11.58 -6.61 -5.74
CA HIS B 608 -11.67 -7.95 -5.17
C HIS B 608 -12.48 -8.86 -6.10
N LEU B 609 -12.01 -9.01 -7.34
CA LEU B 609 -12.61 -10.02 -8.19
C LEU B 609 -12.47 -11.40 -7.59
N ASP B 610 -11.53 -11.61 -6.67
CA ASP B 610 -11.51 -12.91 -6.02
C ASP B 610 -12.82 -13.16 -5.28
N VAL B 611 -13.44 -12.12 -4.73
CA VAL B 611 -14.72 -12.31 -4.05
C VAL B 611 -15.86 -12.44 -5.06
N LEU B 612 -15.93 -11.49 -6.01
CA LEU B 612 -16.94 -11.55 -7.06
C LEU B 612 -16.95 -12.89 -7.76
N TRP B 613 -15.77 -13.45 -8.04
CA TRP B 613 -15.61 -14.72 -8.74
C TRP B 613 -15.36 -15.87 -7.79
N ARG B 614 -15.77 -15.73 -6.52
CA ARG B 614 -15.79 -16.88 -5.64
C ARG B 614 -16.26 -18.16 -6.27
N ASP B 615 -15.43 -19.20 -6.08
CA ASP B 615 -15.67 -20.50 -6.66
C ASP B 615 -17.02 -21.00 -6.17
N GLY B 616 -17.87 -21.35 -7.14
CA GLY B 616 -19.25 -21.69 -6.92
C GLY B 616 -20.25 -20.62 -7.31
N ASP B 617 -19.82 -19.35 -7.39
CA ASP B 617 -20.72 -18.24 -7.76
C ASP B 617 -20.43 -17.84 -9.20
N ASN B 618 -21.35 -18.17 -10.11
CA ASN B 618 -21.17 -17.93 -11.54
C ASN B 618 -21.68 -16.57 -11.98
N ARG B 619 -22.30 -15.81 -11.08
CA ARG B 619 -23.09 -14.65 -11.51
C ARG B 619 -22.25 -13.54 -12.12
N TYR B 620 -20.96 -13.43 -11.81
CA TYR B 620 -20.20 -12.31 -12.36
C TYR B 620 -19.10 -12.75 -13.31
N LEU B 621 -19.13 -14.00 -13.80
CA LEU B 621 -18.08 -14.44 -14.72
C LEU B 621 -18.18 -13.77 -16.09
N GLN B 622 -19.23 -13.01 -16.37
CA GLN B 622 -19.31 -12.22 -17.59
C GLN B 622 -19.44 -10.74 -17.26
N LEU B 623 -18.79 -10.32 -16.18
CA LEU B 623 -18.80 -8.90 -15.83
C LEU B 623 -18.39 -8.02 -17.01
N PHE B 624 -17.37 -8.45 -17.77
CA PHE B 624 -16.77 -7.65 -18.83
C PHE B 624 -17.12 -8.09 -20.24
N LYS B 625 -17.95 -9.15 -20.41
CA LYS B 625 -18.19 -9.73 -21.73
C LYS B 625 -18.81 -8.73 -22.71
N ASN B 626 -19.71 -7.87 -22.25
CA ASN B 626 -20.43 -6.97 -23.13
C ASN B 626 -19.78 -5.60 -23.25
N LEU B 627 -18.48 -5.51 -22.98
CA LEU B 627 -17.70 -4.35 -23.39
C LEU B 627 -17.11 -4.72 -24.74
N LEU B 628 -17.92 -4.55 -25.80
CA LEU B 628 -17.61 -5.26 -27.04
C LEU B 628 -16.33 -4.78 -27.68
N LYS B 629 -15.97 -3.53 -27.48
CA LYS B 629 -14.77 -2.98 -28.09
C LYS B 629 -13.58 -2.93 -27.12
N LEU B 630 -13.71 -3.49 -25.93
CA LEU B 630 -12.64 -3.44 -24.94
C LEU B 630 -11.36 -4.04 -25.47
N GLU B 631 -10.28 -3.26 -25.45
CA GLU B 631 -8.99 -3.75 -25.90
C GLU B 631 -7.96 -3.95 -24.77
N GLU B 632 -8.01 -3.16 -23.71
CA GLU B 632 -7.03 -3.29 -22.63
C GLU B 632 -7.78 -3.46 -21.32
N LEU B 633 -7.46 -4.53 -20.61
CA LEU B 633 -8.07 -4.85 -19.33
C LEU B 633 -6.96 -5.07 -18.32
N ASP B 634 -6.93 -4.22 -17.28
CA ASP B 634 -6.04 -4.34 -16.14
C ASP B 634 -6.86 -4.88 -14.97
N ILE B 635 -6.62 -6.15 -14.61
CA ILE B 635 -7.16 -6.68 -13.36
C ILE B 635 -6.02 -7.20 -12.50
N SER B 636 -4.89 -6.49 -12.51
CA SER B 636 -3.86 -6.76 -11.54
C SER B 636 -4.34 -6.40 -10.14
N LYS B 637 -3.62 -6.90 -9.13
CA LYS B 637 -3.89 -6.61 -7.71
C LYS B 637 -5.34 -6.87 -7.35
N ASN B 638 -5.84 -8.06 -7.69
CA ASN B 638 -7.20 -8.42 -7.36
C ASN B 638 -7.30 -9.68 -6.51
N SER B 639 -6.18 -10.08 -5.87
CA SER B 639 -6.14 -11.25 -4.99
C SER B 639 -6.59 -12.53 -5.70
N LEU B 640 -6.39 -12.62 -7.01
CA LEU B 640 -6.82 -13.81 -7.74
C LEU B 640 -5.76 -14.88 -7.61
N SER B 641 -5.81 -15.65 -6.53
CA SER B 641 -4.85 -16.73 -6.39
C SER B 641 -5.13 -17.88 -7.35
N PHE B 642 -6.35 -17.95 -7.90
CA PHE B 642 -6.68 -18.85 -9.00
C PHE B 642 -7.72 -18.17 -9.86
N LEU B 643 -7.82 -18.61 -11.12
CA LEU B 643 -8.89 -18.12 -11.99
C LEU B 643 -9.93 -19.21 -12.18
N PRO B 644 -11.16 -19.01 -11.72
CA PRO B 644 -12.20 -20.00 -11.98
C PRO B 644 -12.40 -20.19 -13.48
N SER B 645 -12.83 -21.40 -13.84
CA SER B 645 -13.22 -21.65 -15.22
C SER B 645 -14.47 -20.83 -15.55
N GLY B 646 -14.43 -20.17 -16.70
CA GLY B 646 -15.45 -19.22 -17.08
C GLY B 646 -14.92 -17.81 -17.19
N VAL B 647 -13.81 -17.53 -16.52
CA VAL B 647 -13.21 -16.20 -16.60
C VAL B 647 -12.79 -15.90 -18.03
N PHE B 648 -12.12 -16.85 -18.67
CA PHE B 648 -11.58 -16.58 -20.01
C PHE B 648 -12.66 -16.56 -21.08
N ASP B 649 -13.56 -17.55 -21.07
CA ASP B 649 -14.72 -17.49 -21.93
C ASP B 649 -15.49 -16.20 -21.70
N GLY B 650 -15.43 -15.64 -20.48
CA GLY B 650 -16.16 -14.43 -20.18
C GLY B 650 -15.53 -13.15 -20.67
N MET B 651 -14.31 -13.21 -21.19
CA MET B 651 -13.69 -11.98 -21.65
C MET B 651 -14.32 -11.51 -22.95
N PRO B 652 -14.37 -10.21 -23.18
CA PRO B 652 -14.92 -9.68 -24.42
C PRO B 652 -14.08 -10.11 -25.61
N PRO B 653 -14.64 -10.07 -26.82
CA PRO B 653 -13.98 -10.75 -27.96
C PRO B 653 -12.74 -10.07 -28.53
N ASN B 654 -12.50 -8.78 -28.29
CA ASN B 654 -11.36 -8.11 -28.92
C ASN B 654 -10.21 -7.80 -27.96
N LEU B 655 -10.14 -8.47 -26.83
CA LEU B 655 -9.16 -8.11 -25.80
C LEU B 655 -7.74 -8.31 -26.30
N LYS B 656 -6.92 -7.26 -26.20
CA LYS B 656 -5.54 -7.30 -26.69
C LYS B 656 -4.53 -7.38 -25.57
N ASN B 657 -4.64 -6.48 -24.58
N ASN B 657 -4.58 -6.46 -24.61
CA ASN B 657 -3.70 -6.35 -23.46
CA ASN B 657 -3.63 -6.41 -23.50
C ASN B 657 -4.42 -6.78 -22.19
C ASN B 657 -4.36 -6.78 -22.20
N LEU B 658 -3.95 -7.87 -21.57
CA LEU B 658 -4.53 -8.36 -20.33
C LEU B 658 -3.46 -8.44 -19.25
N SER B 659 -3.64 -7.71 -18.17
CA SER B 659 -2.74 -7.80 -17.04
C SER B 659 -3.40 -8.52 -15.88
N LEU B 660 -2.80 -9.62 -15.46
CA LEU B 660 -3.14 -10.31 -14.23
C LEU B 660 -2.00 -10.19 -13.21
N ALA B 661 -1.21 -9.12 -13.29
CA ALA B 661 -0.05 -9.03 -12.40
C ALA B 661 -0.47 -8.93 -10.93
N LYS B 662 0.47 -9.31 -10.07
CA LYS B 662 0.38 -9.05 -8.64
C LYS B 662 -0.91 -9.61 -8.07
N ASN B 663 -1.17 -10.87 -8.39
CA ASN B 663 -2.38 -11.52 -7.92
C ASN B 663 -2.13 -12.69 -7.00
N GLY B 664 -0.87 -13.07 -6.76
CA GLY B 664 -0.62 -14.29 -6.03
C GLY B 664 -1.14 -15.51 -6.74
N LEU B 665 -1.28 -15.44 -8.07
CA LEU B 665 -1.72 -16.58 -8.88
C LEU B 665 -0.80 -17.76 -8.63
N LYS B 666 -1.39 -18.91 -8.27
CA LYS B 666 -0.58 -20.08 -7.95
C LYS B 666 -0.68 -21.13 -9.03
N SER B 667 -1.61 -20.97 -9.94
CA SER B 667 -1.84 -21.93 -11.00
C SER B 667 -2.56 -21.22 -12.12
N PHE B 668 -2.42 -21.77 -13.32
CA PHE B 668 -2.90 -21.10 -14.52
C PHE B 668 -3.07 -22.19 -15.56
N ILE B 669 -4.29 -22.35 -16.06
CA ILE B 669 -4.56 -23.32 -17.12
C ILE B 669 -4.31 -22.60 -18.45
N TRP B 670 -3.07 -22.76 -18.95
CA TRP B 670 -2.65 -21.99 -20.11
C TRP B 670 -3.54 -22.22 -21.33
N GLU B 671 -4.12 -23.43 -21.46
CA GLU B 671 -4.96 -23.74 -22.61
C GLU B 671 -6.14 -22.80 -22.72
N LYS B 672 -6.67 -22.34 -21.58
CA LYS B 672 -7.80 -21.40 -21.61
C LYS B 672 -7.47 -20.13 -22.37
N LEU B 673 -6.20 -19.86 -22.67
CA LEU B 673 -5.88 -18.71 -23.50
C LEU B 673 -6.44 -18.86 -24.92
N ARG B 674 -6.79 -20.08 -25.35
CA ARG B 674 -7.41 -20.25 -26.66
C ARG B 674 -8.66 -19.38 -26.82
N TYR B 675 -9.38 -19.11 -25.72
CA TYR B 675 -10.58 -18.27 -25.78
C TYR B 675 -10.26 -16.83 -26.17
N LEU B 676 -9.07 -16.33 -25.85
CA LEU B 676 -8.75 -14.91 -26.05
C LEU B 676 -8.08 -14.76 -27.41
N LYS B 677 -8.93 -14.72 -28.44
CA LYS B 677 -8.46 -14.91 -29.81
C LYS B 677 -7.78 -13.67 -30.40
N ASN B 678 -7.85 -12.51 -29.75
CA ASN B 678 -7.09 -11.35 -30.19
C ASN B 678 -5.96 -10.96 -29.23
N LEU B 679 -5.53 -11.88 -28.36
CA LEU B 679 -4.60 -11.54 -27.28
C LEU B 679 -3.19 -11.31 -27.81
N GLU B 680 -2.61 -10.16 -27.48
CA GLU B 680 -1.25 -9.82 -27.89
C GLU B 680 -0.29 -9.66 -26.72
N THR B 681 -0.75 -9.09 -25.61
CA THR B 681 0.06 -8.89 -24.42
C THR B 681 -0.58 -9.59 -23.22
N LEU B 682 0.20 -10.44 -22.56
CA LEU B 682 -0.20 -11.10 -21.32
C LEU B 682 0.80 -10.74 -20.24
N ASP B 683 0.34 -10.03 -19.22
CA ASP B 683 1.20 -9.64 -18.11
C ASP B 683 0.87 -10.55 -16.93
N LEU B 684 1.76 -11.49 -16.65
CA LEU B 684 1.59 -12.34 -15.48
C LEU B 684 2.66 -12.08 -14.45
N SER B 685 3.22 -10.88 -14.44
CA SER B 685 4.36 -10.57 -13.58
C SER B 685 3.97 -10.56 -12.11
N HIS B 686 4.96 -10.79 -11.24
CA HIS B 686 4.76 -10.77 -9.79
C HIS B 686 3.62 -11.68 -9.34
N ASN B 687 3.75 -12.96 -9.62
CA ASN B 687 2.79 -13.97 -9.15
C ASN B 687 3.57 -15.14 -8.57
N GLN B 688 2.91 -16.29 -8.47
CA GLN B 688 3.55 -17.51 -7.95
C GLN B 688 3.36 -18.69 -8.88
N LEU B 689 3.46 -18.45 -10.19
CA LEU B 689 3.43 -19.53 -11.16
C LEU B 689 4.72 -20.33 -11.05
N THR B 690 4.61 -21.64 -11.31
CA THR B 690 5.76 -22.53 -11.28
C THR B 690 6.04 -23.19 -12.63
N THR B 691 5.16 -23.04 -13.62
CA THR B 691 5.27 -23.75 -14.88
C THR B 691 4.91 -22.83 -16.04
N VAL B 692 5.47 -23.14 -17.21
CA VAL B 692 5.09 -22.49 -18.47
C VAL B 692 4.25 -23.52 -19.23
N PRO B 693 3.52 -23.14 -20.27
CA PRO B 693 2.69 -24.14 -20.97
C PRO B 693 3.57 -25.17 -21.64
N GLU B 694 3.03 -26.39 -21.77
CA GLU B 694 3.79 -27.42 -22.50
C GLU B 694 4.04 -27.00 -23.94
N ARG B 695 3.12 -26.25 -24.56
CA ARG B 695 3.37 -25.78 -25.92
C ARG B 695 2.63 -24.44 -26.08
N LEU B 696 3.38 -23.33 -25.97
CA LEU B 696 2.75 -22.00 -25.99
C LEU B 696 1.92 -21.79 -27.25
N SER B 697 2.43 -22.23 -28.40
CA SER B 697 1.71 -22.06 -29.66
C SER B 697 0.33 -22.73 -29.64
N ASN B 698 0.22 -23.86 -28.93
CA ASN B 698 -1.06 -24.54 -28.73
C ASN B 698 -1.93 -23.86 -27.68
N CYS B 699 -1.50 -22.74 -27.11
CA CYS B 699 -2.29 -21.97 -26.16
C CYS B 699 -2.78 -20.65 -26.72
N SER B 700 -2.00 -20.03 -27.58
CA SER B 700 -2.38 -18.77 -28.20
C SER B 700 -1.51 -18.61 -29.44
N ARG B 701 -2.14 -18.55 -30.60
CA ARG B 701 -1.36 -18.27 -31.81
C ARG B 701 -1.21 -16.78 -32.06
N SER B 702 -1.79 -15.95 -31.20
CA SER B 702 -1.74 -14.50 -31.37
C SER B 702 -0.77 -13.81 -30.43
N LEU B 703 -0.30 -14.50 -29.39
CA LEU B 703 0.41 -13.84 -28.32
C LEU B 703 1.72 -13.25 -28.80
N LYS B 704 1.91 -11.94 -28.57
CA LYS B 704 3.14 -11.24 -28.93
C LYS B 704 4.08 -11.02 -27.74
N ASN B 705 3.56 -10.55 -26.62
CA ASN B 705 4.38 -10.22 -25.47
C ASN B 705 3.90 -11.00 -24.26
N LEU B 706 4.80 -11.78 -23.68
CA LEU B 706 4.50 -12.61 -22.51
C LEU B 706 5.44 -12.15 -21.41
N ILE B 707 4.86 -11.59 -20.34
CA ILE B 707 5.65 -11.11 -19.21
C ILE B 707 5.44 -12.06 -18.05
N LEU B 708 6.47 -12.81 -17.67
CA LEU B 708 6.40 -13.78 -16.58
C LEU B 708 7.41 -13.45 -15.48
N LYS B 709 7.87 -12.20 -15.41
CA LYS B 709 8.88 -11.82 -14.42
C LYS B 709 8.35 -11.94 -13.00
N ASN B 710 9.26 -12.27 -12.08
CA ASN B 710 8.94 -12.40 -10.67
C ASN B 710 7.87 -13.47 -10.45
N ASN B 711 8.22 -14.70 -10.80
CA ASN B 711 7.41 -15.86 -10.47
C ASN B 711 8.32 -16.91 -9.85
N GLN B 712 7.83 -18.14 -9.78
CA GLN B 712 8.54 -19.24 -9.15
C GLN B 712 8.89 -20.34 -10.16
N ILE B 713 9.10 -19.96 -11.42
CA ILE B 713 9.33 -20.96 -12.45
C ILE B 713 10.74 -21.51 -12.29
N ARG B 714 10.86 -22.83 -12.17
CA ARG B 714 12.14 -23.46 -11.96
C ARG B 714 12.68 -24.19 -13.17
N SER B 715 11.84 -24.50 -14.16
CA SER B 715 12.31 -25.14 -15.39
C SER B 715 11.31 -24.86 -16.50
N LEU B 716 11.77 -24.98 -17.74
CA LEU B 716 10.87 -24.79 -18.86
C LEU B 716 10.40 -26.13 -19.43
N THR B 717 9.25 -26.09 -20.09
CA THR B 717 8.75 -27.25 -20.79
C THR B 717 9.69 -27.62 -21.92
N LYS B 718 9.68 -28.90 -22.30
CA LYS B 718 10.57 -29.38 -23.36
C LYS B 718 10.40 -28.58 -24.65
N TYR B 719 9.16 -28.35 -25.08
CA TYR B 719 8.90 -27.70 -26.36
C TYR B 719 8.17 -26.36 -26.19
N PHE B 720 8.43 -25.67 -25.08
CA PHE B 720 7.82 -24.39 -24.74
C PHE B 720 7.53 -23.53 -25.97
N LEU B 721 8.56 -22.99 -26.60
CA LEU B 721 8.33 -21.97 -27.61
C LEU B 721 8.22 -22.52 -29.02
N GLN B 722 8.28 -23.85 -29.20
CA GLN B 722 8.10 -24.46 -30.51
C GLN B 722 6.84 -24.07 -31.23
N ASP B 723 7.10 -23.46 -32.40
CA ASP B 723 6.25 -22.85 -33.41
C ASP B 723 5.57 -21.57 -32.93
N ALA B 724 6.12 -20.92 -31.91
CA ALA B 724 5.54 -19.67 -31.46
C ALA B 724 6.10 -18.48 -32.24
N PHE B 725 5.87 -18.49 -33.55
CA PHE B 725 6.55 -17.55 -34.42
C PHE B 725 6.02 -16.13 -34.28
N GLN B 726 4.90 -15.96 -33.59
CA GLN B 726 4.28 -14.66 -33.35
C GLN B 726 4.93 -13.90 -32.20
N LEU B 727 5.58 -14.63 -31.30
CA LEU B 727 6.14 -14.06 -30.08
C LEU B 727 7.25 -13.06 -30.39
N ARG B 728 7.18 -11.90 -29.76
CA ARG B 728 8.19 -10.87 -29.96
C ARG B 728 8.84 -10.36 -28.67
N TYR B 729 8.29 -10.70 -27.51
CA TYR B 729 8.87 -10.20 -26.27
C TYR B 729 8.61 -11.23 -25.19
N LEU B 730 9.66 -11.64 -24.48
CA LEU B 730 9.54 -12.67 -23.45
C LEU B 730 10.36 -12.24 -22.24
N ASP B 731 9.70 -12.13 -21.10
CA ASP B 731 10.36 -11.74 -19.87
C ASP B 731 10.25 -12.90 -18.88
N LEU B 732 11.37 -13.60 -18.66
CA LEU B 732 11.45 -14.66 -17.65
C LEU B 732 12.36 -14.26 -16.51
N SER B 733 12.60 -12.96 -16.32
CA SER B 733 13.55 -12.56 -15.29
C SER B 733 12.95 -12.78 -13.91
N SER B 734 13.83 -12.91 -12.91
CA SER B 734 13.42 -13.01 -11.53
C SER B 734 12.52 -14.22 -11.31
N ASN B 735 13.00 -15.36 -11.78
CA ASN B 735 12.39 -16.66 -11.53
C ASN B 735 13.47 -17.54 -10.91
N LYS B 736 13.35 -18.87 -11.02
CA LYS B 736 14.34 -19.76 -10.42
C LYS B 736 14.86 -20.77 -11.45
N ILE B 737 14.98 -20.37 -12.71
CA ILE B 737 15.35 -21.33 -13.73
C ILE B 737 16.79 -21.76 -13.53
N GLN B 738 17.05 -23.06 -13.61
CA GLN B 738 18.41 -23.58 -13.54
C GLN B 738 19.03 -23.85 -14.90
N MET B 739 18.25 -24.38 -15.85
CA MET B 739 18.73 -24.72 -17.18
C MET B 739 17.67 -24.42 -18.23
N ILE B 740 18.14 -24.05 -19.41
CA ILE B 740 17.32 -23.84 -20.59
C ILE B 740 17.96 -24.65 -21.71
N GLN B 741 17.21 -25.56 -22.30
CA GLN B 741 17.74 -26.39 -23.38
C GLN B 741 17.23 -25.89 -24.72
N LYS B 742 17.84 -26.39 -25.79
CA LYS B 742 17.59 -25.85 -27.12
C LYS B 742 16.21 -26.23 -27.64
N THR B 743 15.61 -27.29 -27.08
CA THR B 743 14.27 -27.67 -27.50
C THR B 743 13.22 -26.69 -26.98
N SER B 744 13.47 -26.08 -25.83
CA SER B 744 12.56 -25.06 -25.33
C SER B 744 12.67 -23.76 -26.10
N PHE B 745 13.83 -23.50 -26.72
CA PHE B 745 14.13 -22.21 -27.33
C PHE B 745 14.56 -22.39 -28.78
N PRO B 746 13.64 -22.78 -29.67
CA PRO B 746 14.03 -22.95 -31.08
C PRO B 746 14.39 -21.60 -31.69
N GLU B 747 15.50 -21.56 -32.42
CA GLU B 747 16.05 -20.26 -32.78
C GLU B 747 15.26 -19.61 -33.89
N ASN B 748 14.40 -20.37 -34.59
CA ASN B 748 13.45 -19.74 -35.50
C ASN B 748 12.44 -18.86 -34.76
N VAL B 749 12.29 -19.06 -33.45
CA VAL B 749 11.43 -18.20 -32.64
C VAL B 749 12.22 -17.06 -32.04
N LEU B 750 13.37 -17.37 -31.45
CA LEU B 750 14.21 -16.32 -30.87
C LEU B 750 14.75 -15.38 -31.92
N ASN B 751 14.74 -15.78 -33.20
CA ASN B 751 15.33 -14.97 -34.24
C ASN B 751 14.47 -13.75 -34.52
N ASN B 752 13.20 -13.79 -34.11
CA ASN B 752 12.29 -12.65 -34.22
C ASN B 752 12.11 -11.91 -32.91
N LEU B 753 12.80 -12.35 -31.83
CA LEU B 753 12.58 -11.80 -30.49
C LEU B 753 13.25 -10.46 -30.28
N LYS B 754 12.37 -9.53 -29.95
CA LYS B 754 12.73 -8.15 -29.99
C LYS B 754 13.38 -7.79 -28.67
N MET B 755 13.13 -8.56 -27.58
CA MET B 755 13.88 -8.52 -26.31
C MET B 755 13.60 -9.83 -25.60
N LEU B 756 14.59 -10.40 -24.90
CA LEU B 756 14.44 -11.68 -24.17
C LEU B 756 15.10 -11.45 -22.82
N LEU B 757 14.30 -11.34 -21.77
CA LEU B 757 14.80 -11.02 -20.45
C LEU B 757 15.01 -12.30 -19.64
N LEU B 758 16.23 -12.49 -19.14
CA LEU B 758 16.61 -13.73 -18.46
C LEU B 758 17.28 -13.50 -17.12
N HIS B 759 17.48 -12.24 -16.72
CA HIS B 759 18.35 -11.98 -15.60
C HIS B 759 17.72 -12.40 -14.29
N HIS B 760 18.58 -12.55 -13.28
CA HIS B 760 18.16 -12.87 -11.92
C HIS B 760 17.40 -14.19 -11.86
N ASN B 761 18.02 -15.25 -12.38
CA ASN B 761 17.56 -16.61 -12.26
C ASN B 761 18.61 -17.41 -11.50
N ARG B 762 18.57 -18.74 -11.59
CA ARG B 762 19.47 -19.58 -10.80
C ARG B 762 20.21 -20.56 -11.72
N PHE B 763 20.87 -19.98 -12.72
CA PHE B 763 21.52 -20.77 -13.77
C PHE B 763 22.65 -21.60 -13.21
N LEU B 764 22.66 -22.90 -13.55
CA LEU B 764 23.72 -23.80 -13.12
C LEU B 764 24.62 -24.05 -14.32
N CYS B 765 25.90 -23.72 -14.16
CA CYS B 765 26.82 -23.67 -15.28
C CYS B 765 27.69 -24.92 -15.35
N THR B 766 27.02 -26.04 -15.51
CA THR B 766 27.67 -27.32 -15.68
C THR B 766 27.81 -27.59 -17.17
N CYS B 767 28.43 -28.72 -17.52
CA CYS B 767 28.53 -29.05 -18.93
C CYS B 767 27.16 -29.27 -19.56
N ASP B 768 26.11 -29.42 -18.75
CA ASP B 768 24.77 -29.48 -19.34
C ASP B 768 24.33 -28.15 -19.91
N ALA B 769 24.82 -27.05 -19.35
CA ALA B 769 24.38 -25.72 -19.76
C ALA B 769 25.09 -25.26 -21.00
N VAL B 770 25.75 -26.18 -21.69
CA VAL B 770 26.72 -25.81 -22.71
C VAL B 770 26.04 -25.06 -23.87
N TRP B 771 24.90 -25.56 -24.35
CA TRP B 771 24.21 -24.88 -25.44
C TRP B 771 23.69 -23.50 -25.02
N PHE B 772 23.09 -23.42 -23.84
CA PHE B 772 22.58 -22.13 -23.40
C PHE B 772 23.70 -21.12 -23.26
N VAL B 773 24.81 -21.52 -22.65
CA VAL B 773 25.92 -20.58 -22.45
C VAL B 773 26.45 -20.10 -23.81
N TRP B 774 26.65 -21.04 -24.74
CA TRP B 774 27.15 -20.65 -26.05
C TRP B 774 26.19 -19.70 -26.75
N TRP B 775 24.90 -20.03 -26.72
CA TRP B 775 23.94 -19.21 -27.45
C TRP B 775 23.86 -17.81 -26.86
N VAL B 776 23.84 -17.69 -25.53
CA VAL B 776 23.79 -16.38 -24.89
C VAL B 776 24.98 -15.54 -25.34
N GLN B 777 26.16 -16.14 -25.39
CA GLN B 777 27.37 -15.39 -25.74
C GLN B 777 27.37 -14.95 -27.19
N HIS B 778 26.75 -15.71 -28.08
CA HIS B 778 26.85 -15.46 -29.51
C HIS B 778 25.57 -14.95 -30.17
N THR B 779 24.53 -14.63 -29.40
CA THR B 779 23.22 -14.34 -29.98
C THR B 779 23.04 -12.88 -30.34
N GLU B 780 22.21 -12.66 -31.36
CA GLU B 780 21.81 -11.34 -31.82
C GLU B 780 20.79 -10.71 -30.87
N VAL B 781 19.93 -11.55 -30.30
CA VAL B 781 18.80 -11.10 -29.49
C VAL B 781 19.26 -10.23 -28.35
N THR B 782 18.51 -9.16 -28.11
CA THR B 782 18.79 -8.24 -27.00
C THR B 782 18.43 -8.91 -25.68
N ILE B 783 19.39 -8.97 -24.76
CA ILE B 783 19.18 -9.54 -23.44
C ILE B 783 19.73 -8.54 -22.44
N PRO B 784 18.89 -7.76 -21.78
CA PRO B 784 19.39 -6.77 -20.83
C PRO B 784 20.15 -7.43 -19.69
N TYR B 785 21.06 -6.66 -19.09
CA TYR B 785 21.75 -7.00 -17.85
C TYR B 785 22.76 -8.16 -17.97
N LEU B 786 23.19 -8.53 -19.18
CA LEU B 786 24.25 -9.56 -19.30
C LEU B 786 25.51 -9.17 -18.54
N ALA B 787 25.79 -7.87 -18.42
CA ALA B 787 27.03 -7.48 -17.75
C ALA B 787 26.95 -7.58 -16.25
N THR B 788 25.75 -7.64 -15.68
CA THR B 788 25.66 -7.41 -14.25
C THR B 788 24.70 -8.32 -13.49
N ASP B 789 23.85 -9.11 -14.16
CA ASP B 789 22.88 -9.96 -13.44
C ASP B 789 22.40 -11.16 -14.24
N VAL B 790 23.21 -11.70 -15.14
CA VAL B 790 22.92 -12.98 -15.81
C VAL B 790 24.09 -13.90 -15.48
N THR B 791 23.98 -14.58 -14.34
CA THR B 791 25.14 -15.15 -13.67
C THR B 791 24.86 -16.59 -13.23
N CYS B 792 25.93 -17.35 -13.04
CA CYS B 792 25.85 -18.70 -12.51
C CYS B 792 25.68 -18.66 -10.99
N VAL B 793 24.80 -19.51 -10.46
CA VAL B 793 24.75 -19.74 -9.01
C VAL B 793 25.74 -20.79 -8.55
N GLY B 794 26.36 -21.50 -9.47
CA GLY B 794 27.12 -22.68 -9.18
C GLY B 794 27.49 -23.42 -10.46
N PRO B 795 28.33 -24.45 -10.35
CA PRO B 795 28.81 -25.02 -9.09
C PRO B 795 30.02 -24.28 -8.49
N GLY B 796 30.00 -24.12 -7.17
CA GLY B 796 31.07 -23.54 -6.37
C GLY B 796 32.06 -22.63 -7.06
N ALA B 797 32.79 -23.20 -8.04
CA ALA B 797 33.82 -22.44 -8.75
C ALA B 797 33.21 -21.23 -9.46
N HIS B 798 32.12 -21.46 -10.18
CA HIS B 798 31.52 -20.44 -11.02
C HIS B 798 30.50 -19.57 -10.28
N LYS B 799 30.29 -19.79 -8.99
CA LYS B 799 29.24 -19.06 -8.29
C LYS B 799 29.53 -17.57 -8.39
N GLY B 800 28.50 -16.79 -8.68
CA GLY B 800 28.65 -15.36 -8.88
C GLY B 800 29.24 -14.97 -10.22
N GLN B 801 29.63 -15.92 -11.05
CA GLN B 801 30.30 -15.60 -12.30
C GLN B 801 29.28 -15.36 -13.42
N SER B 802 29.60 -14.42 -14.30
CA SER B 802 28.70 -14.06 -15.37
C SER B 802 28.71 -15.13 -16.46
N VAL B 803 27.52 -15.44 -16.99
CA VAL B 803 27.40 -16.43 -18.05
C VAL B 803 28.18 -15.99 -19.28
N ILE B 804 28.17 -14.69 -19.56
CA ILE B 804 28.81 -14.17 -20.77
C ILE B 804 30.31 -14.44 -20.76
N SER B 805 30.94 -14.41 -19.57
CA SER B 805 32.38 -14.58 -19.39
C SER B 805 32.83 -16.01 -19.16
N LEU B 806 31.95 -16.99 -19.33
CA LEU B 806 32.26 -18.32 -18.87
C LEU B 806 32.94 -19.14 -19.95
N ASP B 807 34.01 -19.84 -19.57
CA ASP B 807 34.81 -20.66 -20.47
C ASP B 807 34.49 -22.11 -20.15
N LEU B 808 33.81 -22.79 -21.06
CA LEU B 808 33.40 -24.18 -20.86
C LEU B 808 34.20 -25.17 -21.68
N TYR B 809 35.47 -24.83 -21.94
CA TYR B 809 36.30 -25.67 -22.81
C TYR B 809 36.54 -27.06 -22.22
N THR B 810 36.64 -27.18 -20.89
CA THR B 810 36.82 -28.51 -20.29
C THR B 810 35.72 -29.47 -20.73
N CYS B 811 34.54 -28.95 -21.10
CA CYS B 811 33.47 -29.81 -21.56
C CYS B 811 33.75 -30.41 -22.93
N GLU B 812 34.76 -29.92 -23.63
CA GLU B 812 35.07 -30.35 -24.99
C GLU B 812 36.43 -31.02 -25.12
N LEU B 813 37.05 -31.42 -24.02
CA LEU B 813 38.38 -32.03 -24.10
C LEU B 813 38.38 -33.28 -24.99
#